data_3MX2
#
_entry.id   3MX2
#
_cell.length_a   176.147
_cell.length_b   176.147
_cell.length_c   56.474
_cell.angle_alpha   90.00
_cell.angle_beta   90.00
_cell.angle_gamma   120.00
#
_symmetry.space_group_name_H-M   'P 3'
#
loop_
_entity.id
_entity.type
_entity.pdbx_description
1 polymer Nucleoprotein
2 non-polymer "THYMIDINE-5'-TRIPHOSPHATE"
3 non-polymer 'ZINC ION'
4 water water
#
_entity_poly.entity_id   1
_entity_poly.type   'polypeptide(L)'
_entity_poly.pdbx_seq_one_letter_code
;GAMDHVEFMSASKEIKSFLWTQSLRRELSGYCSNIKLQVVKDAQALLHGLDFSEVSNVQRLMRKERRDDNDLKRLRDLNQ
AVNNLVELKSTQQKSILRVGTLTSDDLLILAADLEKLKSKVIRTERPLSAGVYMGNLSSQQLDQRRALLNMIGMSGGNQG
ARAGRDGVVRVWDVKNAELLNNQFGTMPSLTLACLTKQGQVDLNDAVQALTDLGLIYTAKYPNTSDLDRLTQSHPILNMI
DTKKSSLNISGYNFSLGAAVKAGACMLDGGNMLETIKVSPQTMDGILKSILKVKKALGMFISDTPGERNPYENILYKICL
SGDGWPYIASRTSITGRAWENTVVDLESDGKPQKADSNNSSKSLQSAGFTAGLTYSQLMTLKDAMLQLDPNAKTWMDIEG
RPEDPVEIALYQPSSGCYIHFFREPTDLKQFKQDAKYSHGIDVTDLFATQPGLTSAVIDALPRNMVITCQGSDDIRKLLE
SQGRKDIKLIDIALSKTDSRKYENAVWDQYKDLCHMHTGVVVEKKKRGGKEEITPHCALMDCIMFDAAVSGGLNTSVLRA
VLPRDMVFRTSTPRVVL
;
_entity_poly.pdbx_strand_id   A,B,C
#
# COMPACT_ATOMS: atom_id res chain seq x y z
N ILE A 15 2.92 -6.33 2.38
CA ILE A 15 2.05 -7.09 3.32
C ILE A 15 2.61 -7.06 4.76
N LYS A 16 1.68 -7.00 5.71
CA LYS A 16 1.99 -7.03 7.13
C LYS A 16 2.64 -8.36 7.51
N SER A 17 2.20 -9.43 6.87
CA SER A 17 2.61 -10.79 7.21
C SER A 17 4.09 -11.07 6.96
N PHE A 18 4.56 -10.74 5.76
CA PHE A 18 5.97 -10.82 5.44
C PHE A 18 6.81 -9.89 6.33
N LEU A 19 6.28 -8.74 6.73
CA LEU A 19 6.96 -7.91 7.76
C LEU A 19 7.14 -8.72 9.06
N TRP A 20 6.11 -9.50 9.46
CA TRP A 20 6.19 -10.35 10.66
C TRP A 20 7.25 -11.42 10.49
N THR A 21 7.17 -12.14 9.38
CA THR A 21 8.27 -13.10 9.07
C THR A 21 9.66 -12.46 9.08
N GLN A 22 9.84 -11.31 8.43
CA GLN A 22 11.19 -10.71 8.37
C GLN A 22 11.70 -10.31 9.75
N SER A 23 10.80 -9.85 10.61
CA SER A 23 11.18 -9.45 11.97
C SER A 23 11.60 -10.65 12.80
N LEU A 24 10.84 -11.75 12.65
CA LEU A 24 11.15 -13.04 13.30
C LEU A 24 12.52 -13.59 12.86
N ARG A 25 12.76 -13.55 11.55
CA ARG A 25 14.07 -13.93 10.98
C ARG A 25 15.26 -13.17 11.61
N ARG A 26 15.14 -11.83 11.73
CA ARG A 26 16.14 -11.01 12.42
C ARG A 26 16.35 -11.44 13.87
N GLU A 27 15.27 -11.50 14.65
CA GLU A 27 15.34 -11.81 16.08
C GLU A 27 15.91 -13.21 16.30
N LEU A 28 15.49 -14.16 15.48
CA LEU A 28 15.81 -15.59 15.65
C LEU A 28 17.04 -16.14 14.90
N SER A 29 17.80 -15.23 14.31
CA SER A 29 18.88 -15.60 13.39
C SER A 29 19.95 -16.53 14.01
N GLY A 30 20.22 -16.32 15.31
CA GLY A 30 21.18 -17.16 16.03
C GLY A 30 20.70 -18.59 16.27
N TYR A 31 19.40 -18.85 16.10
CA TYR A 31 18.87 -20.22 16.18
C TYR A 31 18.75 -20.91 14.82
N CYS A 32 18.98 -20.17 13.73
CA CYS A 32 18.99 -20.75 12.38
C CYS A 32 20.29 -21.50 12.12
N SER A 33 20.28 -22.34 11.10
CA SER A 33 21.39 -23.20 10.79
C SER A 33 21.47 -23.52 9.30
N ASN A 34 22.66 -23.96 8.90
CA ASN A 34 22.98 -24.39 7.54
C ASN A 34 22.69 -25.86 7.32
N ILE A 35 21.46 -26.18 6.96
CA ILE A 35 21.11 -27.60 6.78
C ILE A 35 20.93 -28.05 5.33
N LYS A 36 21.58 -27.38 4.37
CA LYS A 36 21.41 -27.79 2.97
C LYS A 36 21.81 -29.24 2.79
N LEU A 37 23.04 -29.56 3.22
CA LEU A 37 23.60 -30.89 2.98
C LEU A 37 22.77 -31.95 3.67
N GLN A 38 22.26 -31.68 4.87
CA GLN A 38 21.45 -32.72 5.54
C GLN A 38 20.12 -32.98 4.82
N VAL A 39 19.49 -31.93 4.30
CA VAL A 39 18.19 -32.07 3.61
C VAL A 39 18.40 -32.87 2.32
N VAL A 40 19.48 -32.55 1.62
CA VAL A 40 19.82 -33.20 0.38
C VAL A 40 20.22 -34.65 0.66
N LYS A 41 20.98 -34.89 1.73
CA LYS A 41 21.32 -36.27 2.10
C LYS A 41 20.07 -37.09 2.48
N ASP A 42 19.15 -36.47 3.22
CA ASP A 42 17.87 -37.08 3.52
C ASP A 42 17.09 -37.35 2.22
N ALA A 43 17.04 -36.36 1.32
CA ALA A 43 16.31 -36.57 0.06
C ALA A 43 16.96 -37.71 -0.74
N GLN A 44 18.27 -37.89 -0.56
CA GLN A 44 19.04 -38.97 -1.19
C GLN A 44 18.70 -40.36 -0.64
N ALA A 45 18.64 -40.49 0.70
CA ALA A 45 18.11 -41.71 1.32
C ALA A 45 16.66 -42.05 0.85
N LEU A 46 15.84 -41.04 0.59
CA LEU A 46 14.47 -41.34 0.07
C LEU A 46 14.48 -41.84 -1.37
N LEU A 47 15.26 -41.18 -2.23
CA LEU A 47 15.40 -41.63 -3.63
C LEU A 47 15.95 -43.07 -3.72
N HIS A 48 16.89 -43.41 -2.85
CA HIS A 48 17.44 -44.78 -2.80
C HIS A 48 16.53 -45.79 -2.06
N GLY A 49 15.71 -45.32 -1.12
CA GLY A 49 15.02 -46.22 -0.20
C GLY A 49 13.51 -46.36 -0.38
N LEU A 50 12.83 -45.28 -0.75
CA LEU A 50 11.36 -45.22 -0.71
C LEU A 50 10.71 -45.87 -1.94
N ASP A 51 9.59 -46.59 -1.74
CA ASP A 51 8.72 -47.03 -2.87
C ASP A 51 7.87 -45.86 -3.36
N PHE A 52 8.26 -45.30 -4.51
CA PHE A 52 7.60 -44.14 -5.05
C PHE A 52 6.25 -44.47 -5.71
N SER A 53 6.01 -45.75 -5.98
CA SER A 53 4.67 -46.17 -6.45
C SER A 53 3.68 -46.11 -5.29
N GLU A 54 4.19 -46.31 -4.08
CA GLU A 54 3.39 -46.16 -2.87
C GLU A 54 3.15 -44.69 -2.56
N VAL A 55 4.15 -43.84 -2.85
CA VAL A 55 3.94 -42.40 -2.78
C VAL A 55 2.77 -42.08 -3.74
N SER A 56 2.86 -42.64 -4.94
CA SER A 56 1.83 -42.41 -5.93
C SER A 56 0.50 -42.95 -5.43
N ASN A 57 0.54 -44.06 -4.68
CA ASN A 57 -0.66 -44.71 -4.19
C ASN A 57 -1.31 -43.82 -3.15
N VAL A 58 -0.48 -43.19 -2.31
CA VAL A 58 -0.96 -42.30 -1.29
C VAL A 58 -1.53 -41.01 -1.90
N GLN A 59 -0.90 -40.49 -2.96
CA GLN A 59 -1.52 -39.36 -3.72
C GLN A 59 -2.90 -39.66 -4.31
N ARG A 60 -3.08 -40.86 -4.88
CA ARG A 60 -4.39 -41.36 -5.32
C ARG A 60 -5.45 -41.27 -4.22
N LEU A 61 -5.06 -41.62 -3.00
CA LEU A 61 -6.02 -41.70 -1.89
C LEU A 61 -6.40 -40.31 -1.41
N MET A 62 -5.41 -39.42 -1.41
CA MET A 62 -5.64 -37.99 -1.12
C MET A 62 -6.54 -37.29 -2.14
N ARG A 63 -6.70 -37.89 -3.32
CA ARG A 63 -7.61 -37.37 -4.32
C ARG A 63 -9.07 -37.78 -4.10
N LYS A 64 -9.30 -38.80 -3.27
CA LYS A 64 -10.67 -39.18 -2.89
C LYS A 64 -11.33 -38.10 -2.04
N GLU A 65 -12.61 -37.86 -2.28
CA GLU A 65 -13.37 -36.91 -1.48
C GLU A 65 -13.66 -37.48 -0.10
N ARG A 66 -13.75 -38.80 -0.02
CA ARG A 66 -14.02 -39.47 1.25
C ARG A 66 -13.01 -40.58 1.49
N ARG A 67 -12.42 -40.56 2.69
CA ARG A 67 -11.39 -41.53 3.07
C ARG A 67 -11.78 -42.22 4.36
N ASP A 68 -11.24 -43.42 4.57
CA ASP A 68 -11.61 -44.26 5.72
C ASP A 68 -10.35 -44.77 6.41
N ASP A 69 -10.51 -45.62 7.42
CA ASP A 69 -9.34 -46.13 8.17
C ASP A 69 -8.31 -46.91 7.38
N ASN A 70 -8.75 -47.61 6.33
CA ASN A 70 -7.82 -48.26 5.42
C ASN A 70 -6.91 -47.24 4.70
N ASP A 71 -7.50 -46.12 4.29
CA ASP A 71 -6.74 -45.03 3.68
C ASP A 71 -5.74 -44.42 4.67
N LEU A 72 -6.17 -44.25 5.91
CA LEU A 72 -5.34 -43.63 6.92
C LEU A 72 -4.16 -44.56 7.24
N LYS A 73 -4.46 -45.86 7.26
CA LYS A 73 -3.46 -46.91 7.27
C LYS A 73 -2.32 -46.76 6.26
N ARG A 74 -2.66 -46.64 4.96
CA ARG A 74 -1.64 -46.48 3.91
C ARG A 74 -0.78 -45.25 4.22
N LEU A 75 -1.45 -44.16 4.60
CA LEU A 75 -0.76 -42.92 4.90
C LEU A 75 0.24 -43.07 6.04
N ARG A 76 -0.22 -43.52 7.21
CA ARG A 76 0.64 -43.63 8.37
C ARG A 76 1.81 -44.58 8.15
N ASP A 77 1.58 -45.64 7.40
CA ASP A 77 2.63 -46.62 7.10
C ASP A 77 3.70 -46.04 6.18
N LEU A 78 3.27 -45.30 5.15
CA LEU A 78 4.23 -44.63 4.30
C LEU A 78 4.97 -43.55 5.09
N ASN A 79 4.28 -42.79 5.94
CA ASN A 79 4.94 -41.86 6.86
C ASN A 79 6.02 -42.52 7.70
N GLN A 80 5.70 -43.69 8.27
CA GLN A 80 6.65 -44.49 9.01
C GLN A 80 7.82 -44.88 8.16
N ALA A 81 7.56 -45.34 6.93
CA ALA A 81 8.64 -45.57 5.96
C ALA A 81 9.55 -44.34 5.71
N VAL A 82 8.95 -43.17 5.46
CA VAL A 82 9.70 -41.92 5.31
C VAL A 82 10.50 -41.60 6.58
N ASN A 83 9.85 -41.67 7.72
CA ASN A 83 10.50 -41.37 9.00
C ASN A 83 11.72 -42.29 9.26
N ASN A 84 11.62 -43.54 8.83
CA ASN A 84 12.73 -44.48 8.98
C ASN A 84 13.94 -44.22 8.11
N LEU A 85 13.81 -43.36 7.11
CA LEU A 85 14.86 -43.17 6.14
C LEU A 85 15.61 -41.87 6.34
N VAL A 86 15.01 -40.91 7.04
CA VAL A 86 15.60 -39.57 7.21
C VAL A 86 16.24 -39.37 8.59
N GLU A 87 17.31 -38.58 8.64
CA GLU A 87 17.91 -38.16 9.90
C GLU A 87 17.29 -36.88 10.50
N LEU A 88 16.74 -36.00 9.67
CA LEU A 88 16.01 -34.82 10.18
C LEU A 88 14.61 -35.21 10.68
N LYS A 89 14.55 -35.50 11.99
CA LYS A 89 13.37 -36.09 12.65
C LYS A 89 13.17 -35.35 13.98
N SER A 90 11.94 -34.95 14.27
CA SER A 90 11.62 -34.45 15.59
C SER A 90 11.26 -35.66 16.46
N THR A 91 11.69 -35.63 17.71
CA THR A 91 11.39 -36.71 18.67
C THR A 91 10.53 -36.16 19.82
N GLN A 92 9.77 -37.03 20.45
CA GLN A 92 8.81 -36.64 21.49
C GLN A 92 9.52 -35.98 22.66
N GLN A 93 9.17 -34.73 22.92
CA GLN A 93 9.78 -33.95 23.98
C GLN A 93 8.73 -33.03 24.59
N LYS A 94 8.20 -33.42 25.76
CA LYS A 94 7.23 -32.59 26.47
C LYS A 94 8.00 -31.44 27.09
N SER A 95 7.40 -30.25 27.11
CA SER A 95 8.06 -29.11 27.73
C SER A 95 7.09 -28.46 28.70
N ILE A 96 7.60 -28.15 29.89
CA ILE A 96 6.82 -27.43 30.87
C ILE A 96 7.47 -26.07 31.03
N LEU A 97 6.72 -25.00 30.75
CA LEU A 97 7.26 -23.66 30.92
C LEU A 97 7.00 -23.12 32.32
N ARG A 98 8.09 -22.80 33.03
CA ARG A 98 8.08 -22.25 34.38
C ARG A 98 8.77 -20.89 34.37
N VAL A 99 8.56 -20.10 35.43
CA VAL A 99 9.16 -18.76 35.52
C VAL A 99 10.68 -18.89 35.48
N GLY A 100 11.34 -17.94 34.83
CA GLY A 100 12.80 -17.89 34.81
C GLY A 100 13.27 -17.02 33.69
N THR A 101 13.71 -17.66 32.61
CA THR A 101 14.01 -16.92 31.38
C THR A 101 12.73 -16.27 30.87
N LEU A 102 11.63 -16.99 30.97
CA LEU A 102 10.32 -16.40 30.70
C LEU A 102 9.82 -15.83 32.02
N THR A 103 9.38 -14.58 31.99
CA THR A 103 8.83 -13.93 33.18
C THR A 103 7.42 -14.42 33.50
N SER A 104 6.93 -14.05 34.69
CA SER A 104 5.53 -14.29 35.08
C SER A 104 4.59 -13.77 34.01
N ASP A 105 4.79 -12.51 33.61
CA ASP A 105 4.00 -11.88 32.58
C ASP A 105 4.06 -12.61 31.22
N ASP A 106 5.24 -13.12 30.88
CA ASP A 106 5.50 -13.85 29.63
C ASP A 106 4.65 -15.09 29.52
N LEU A 107 4.67 -15.89 30.58
CA LEU A 107 3.90 -17.13 30.65
C LEU A 107 2.39 -16.87 30.56
N LEU A 108 1.89 -15.79 31.18
CA LEU A 108 0.46 -15.45 31.07
C LEU A 108 0.11 -15.23 29.60
N ILE A 109 0.97 -14.49 28.91
CA ILE A 109 0.80 -14.19 27.48
C ILE A 109 0.80 -15.45 26.64
N LEU A 110 1.78 -16.32 26.88
CA LEU A 110 1.89 -17.55 26.11
C LEU A 110 0.69 -18.46 26.37
N ALA A 111 0.20 -18.47 27.62
CA ALA A 111 -0.94 -19.31 27.96
C ALA A 111 -2.19 -18.76 27.30
N ALA A 112 -2.35 -17.43 27.31
CA ALA A 112 -3.52 -16.84 26.68
C ALA A 112 -3.45 -17.12 25.17
N ASP A 113 -2.25 -17.01 24.60
CA ASP A 113 -2.07 -17.26 23.18
C ASP A 113 -2.24 -18.71 22.72
N LEU A 114 -1.76 -19.66 23.52
CA LEU A 114 -1.95 -21.09 23.20
C LEU A 114 -3.42 -21.51 23.23
N GLU A 115 -4.15 -20.96 24.18
CA GLU A 115 -5.59 -21.19 24.32
C GLU A 115 -6.34 -20.68 23.07
N LYS A 116 -5.89 -19.53 22.55
CA LYS A 116 -6.46 -18.95 21.35
C LYS A 116 -6.14 -19.82 20.13
N LEU A 117 -4.88 -20.23 20.02
CA LEU A 117 -4.38 -21.13 18.97
C LEU A 117 -5.08 -22.46 19.00
N LYS A 118 -5.22 -23.03 20.19
CA LYS A 118 -5.93 -24.30 20.35
C LYS A 118 -7.30 -24.25 19.69
N SER A 119 -8.09 -23.23 20.04
CA SER A 119 -9.45 -23.07 19.51
C SER A 119 -9.46 -22.92 18.01
N LYS A 120 -8.60 -22.03 17.53
CA LYS A 120 -8.41 -21.83 16.11
C LYS A 120 -8.09 -23.13 15.37
N VAL A 121 -7.13 -23.90 15.89
CA VAL A 121 -6.66 -25.10 15.20
C VAL A 121 -7.75 -26.19 15.18
N ILE A 122 -8.44 -26.41 16.30
CA ILE A 122 -9.53 -27.41 16.33
C ILE A 122 -10.65 -27.07 15.34
N ARG A 123 -11.05 -25.81 15.30
CA ARG A 123 -12.16 -25.46 14.41
C ARG A 123 -11.73 -25.51 12.97
N THR A 124 -10.42 -25.54 12.75
CA THR A 124 -9.86 -25.70 11.41
C THR A 124 -9.81 -27.17 11.00
N GLU A 125 -9.39 -28.03 11.92
CA GLU A 125 -9.07 -29.43 11.58
C GLU A 125 -10.15 -30.46 11.97
N ARG A 126 -10.79 -30.25 13.12
CA ARG A 126 -11.78 -31.23 13.59
C ARG A 126 -12.93 -31.52 12.62
N PRO A 127 -13.43 -30.51 11.89
CA PRO A 127 -14.53 -30.85 10.98
C PRO A 127 -14.18 -31.82 9.85
N LEU A 128 -12.90 -32.01 9.57
CA LEU A 128 -12.47 -32.97 8.54
C LEU A 128 -12.85 -34.41 8.86
N SER A 129 -13.04 -34.68 10.14
CA SER A 129 -13.39 -36.01 10.62
C SER A 129 -14.68 -36.01 11.42
N ALA A 130 -14.87 -35.00 12.26
CA ALA A 130 -16.15 -34.83 12.99
C ALA A 130 -17.31 -34.61 12.01
N GLY A 131 -17.09 -33.72 11.04
CA GLY A 131 -18.10 -33.45 10.01
C GLY A 131 -19.09 -32.35 10.32
N VAL A 132 -19.77 -31.90 9.28
CA VAL A 132 -20.70 -30.78 9.39
C VAL A 132 -21.94 -31.17 8.65
N TYR A 133 -23.09 -31.08 9.32
CA TYR A 133 -24.34 -31.46 8.66
C TYR A 133 -24.66 -30.41 7.60
N MET A 134 -24.80 -30.86 6.34
CA MET A 134 -25.22 -29.99 5.22
C MET A 134 -26.50 -30.48 4.50
N GLY A 135 -27.50 -30.91 5.26
CA GLY A 135 -28.71 -31.43 4.63
C GLY A 135 -29.83 -30.43 4.66
N ASN A 136 -30.89 -30.80 5.35
CA ASN A 136 -32.08 -29.99 5.47
C ASN A 136 -31.96 -28.83 6.47
N LEU A 137 -31.45 -27.70 5.96
CA LEU A 137 -31.21 -26.49 6.75
C LEU A 137 -31.67 -25.29 5.97
N SER A 138 -31.88 -24.15 6.65
CA SER A 138 -32.24 -22.91 5.94
C SER A 138 -31.11 -22.44 5.01
N SER A 139 -31.48 -21.65 4.02
CA SER A 139 -30.52 -21.03 3.11
C SER A 139 -29.41 -20.28 3.86
N GLN A 140 -29.81 -19.55 4.92
CA GLN A 140 -28.90 -18.83 5.83
C GLN A 140 -27.86 -19.73 6.49
N GLN A 141 -28.32 -20.85 7.05
CA GLN A 141 -27.42 -21.79 7.72
C GLN A 141 -26.50 -22.48 6.74
N LEU A 142 -27.04 -22.88 5.58
CA LEU A 142 -26.24 -23.55 4.54
C LEU A 142 -25.09 -22.67 4.04
N ASP A 143 -25.39 -21.39 3.79
CA ASP A 143 -24.38 -20.41 3.39
C ASP A 143 -23.32 -20.17 4.48
N GLN A 144 -23.76 -19.99 5.73
CA GLN A 144 -22.86 -19.81 6.86
C GLN A 144 -21.93 -21.00 7.05
N ARG A 145 -22.49 -22.20 6.84
CA ARG A 145 -21.68 -23.40 6.90
C ARG A 145 -20.73 -23.52 5.70
N ARG A 146 -21.23 -23.22 4.50
CA ARG A 146 -20.38 -23.23 3.31
C ARG A 146 -19.16 -22.31 3.44
N ALA A 147 -19.38 -21.16 4.08
CA ALA A 147 -18.31 -20.19 4.31
C ALA A 147 -17.24 -20.79 5.20
N LEU A 148 -17.67 -21.45 6.29
CA LEU A 148 -16.71 -22.14 7.18
C LEU A 148 -15.98 -23.23 6.42
N LEU A 149 -16.72 -24.01 5.64
CA LEU A 149 -16.15 -25.10 4.87
C LEU A 149 -15.07 -24.63 3.89
N ASN A 150 -15.34 -23.51 3.21
CA ASN A 150 -14.40 -22.98 2.22
C ASN A 150 -13.12 -22.51 2.90
N MET A 151 -13.28 -21.85 4.05
CA MET A 151 -12.16 -21.39 4.90
C MET A 151 -11.14 -22.47 5.31
N ILE A 152 -11.63 -23.68 5.51
CA ILE A 152 -10.81 -24.80 6.03
C ILE A 152 -10.33 -25.80 4.98
N GLY A 153 -10.52 -25.46 3.71
CA GLY A 153 -10.13 -26.35 2.61
C GLY A 153 -11.11 -27.42 2.17
N MET A 154 -12.22 -27.59 2.88
CA MET A 154 -13.23 -28.58 2.48
C MET A 154 -14.15 -28.05 1.38
N ASP A 166 -26.39 -38.60 3.61
CA ASP A 166 -26.98 -38.61 4.97
C ASP A 166 -26.95 -37.23 5.64
N GLY A 167 -26.61 -36.20 4.85
CA GLY A 167 -26.55 -34.82 5.33
C GLY A 167 -25.17 -34.34 5.79
N VAL A 168 -24.31 -35.27 6.17
CA VAL A 168 -23.01 -34.88 6.77
C VAL A 168 -21.86 -34.88 5.78
N VAL A 169 -21.22 -33.73 5.62
CA VAL A 169 -19.97 -33.69 4.87
C VAL A 169 -18.78 -33.83 5.84
N ARG A 170 -18.01 -34.89 5.61
CA ARG A 170 -16.73 -35.09 6.27
C ARG A 170 -15.75 -35.66 5.24
N VAL A 171 -14.47 -35.57 5.55
CA VAL A 171 -13.42 -36.08 4.70
C VAL A 171 -12.83 -37.37 5.23
N TRP A 172 -12.73 -37.50 6.55
CA TRP A 172 -12.13 -38.67 7.15
C TRP A 172 -13.17 -39.39 8.00
N ASP A 173 -13.47 -40.61 7.59
CA ASP A 173 -14.38 -41.49 8.29
C ASP A 173 -13.52 -42.52 8.99
N VAL A 174 -13.24 -42.30 10.28
CA VAL A 174 -12.20 -43.04 10.97
C VAL A 174 -12.59 -43.43 12.40
N LYS A 175 -12.05 -44.55 12.88
CA LYS A 175 -12.35 -45.07 14.23
C LYS A 175 -11.70 -44.20 15.33
N ASN A 176 -10.42 -43.88 15.15
CA ASN A 176 -9.72 -43.02 16.09
C ASN A 176 -9.07 -41.89 15.31
N ALA A 177 -9.76 -40.75 15.28
CA ALA A 177 -9.30 -39.56 14.55
C ALA A 177 -7.97 -38.95 15.09
N GLU A 178 -7.63 -39.23 16.33
CA GLU A 178 -6.34 -38.78 16.86
C GLU A 178 -5.16 -39.37 16.05
N LEU A 179 -5.41 -40.46 15.35
CA LEU A 179 -4.46 -41.04 14.39
C LEU A 179 -4.22 -40.17 13.16
N LEU A 180 -5.03 -39.13 12.98
CA LEU A 180 -4.69 -38.11 11.99
C LEU A 180 -3.61 -37.10 12.44
N ASN A 181 -3.33 -36.97 13.76
CA ASN A 181 -2.41 -35.91 14.21
C ASN A 181 -1.03 -36.06 13.60
N ASN A 182 -0.55 -34.94 13.03
CA ASN A 182 0.82 -34.80 12.56
C ASN A 182 1.19 -35.73 11.38
N GLN A 183 0.21 -36.15 10.59
CA GLN A 183 0.47 -37.11 9.51
C GLN A 183 0.51 -36.40 8.17
N PHE A 184 0.37 -35.08 8.18
CA PHE A 184 0.16 -34.32 6.98
C PHE A 184 1.16 -33.17 6.76
N GLY A 185 2.22 -33.08 7.54
CA GLY A 185 3.18 -32.00 7.33
C GLY A 185 4.03 -32.14 6.09
N THR A 186 4.53 -31.02 5.56
CA THR A 186 5.50 -31.08 4.47
C THR A 186 6.92 -31.08 5.00
N MET A 187 7.82 -31.68 4.25
CA MET A 187 9.19 -31.73 4.65
C MET A 187 10.07 -31.61 3.40
N PRO A 188 11.01 -30.67 3.44
CA PRO A 188 11.95 -30.35 2.38
C PRO A 188 12.56 -31.58 1.69
N SER A 189 13.02 -32.56 2.49
CA SER A 189 13.64 -33.77 1.94
C SER A 189 12.65 -34.59 1.12
N LEU A 190 11.44 -34.75 1.65
CA LEU A 190 10.39 -35.46 0.91
C LEU A 190 9.96 -34.70 -0.34
N THR A 191 9.82 -33.37 -0.24
CA THR A 191 9.40 -32.59 -1.41
C THR A 191 10.47 -32.71 -2.52
N LEU A 192 11.73 -32.43 -2.17
CA LEU A 192 12.86 -32.64 -3.09
C LEU A 192 12.89 -34.06 -3.73
N ALA A 193 12.71 -35.09 -2.92
CA ALA A 193 12.82 -36.47 -3.44
C ALA A 193 11.64 -36.81 -4.37
N CYS A 194 10.44 -36.36 -4.00
CA CYS A 194 9.27 -36.50 -4.89
C CYS A 194 9.32 -35.67 -6.15
N LEU A 195 9.73 -34.41 -6.06
CA LEU A 195 9.96 -33.63 -7.29
C LEU A 195 10.89 -34.37 -8.27
N THR A 196 12.04 -34.82 -7.74
CA THR A 196 13.07 -35.53 -8.50
C THR A 196 12.56 -36.79 -9.23
N LYS A 197 12.09 -37.78 -8.46
CA LYS A 197 11.59 -39.05 -8.94
C LYS A 197 10.30 -38.92 -9.75
N GLN A 198 9.30 -38.25 -9.19
CA GLN A 198 7.99 -38.21 -9.86
C GLN A 198 7.95 -37.18 -10.98
N GLY A 199 8.91 -36.27 -10.96
CA GLY A 199 9.07 -35.29 -12.03
C GLY A 199 10.02 -35.73 -13.14
N GLN A 200 10.79 -36.78 -12.89
CA GLN A 200 11.77 -37.31 -13.86
C GLN A 200 12.78 -36.26 -14.33
N VAL A 201 13.42 -35.61 -13.34
CA VAL A 201 14.52 -34.69 -13.60
C VAL A 201 15.67 -35.07 -12.66
N ASP A 202 16.86 -34.60 -12.96
CA ASP A 202 18.02 -34.81 -12.07
C ASP A 202 17.81 -34.04 -10.79
N LEU A 203 18.24 -34.63 -9.66
CA LEU A 203 18.17 -33.99 -8.34
C LEU A 203 18.67 -32.52 -8.37
N ASN A 204 19.83 -32.31 -8.99
CA ASN A 204 20.45 -30.98 -9.10
C ASN A 204 19.52 -29.97 -9.71
N ASP A 205 18.68 -30.44 -10.65
CA ASP A 205 17.63 -29.64 -11.28
C ASP A 205 16.59 -29.13 -10.31
N ALA A 206 16.08 -30.02 -9.44
CA ALA A 206 15.13 -29.58 -8.41
C ALA A 206 15.78 -28.65 -7.40
N VAL A 207 16.99 -29.00 -6.97
CA VAL A 207 17.75 -28.14 -6.05
C VAL A 207 17.86 -26.73 -6.62
N GLN A 208 18.18 -26.66 -7.92
CA GLN A 208 18.47 -25.40 -8.60
C GLN A 208 17.22 -24.55 -8.62
N ALA A 209 16.11 -25.18 -9.01
CA ALA A 209 14.83 -24.50 -9.13
C ALA A 209 14.38 -23.98 -7.76
N LEU A 210 14.54 -24.79 -6.72
CA LEU A 210 14.07 -24.42 -5.39
C LEU A 210 14.95 -23.38 -4.71
N THR A 211 16.26 -23.48 -4.93
CA THR A 211 17.20 -22.42 -4.61
C THR A 211 16.70 -21.06 -5.11
N ASP A 212 16.34 -21.01 -6.37
CA ASP A 212 15.82 -19.78 -6.96
C ASP A 212 14.62 -19.26 -6.19
N LEU A 213 13.71 -20.19 -5.90
CA LEU A 213 12.51 -19.89 -5.18
C LEU A 213 12.81 -19.38 -3.77
N GLY A 214 13.84 -19.96 -3.14
CA GLY A 214 14.35 -19.57 -1.82
C GLY A 214 14.92 -18.17 -1.82
N LEU A 215 15.65 -17.84 -2.89
CA LEU A 215 16.18 -16.51 -3.07
C LEU A 215 15.11 -15.44 -3.13
N ILE A 216 14.02 -15.69 -3.83
CA ILE A 216 12.94 -14.72 -3.93
C ILE A 216 12.33 -14.49 -2.55
N TYR A 217 12.29 -15.57 -1.77
CA TYR A 217 11.65 -15.62 -0.48
C TYR A 217 12.51 -14.86 0.56
N THR A 218 13.74 -14.49 0.21
CA THR A 218 14.49 -13.55 1.07
C THR A 218 13.87 -12.14 1.08
N ALA A 219 13.15 -11.82 -0.01
CA ALA A 219 12.64 -10.47 -0.26
C ALA A 219 11.12 -10.35 -0.24
N LYS A 220 10.44 -11.44 -0.55
CA LYS A 220 8.94 -11.41 -0.57
C LYS A 220 8.42 -12.80 -0.41
N TYR A 221 7.12 -12.95 -0.16
CA TYR A 221 6.55 -14.27 -0.30
C TYR A 221 6.33 -14.51 -1.81
N PRO A 222 6.81 -15.64 -2.34
CA PRO A 222 6.58 -15.87 -3.76
C PRO A 222 5.10 -16.09 -4.01
N ASN A 223 4.61 -15.56 -5.13
CA ASN A 223 3.20 -15.74 -5.55
C ASN A 223 3.14 -16.38 -6.94
N THR A 224 1.94 -16.44 -7.53
CA THR A 224 1.72 -17.24 -8.74
C THR A 224 2.50 -16.69 -9.90
N SER A 225 2.45 -15.37 -10.02
CA SER A 225 3.28 -14.59 -10.94
C SER A 225 4.76 -15.01 -10.85
N ASP A 226 5.32 -15.04 -9.62
CA ASP A 226 6.73 -15.44 -9.47
C ASP A 226 6.96 -16.87 -9.96
N LEU A 227 6.03 -17.75 -9.59
CA LEU A 227 6.09 -19.15 -9.96
C LEU A 227 6.04 -19.32 -11.48
N ASP A 228 5.07 -18.65 -12.11
CA ASP A 228 5.00 -18.57 -13.56
C ASP A 228 6.36 -18.18 -14.20
N ARG A 229 6.98 -17.10 -13.75
CA ARG A 229 8.25 -16.70 -14.36
C ARG A 229 9.39 -17.71 -14.12
N LEU A 230 9.43 -18.28 -12.92
CA LEU A 230 10.41 -19.33 -12.57
C LEU A 230 10.30 -20.61 -13.38
N THR A 231 9.06 -21.03 -13.69
CA THR A 231 8.80 -22.24 -14.43
C THR A 231 9.31 -22.21 -15.88
N GLN A 232 9.24 -21.04 -16.52
CA GLN A 232 9.60 -20.94 -17.95
C GLN A 232 11.02 -21.43 -18.22
N SER A 233 11.87 -21.31 -17.21
CA SER A 233 13.24 -21.78 -17.27
C SER A 233 13.48 -23.03 -16.42
N HIS A 234 12.57 -23.26 -15.46
CA HIS A 234 12.66 -24.42 -14.57
C HIS A 234 11.38 -25.23 -14.62
N PRO A 235 11.19 -25.97 -15.73
CA PRO A 235 9.99 -26.77 -16.01
C PRO A 235 9.56 -27.63 -14.81
N ILE A 236 10.51 -28.04 -13.98
CA ILE A 236 10.19 -28.88 -12.82
C ILE A 236 9.12 -28.24 -11.90
N LEU A 237 9.11 -26.91 -11.84
CA LEU A 237 8.16 -26.19 -10.99
C LEU A 237 6.69 -26.21 -11.46
N ASN A 238 6.43 -26.62 -12.71
CA ASN A 238 5.04 -26.72 -13.14
C ASN A 238 4.28 -27.85 -12.47
N MET A 239 4.96 -28.66 -11.66
CA MET A 239 4.28 -29.61 -10.79
C MET A 239 3.62 -28.95 -9.59
N ILE A 240 4.04 -27.73 -9.26
CA ILE A 240 3.45 -27.04 -8.11
C ILE A 240 2.10 -26.50 -8.59
N ASP A 241 1.02 -26.97 -7.99
CA ASP A 241 -0.26 -26.35 -8.32
C ASP A 241 -0.64 -25.34 -7.25
N THR A 242 -0.82 -24.11 -7.70
CA THR A 242 -1.00 -22.96 -6.83
C THR A 242 -2.39 -22.88 -6.19
N LYS A 243 -3.30 -23.75 -6.64
CA LYS A 243 -4.64 -23.83 -6.05
C LYS A 243 -4.61 -24.53 -4.71
N LYS A 244 -3.67 -25.46 -4.56
CA LYS A 244 -3.57 -26.28 -3.36
C LYS A 244 -2.93 -25.53 -2.19
N SER A 245 -3.47 -25.78 -1.01
CA SER A 245 -3.14 -25.01 0.16
C SER A 245 -2.65 -25.87 1.31
N SER A 246 -1.87 -25.26 2.20
CA SER A 246 -1.48 -25.87 3.47
C SER A 246 -2.59 -26.76 4.06
N LEU A 247 -3.83 -26.28 4.02
CA LEU A 247 -4.98 -27.00 4.58
C LEU A 247 -5.49 -28.12 3.65
N ASN A 248 -5.97 -29.21 4.23
CA ASN A 248 -6.29 -30.46 3.49
C ASN A 248 -5.33 -30.77 2.31
N ILE A 249 -4.06 -31.00 2.63
CA ILE A 249 -3.06 -31.55 1.69
C ILE A 249 -1.96 -32.26 2.50
N SER A 250 -1.21 -33.17 1.87
CA SER A 250 -0.17 -33.93 2.55
C SER A 250 1.25 -33.52 2.16
N GLY A 251 2.21 -34.09 2.86
CA GLY A 251 3.65 -33.97 2.56
C GLY A 251 3.91 -34.52 1.15
N TYR A 252 2.95 -35.28 0.60
CA TYR A 252 3.18 -35.92 -0.70
C TYR A 252 2.70 -35.08 -1.88
N ASN A 253 2.03 -33.97 -1.58
CA ASN A 253 1.46 -33.10 -2.61
C ASN A 253 2.37 -31.89 -2.86
N PHE A 254 2.22 -31.22 -3.99
CA PHE A 254 3.16 -30.15 -4.37
C PHE A 254 2.53 -28.75 -4.28
N SER A 255 2.39 -28.23 -3.07
CA SER A 255 1.82 -26.89 -2.89
C SER A 255 2.95 -25.89 -3.04
N LEU A 256 2.61 -24.63 -3.35
CA LEU A 256 3.59 -23.55 -3.34
C LEU A 256 4.29 -23.46 -1.96
N GLY A 257 3.50 -23.54 -0.88
CA GLY A 257 4.04 -23.57 0.49
C GLY A 257 5.11 -24.62 0.69
N ALA A 258 4.85 -25.83 0.20
CA ALA A 258 5.85 -26.90 0.29
C ALA A 258 7.17 -26.57 -0.42
N ALA A 259 7.04 -25.97 -1.59
CA ALA A 259 8.21 -25.62 -2.40
C ALA A 259 8.99 -24.49 -1.77
N VAL A 260 8.28 -23.47 -1.29
CA VAL A 260 8.87 -22.36 -0.58
C VAL A 260 9.66 -22.81 0.65
N LYS A 261 9.06 -23.70 1.45
CA LYS A 261 9.78 -24.26 2.61
C LYS A 261 11.07 -24.98 2.22
N ALA A 262 11.00 -25.81 1.17
CA ALA A 262 12.17 -26.56 0.73
C ALA A 262 13.26 -25.60 0.21
N GLY A 263 12.86 -24.62 -0.60
CA GLY A 263 13.79 -23.60 -1.08
C GLY A 263 14.47 -22.80 0.01
N ALA A 264 13.73 -22.48 1.09
CA ALA A 264 14.29 -21.82 2.27
C ALA A 264 15.49 -22.60 2.81
N CYS A 265 15.47 -23.92 2.62
CA CYS A 265 16.53 -24.80 3.14
C CYS A 265 17.77 -24.90 2.24
N MET A 266 17.64 -24.46 1.00
CA MET A 266 18.69 -24.60 -0.02
C MET A 266 19.72 -23.46 0.02
N LEU A 267 19.43 -22.40 0.78
CA LEU A 267 20.28 -21.22 0.74
C LEU A 267 21.53 -21.32 1.63
N ASP A 268 21.42 -22.04 2.74
CA ASP A 268 22.40 -21.90 3.84
C ASP A 268 22.60 -20.42 4.19
N GLY A 269 21.50 -19.69 4.36
CA GLY A 269 21.60 -18.33 4.85
C GLY A 269 20.33 -17.54 4.74
N GLY A 270 20.40 -16.29 5.19
CA GLY A 270 19.22 -15.45 5.19
C GLY A 270 18.33 -15.62 6.40
N ASN A 271 18.82 -16.30 7.44
CA ASN A 271 18.11 -16.35 8.69
C ASN A 271 16.71 -16.93 8.44
N MET A 272 16.64 -17.99 7.64
CA MET A 272 15.38 -18.59 7.27
C MET A 272 14.75 -19.27 8.51
N LEU A 273 13.53 -18.89 8.85
CA LEU A 273 12.79 -19.50 9.96
C LEU A 273 12.75 -21.04 9.87
N GLU A 274 12.71 -21.53 8.64
CA GLU A 274 12.64 -22.95 8.32
C GLU A 274 13.78 -23.80 8.88
N THR A 275 14.93 -23.19 9.15
CA THR A 275 16.14 -23.92 9.51
C THR A 275 16.40 -23.84 11.01
N ILE A 276 15.45 -23.29 11.74
CA ILE A 276 15.57 -23.19 13.20
C ILE A 276 15.63 -24.61 13.80
N LYS A 277 16.55 -24.83 14.74
CA LYS A 277 16.53 -26.04 15.57
C LYS A 277 16.17 -25.66 17.01
N VAL A 278 15.33 -26.49 17.64
CA VAL A 278 14.99 -26.29 19.05
C VAL A 278 15.48 -27.47 19.89
N SER A 279 16.02 -27.15 21.08
CA SER A 279 16.40 -28.14 22.09
C SER A 279 15.76 -27.75 23.43
N PRO A 280 15.74 -28.69 24.40
CA PRO A 280 15.22 -28.35 25.73
C PRO A 280 15.98 -27.21 26.40
N GLN A 281 17.19 -26.95 25.96
CA GLN A 281 18.01 -25.86 26.47
C GLN A 281 17.70 -24.52 25.85
N THR A 282 17.15 -24.51 24.63
CA THR A 282 16.95 -23.24 23.91
C THR A 282 15.45 -22.81 23.77
N MET A 283 14.54 -23.68 24.20
CA MET A 283 13.11 -23.46 24.00
C MET A 283 12.57 -22.16 24.61
N ASP A 284 12.85 -21.96 25.90
CA ASP A 284 12.38 -20.79 26.59
C ASP A 284 12.94 -19.53 25.91
N GLY A 285 14.20 -19.59 25.47
CA GLY A 285 14.88 -18.46 24.83
C GLY A 285 14.27 -18.09 23.48
N ILE A 286 14.02 -19.09 22.66
CA ILE A 286 13.30 -18.90 21.41
C ILE A 286 11.92 -18.28 21.63
N LEU A 287 11.17 -18.79 22.60
CA LEU A 287 9.80 -18.29 22.81
C LEU A 287 9.92 -16.87 23.35
N LYS A 288 10.97 -16.59 24.13
CA LYS A 288 11.17 -15.23 24.64
C LYS A 288 11.43 -14.26 23.50
N SER A 289 12.14 -14.71 22.46
CA SER A 289 12.42 -13.85 21.31
C SER A 289 11.16 -13.63 20.47
N ILE A 290 10.39 -14.69 20.25
CA ILE A 290 9.09 -14.55 19.60
C ILE A 290 8.21 -13.54 20.34
N LEU A 291 8.15 -13.65 21.67
CA LEU A 291 7.33 -12.72 22.46
C LEU A 291 7.83 -11.28 22.32
N LYS A 292 9.14 -11.12 22.23
CA LYS A 292 9.75 -9.83 21.97
C LYS A 292 9.26 -9.21 20.66
N VAL A 293 9.25 -10.03 19.61
CA VAL A 293 8.78 -9.60 18.28
C VAL A 293 7.28 -9.29 18.31
N LYS A 294 6.54 -10.14 19.01
CA LYS A 294 5.12 -9.97 19.17
C LYS A 294 4.78 -8.60 19.74
N LYS A 295 5.42 -8.22 20.85
CA LYS A 295 5.14 -6.94 21.50
C LYS A 295 5.53 -5.78 20.59
N ALA A 296 6.65 -5.94 19.87
CA ALA A 296 7.17 -4.91 18.96
C ALA A 296 6.31 -4.73 17.72
N LEU A 297 5.87 -5.84 17.12
CA LEU A 297 5.04 -5.75 15.92
C LEU A 297 3.53 -5.76 16.14
N GLY A 298 3.11 -5.98 17.38
CA GLY A 298 1.69 -6.21 17.68
C GLY A 298 1.16 -7.48 17.03
N MET A 299 1.93 -8.56 17.03
CA MET A 299 1.42 -9.82 16.48
C MET A 299 0.34 -10.42 17.37
N PHE A 300 -0.50 -11.28 16.79
CA PHE A 300 -1.65 -11.85 17.49
C PHE A 300 -2.10 -13.18 16.91
N ILE A 301 -2.75 -14.02 17.72
CA ILE A 301 -3.56 -15.15 17.19
C ILE A 301 -4.94 -14.66 16.80
N SER A 302 -5.33 -14.88 15.54
CA SER A 302 -6.67 -14.55 15.06
C SER A 302 -7.65 -15.64 15.52
N ASP A 303 -8.90 -15.23 15.75
CA ASP A 303 -9.96 -16.18 16.04
C ASP A 303 -10.57 -16.81 14.77
N THR A 304 -10.14 -16.33 13.60
CA THR A 304 -10.65 -16.91 12.32
C THR A 304 -9.97 -18.27 12.05
N PRO A 305 -10.74 -19.28 11.57
CA PRO A 305 -10.11 -20.56 11.23
C PRO A 305 -9.48 -20.46 9.86
N GLY A 306 -8.65 -21.45 9.54
CA GLY A 306 -8.00 -21.49 8.23
C GLY A 306 -6.54 -21.15 8.31
N GLU A 307 -6.03 -20.46 7.29
CA GLU A 307 -4.58 -20.21 7.12
C GLU A 307 -3.94 -19.60 8.35
N ARG A 308 -2.81 -20.16 8.75
CA ARG A 308 -1.99 -19.62 9.86
C ARG A 308 -1.16 -18.40 9.46
N ASN A 309 -1.28 -17.32 10.24
CA ASN A 309 -0.28 -16.23 10.18
C ASN A 309 1.10 -16.65 10.74
N PRO A 310 2.18 -15.89 10.42
CA PRO A 310 3.54 -16.34 10.81
C PRO A 310 3.70 -16.52 12.32
N TYR A 311 2.99 -15.70 13.12
CA TYR A 311 3.04 -15.83 14.58
C TYR A 311 2.32 -17.10 15.05
N GLU A 312 1.08 -17.29 14.58
CA GLU A 312 0.31 -18.49 14.86
C GLU A 312 1.11 -19.73 14.44
N ASN A 313 1.77 -19.66 13.29
CA ASN A 313 2.46 -20.82 12.72
C ASN A 313 3.74 -21.20 13.49
N ILE A 314 4.57 -20.21 13.83
CA ILE A 314 5.82 -20.54 14.56
C ILE A 314 5.52 -21.03 15.97
N LEU A 315 4.53 -20.43 16.59
CA LEU A 315 4.06 -20.81 17.92
C LEU A 315 3.58 -22.25 17.91
N TYR A 316 2.75 -22.61 16.92
CA TYR A 316 2.33 -24.01 16.79
C TYR A 316 3.54 -24.97 16.65
N LYS A 317 4.42 -24.64 15.72
CA LYS A 317 5.46 -25.57 15.30
C LYS A 317 6.48 -25.83 16.37
N ILE A 318 6.79 -24.80 17.15
CA ILE A 318 7.77 -24.95 18.20
C ILE A 318 7.13 -25.75 19.34
N CYS A 319 5.91 -25.40 19.72
CA CYS A 319 5.33 -26.01 20.92
C CYS A 319 4.99 -27.49 20.73
N LEU A 320 5.04 -27.97 19.48
CA LEU A 320 4.86 -29.39 19.21
C LEU A 320 5.95 -30.25 19.83
N SER A 321 7.19 -29.73 19.94
CA SER A 321 8.32 -30.48 20.52
C SER A 321 9.49 -29.62 20.93
N GLY A 322 10.03 -29.86 22.12
CA GLY A 322 11.22 -29.17 22.55
C GLY A 322 12.50 -29.76 21.99
N ASP A 323 12.41 -30.56 20.93
CA ASP A 323 13.58 -31.27 20.42
C ASP A 323 13.49 -31.70 18.96
N GLY A 324 13.92 -30.84 18.05
CA GLY A 324 13.87 -31.14 16.62
C GLY A 324 14.06 -29.92 15.72
N TRP A 325 13.46 -29.99 14.53
CA TRP A 325 13.41 -28.86 13.59
C TRP A 325 11.95 -28.62 13.29
N PRO A 326 11.32 -27.66 13.98
CA PRO A 326 9.87 -27.46 14.01
C PRO A 326 9.21 -27.26 12.63
N TYR A 327 9.95 -26.65 11.68
CA TYR A 327 9.45 -26.43 10.32
C TYR A 327 9.71 -27.56 9.35
N ILE A 328 10.84 -28.26 9.49
CA ILE A 328 11.30 -29.13 8.39
C ILE A 328 11.65 -30.57 8.73
N ALA A 329 11.58 -30.95 10.01
CA ALA A 329 11.83 -32.36 10.37
C ALA A 329 10.60 -33.22 10.07
N SER A 330 10.81 -34.54 9.99
CA SER A 330 9.69 -35.45 10.03
C SER A 330 9.10 -35.35 11.42
N ARG A 331 7.80 -35.09 11.49
CA ARG A 331 7.10 -34.96 12.76
C ARG A 331 6.02 -36.02 12.86
N THR A 332 5.97 -36.98 11.94
CA THR A 332 4.80 -37.88 11.86
C THR A 332 4.81 -38.96 12.95
N SER A 333 5.90 -39.03 13.71
CA SER A 333 5.93 -39.93 14.85
C SER A 333 5.57 -39.19 16.14
N ILE A 334 5.35 -37.88 16.07
CA ILE A 334 4.98 -37.11 17.25
C ILE A 334 3.51 -37.35 17.56
N THR A 335 3.24 -37.76 18.80
CA THR A 335 1.86 -37.90 19.27
C THR A 335 1.55 -36.60 20.00
N GLY A 336 0.27 -36.26 20.08
CA GLY A 336 -0.14 -35.09 20.81
C GLY A 336 -0.17 -33.84 19.95
N ARG A 337 -0.73 -32.78 20.52
CA ARG A 337 -0.79 -31.48 19.87
C ARG A 337 0.01 -30.43 20.65
N ALA A 338 0.23 -29.30 20.01
CA ALA A 338 1.13 -28.29 20.56
C ALA A 338 0.74 -27.81 21.95
N TRP A 339 -0.57 -27.80 22.22
CA TRP A 339 -1.01 -27.25 23.47
C TRP A 339 -0.98 -28.36 24.53
N GLU A 340 -0.71 -29.59 24.09
CA GLU A 340 -0.49 -30.72 25.00
C GLU A 340 1.02 -30.97 25.27
N ASN A 341 1.87 -30.85 24.26
CA ASN A 341 3.33 -31.09 24.45
C ASN A 341 4.11 -29.92 25.04
N THR A 342 3.48 -28.73 25.04
CA THR A 342 4.09 -27.58 25.71
C THR A 342 3.08 -26.95 26.66
N VAL A 343 3.40 -26.92 27.94
CA VAL A 343 2.44 -26.41 28.93
C VAL A 343 3.01 -25.33 29.84
N VAL A 344 2.14 -24.41 30.24
CA VAL A 344 2.52 -23.35 31.14
C VAL A 344 2.16 -23.74 32.57
N ASP A 345 3.15 -23.65 33.44
CA ASP A 345 2.96 -23.90 34.86
C ASP A 345 3.19 -22.59 35.61
N LEU A 346 2.10 -21.98 36.08
CA LEU A 346 2.20 -20.76 36.89
C LEU A 346 1.27 -20.81 38.11
N GLY A 372 -16.95 -20.68 34.07
CA GLY A 372 -17.48 -21.43 32.90
C GLY A 372 -16.54 -21.39 31.70
N LEU A 373 -17.10 -21.56 30.51
CA LEU A 373 -16.31 -21.55 29.28
C LEU A 373 -15.73 -20.17 28.95
N THR A 374 -14.51 -20.18 28.43
CA THR A 374 -13.90 -19.00 27.84
C THR A 374 -14.52 -18.76 26.48
N TYR A 375 -14.31 -17.56 25.96
CA TYR A 375 -14.79 -17.19 24.64
C TYR A 375 -14.27 -18.14 23.54
N SER A 376 -12.98 -18.44 23.57
CA SER A 376 -12.38 -19.41 22.65
C SER A 376 -13.05 -20.79 22.65
N GLN A 377 -13.40 -21.32 23.82
CA GLN A 377 -14.07 -22.61 23.85
C GLN A 377 -15.52 -22.52 23.34
N LEU A 378 -16.22 -21.44 23.67
CA LEU A 378 -17.59 -21.24 23.19
C LEU A 378 -17.67 -21.18 21.68
N MET A 379 -16.64 -20.66 21.01
CA MET A 379 -16.56 -20.75 19.55
C MET A 379 -16.36 -22.20 19.12
N THR A 380 -15.42 -22.89 19.75
CA THR A 380 -15.20 -24.31 19.51
C THR A 380 -16.50 -25.10 19.74
N LEU A 381 -17.18 -24.78 20.83
CA LEU A 381 -18.42 -25.48 21.16
C LEU A 381 -19.53 -25.24 20.13
N LYS A 382 -19.75 -23.97 19.78
CA LYS A 382 -20.78 -23.59 18.81
C LYS A 382 -20.55 -24.22 17.44
N ASP A 383 -19.29 -24.27 17.03
CA ASP A 383 -18.85 -25.03 15.85
C ASP A 383 -18.97 -26.56 15.94
N ALA A 384 -18.62 -27.17 17.07
CA ALA A 384 -18.72 -28.64 17.15
C ALA A 384 -20.19 -29.10 17.04
N MET A 385 -21.08 -28.30 17.60
CA MET A 385 -22.55 -28.54 17.55
C MET A 385 -23.12 -28.58 16.14
N LEU A 386 -22.41 -27.98 15.17
CA LEU A 386 -22.82 -28.03 13.74
C LEU A 386 -22.92 -29.46 13.16
N GLN A 387 -22.33 -30.43 13.86
CA GLN A 387 -22.37 -31.84 13.45
C GLN A 387 -23.78 -32.43 13.51
N LEU A 388 -24.61 -31.91 14.40
CA LEU A 388 -25.94 -32.46 14.62
C LEU A 388 -26.85 -32.23 13.44
N ASP A 389 -27.71 -33.22 13.18
CA ASP A 389 -28.86 -33.06 12.29
C ASP A 389 -30.07 -32.67 13.11
N PRO A 390 -30.47 -31.39 13.03
CA PRO A 390 -31.61 -30.85 13.77
C PRO A 390 -32.89 -31.61 13.55
N ASN A 391 -32.99 -32.32 12.42
CA ASN A 391 -34.22 -33.04 12.05
C ASN A 391 -34.23 -34.51 12.54
N ALA A 392 -33.07 -35.02 12.95
CA ALA A 392 -32.98 -36.43 13.35
C ALA A 392 -33.61 -36.70 14.73
N LYS A 393 -34.03 -37.95 14.96
CA LYS A 393 -34.39 -38.42 16.29
C LYS A 393 -33.23 -38.19 17.28
N THR A 394 -33.52 -37.59 18.43
CA THR A 394 -32.54 -37.20 19.44
C THR A 394 -33.11 -37.54 20.81
N TRP A 395 -32.36 -38.35 21.55
CA TRP A 395 -32.67 -38.69 22.93
C TRP A 395 -31.94 -37.76 23.83
N MET A 396 -32.54 -37.44 24.97
CA MET A 396 -31.83 -36.71 26.03
C MET A 396 -32.20 -37.38 27.34
N ASP A 397 -31.20 -37.52 28.20
CA ASP A 397 -31.36 -38.09 29.54
C ASP A 397 -30.42 -37.33 30.47
N ILE A 398 -30.76 -37.25 31.75
CA ILE A 398 -29.89 -36.61 32.74
C ILE A 398 -29.83 -37.45 34.00
N GLU A 399 -28.74 -37.31 34.74
CA GLU A 399 -28.70 -37.83 36.07
C GLU A 399 -28.61 -36.64 37.00
N GLY A 400 -29.25 -36.77 38.16
CA GLY A 400 -29.46 -35.61 39.03
C GLY A 400 -30.80 -34.98 38.71
N ARG A 401 -31.38 -34.30 39.69
CA ARG A 401 -32.64 -33.58 39.56
C ARG A 401 -32.47 -32.38 38.60
N PRO A 402 -33.55 -31.95 37.92
CA PRO A 402 -33.51 -30.91 36.87
C PRO A 402 -32.82 -29.58 37.25
N GLU A 403 -33.00 -29.13 38.49
CA GLU A 403 -32.37 -27.89 38.97
C GLU A 403 -30.97 -28.10 39.52
N ASP A 404 -30.53 -29.36 39.54
CA ASP A 404 -29.16 -29.67 40.00
C ASP A 404 -28.52 -30.83 39.22
N PRO A 405 -28.33 -30.64 37.90
CA PRO A 405 -27.86 -31.73 37.06
C PRO A 405 -26.39 -32.04 37.25
N VAL A 406 -26.02 -33.32 37.19
CA VAL A 406 -24.62 -33.70 37.28
C VAL A 406 -24.12 -34.42 36.02
N GLU A 407 -25.01 -35.00 35.21
CA GLU A 407 -24.61 -35.69 33.96
C GLU A 407 -25.72 -35.48 32.95
N ILE A 408 -25.34 -34.94 31.80
CA ILE A 408 -26.29 -34.66 30.73
C ILE A 408 -25.80 -35.42 29.50
N ALA A 409 -26.74 -36.01 28.75
CA ALA A 409 -26.44 -36.64 27.45
C ALA A 409 -27.57 -36.47 26.42
N LEU A 410 -27.19 -36.29 25.15
CA LEU A 410 -28.12 -36.37 24.01
C LEU A 410 -27.46 -37.32 23.02
N TYR A 411 -28.29 -38.00 22.23
CA TYR A 411 -27.87 -39.10 21.35
C TYR A 411 -28.75 -39.07 20.13
N GLN A 412 -28.13 -38.98 18.96
CA GLN A 412 -28.83 -39.10 17.69
C GLN A 412 -28.50 -40.45 17.06
N PRO A 413 -29.34 -41.47 17.29
CA PRO A 413 -29.03 -42.84 16.88
C PRO A 413 -28.74 -43.02 15.37
N SER A 414 -29.31 -42.16 14.53
CA SER A 414 -29.21 -42.32 13.09
C SER A 414 -27.80 -42.09 12.55
N SER A 415 -27.14 -41.05 13.04
CA SER A 415 -25.77 -40.71 12.66
C SER A 415 -24.77 -41.21 13.70
N GLY A 416 -25.30 -41.61 14.87
CA GLY A 416 -24.52 -42.19 15.93
C GLY A 416 -23.75 -41.19 16.77
N CYS A 417 -24.10 -39.91 16.68
CA CYS A 417 -23.33 -38.97 17.47
C CYS A 417 -23.96 -38.66 18.83
N TYR A 418 -23.16 -38.17 19.77
CA TYR A 418 -23.64 -37.99 21.11
C TYR A 418 -23.02 -36.80 21.81
N ILE A 419 -23.81 -36.21 22.71
CA ILE A 419 -23.30 -35.14 23.56
C ILE A 419 -23.27 -35.71 24.98
N HIS A 420 -22.12 -35.57 25.65
CA HIS A 420 -21.93 -36.11 27.00
C HIS A 420 -21.00 -35.25 27.83
N PHE A 421 -21.51 -34.81 28.98
CA PHE A 421 -20.74 -33.98 29.91
C PHE A 421 -21.29 -34.00 31.33
N PHE A 422 -20.62 -33.30 32.25
CA PHE A 422 -20.91 -33.40 33.66
C PHE A 422 -21.05 -32.01 34.28
N ARG A 423 -21.48 -31.96 35.54
CA ARG A 423 -21.62 -30.69 36.28
C ARG A 423 -21.54 -30.97 37.77
N GLU A 424 -20.82 -30.13 38.51
CA GLU A 424 -20.77 -30.23 39.97
C GLU A 424 -22.11 -29.82 40.58
N PRO A 425 -22.59 -30.61 41.55
CA PRO A 425 -23.87 -30.35 42.19
C PRO A 425 -23.81 -29.12 43.11
N THR A 426 -24.92 -28.40 43.23
CA THR A 426 -25.01 -27.38 44.29
C THR A 426 -25.55 -28.01 45.58
N ASP A 427 -26.52 -28.92 45.45
CA ASP A 427 -27.09 -29.61 46.62
C ASP A 427 -26.33 -30.91 46.92
N LEU A 428 -25.30 -30.81 47.76
CA LEU A 428 -24.47 -31.95 48.11
C LEU A 428 -25.24 -33.01 48.88
N LYS A 429 -26.27 -32.58 49.61
CA LYS A 429 -27.14 -33.48 50.36
C LYS A 429 -27.94 -34.40 49.44
N GLN A 430 -28.63 -33.80 48.46
CA GLN A 430 -29.42 -34.58 47.51
C GLN A 430 -28.51 -35.42 46.60
N PHE A 431 -27.30 -34.92 46.35
CA PHE A 431 -26.36 -35.62 45.48
C PHE A 431 -25.96 -37.00 46.03
N LYS A 432 -25.51 -37.04 47.29
CA LYS A 432 -25.17 -38.31 47.95
C LYS A 432 -26.30 -39.34 47.94
N GLN A 433 -27.54 -38.88 48.00
CA GLN A 433 -28.66 -39.81 47.91
C GLN A 433 -28.77 -40.35 46.48
N ASP A 434 -28.59 -39.45 45.50
CA ASP A 434 -28.59 -39.84 44.09
C ASP A 434 -27.44 -40.82 43.75
N ALA A 435 -26.29 -40.70 44.43
CA ALA A 435 -25.18 -41.61 44.21
C ALA A 435 -25.50 -43.04 44.65
N LYS A 436 -26.16 -43.14 45.81
CA LYS A 436 -26.48 -44.41 46.41
C LYS A 436 -27.60 -45.14 45.66
N TYR A 437 -28.52 -44.37 45.09
CA TYR A 437 -29.73 -44.95 44.50
C TYR A 437 -29.80 -44.89 42.96
N SER A 438 -28.93 -44.09 42.34
CA SER A 438 -29.01 -43.93 40.88
C SER A 438 -27.68 -44.04 40.15
N HIS A 439 -26.78 -43.08 40.39
CA HIS A 439 -25.63 -42.92 39.50
C HIS A 439 -24.26 -43.37 39.98
N GLY A 440 -24.06 -43.48 41.29
CA GLY A 440 -22.79 -43.97 41.85
C GLY A 440 -21.62 -43.08 41.51
N ILE A 441 -21.90 -41.83 41.20
CA ILE A 441 -20.82 -40.91 40.97
C ILE A 441 -20.24 -40.38 42.29
N ASP A 442 -18.91 -40.42 42.37
CA ASP A 442 -18.13 -39.85 43.49
C ASP A 442 -17.93 -38.39 43.20
N VAL A 443 -18.51 -37.52 44.04
CA VAL A 443 -18.48 -36.06 43.82
C VAL A 443 -17.10 -35.47 43.51
N THR A 444 -16.06 -36.05 44.12
CA THR A 444 -14.69 -35.58 43.90
C THR A 444 -14.20 -35.81 42.47
N ASP A 445 -14.71 -36.85 41.80
CA ASP A 445 -14.35 -37.13 40.40
C ASP A 445 -14.96 -36.05 39.46
N LEU A 446 -15.89 -35.25 39.97
CA LEU A 446 -16.49 -34.14 39.22
C LEU A 446 -15.70 -32.86 39.27
N PHE A 447 -14.73 -32.74 40.18
CA PHE A 447 -13.95 -31.51 40.27
C PHE A 447 -13.26 -31.24 38.93
N ALA A 448 -12.78 -32.31 38.31
CA ALA A 448 -11.99 -32.27 37.09
C ALA A 448 -12.81 -31.97 35.82
N THR A 449 -14.14 -31.97 35.91
CA THR A 449 -14.97 -31.67 34.73
C THR A 449 -15.08 -30.16 34.50
N GLN A 450 -15.28 -29.77 33.24
CA GLN A 450 -15.42 -28.37 32.84
C GLN A 450 -16.76 -27.75 33.25
N PRO A 451 -16.72 -26.61 33.96
CA PRO A 451 -17.93 -25.87 34.35
C PRO A 451 -18.56 -25.10 33.18
N GLY A 452 -19.88 -24.91 33.28
CA GLY A 452 -20.63 -24.02 32.40
C GLY A 452 -21.03 -24.63 31.08
N LEU A 453 -20.95 -25.96 30.99
CA LEU A 453 -21.31 -26.62 29.75
C LEU A 453 -22.82 -26.72 29.65
N THR A 454 -23.49 -26.91 30.80
CA THR A 454 -24.96 -27.05 30.81
C THR A 454 -25.67 -25.90 30.07
N SER A 455 -25.36 -24.66 30.44
CA SER A 455 -25.95 -23.50 29.79
C SER A 455 -25.47 -23.28 28.35
N ALA A 456 -24.19 -23.50 28.08
CA ALA A 456 -23.66 -23.25 26.74
C ALA A 456 -24.19 -24.25 25.70
N VAL A 457 -24.25 -25.54 26.05
CA VAL A 457 -24.81 -26.57 25.16
C VAL A 457 -26.29 -26.34 24.90
N ILE A 458 -27.07 -26.19 25.97
CA ILE A 458 -28.52 -26.00 25.81
C ILE A 458 -28.83 -24.74 24.99
N ASP A 459 -27.99 -23.71 25.12
CA ASP A 459 -28.05 -22.51 24.28
C ASP A 459 -27.77 -22.76 22.80
N ALA A 460 -26.83 -23.66 22.50
CA ALA A 460 -26.42 -23.91 21.12
C ALA A 460 -27.23 -24.99 20.37
N LEU A 461 -28.13 -25.67 21.09
CA LEU A 461 -29.00 -26.69 20.48
C LEU A 461 -29.81 -26.06 19.34
N PRO A 462 -29.85 -26.72 18.17
CA PRO A 462 -30.52 -26.19 16.98
C PRO A 462 -31.97 -25.78 17.25
N ARG A 463 -32.40 -24.72 16.59
CA ARG A 463 -33.78 -24.26 16.66
C ARG A 463 -34.76 -25.36 16.18
N ASN A 464 -35.91 -25.45 16.83
CA ASN A 464 -37.03 -26.33 16.44
C ASN A 464 -36.75 -27.85 16.47
N MET A 465 -35.87 -28.27 17.38
CA MET A 465 -35.49 -29.65 17.47
C MET A 465 -36.55 -30.42 18.24
N VAL A 466 -36.73 -31.68 17.92
CA VAL A 466 -37.67 -32.53 18.64
C VAL A 466 -36.85 -33.55 19.43
N ILE A 467 -36.97 -33.49 20.74
CA ILE A 467 -36.16 -34.31 21.66
C ILE A 467 -37.03 -35.38 22.32
N THR A 468 -36.57 -36.62 22.24
CA THR A 468 -37.25 -37.77 22.78
C THR A 468 -36.63 -38.17 24.14
N CYS A 469 -37.45 -38.57 25.11
CA CYS A 469 -36.89 -38.87 26.44
C CYS A 469 -37.81 -39.75 27.27
N GLN A 470 -37.22 -40.43 28.24
CA GLN A 470 -37.92 -41.18 29.28
C GLN A 470 -38.15 -40.31 30.52
N GLY A 471 -38.77 -39.15 30.31
CA GLY A 471 -39.00 -38.23 31.41
C GLY A 471 -39.93 -37.14 30.95
N SER A 472 -39.46 -36.35 30.01
CA SER A 472 -40.19 -35.21 29.47
C SER A 472 -40.29 -34.10 30.51
N ASP A 473 -40.73 -34.45 31.71
CA ASP A 473 -40.99 -33.43 32.70
C ASP A 473 -39.71 -32.88 33.33
N ASP A 474 -38.76 -33.76 33.64
CA ASP A 474 -37.48 -33.27 34.19
C ASP A 474 -36.68 -32.56 33.11
N ILE A 475 -36.70 -33.10 31.89
CA ILE A 475 -36.06 -32.45 30.74
C ILE A 475 -36.67 -31.07 30.43
N ARG A 476 -37.99 -30.98 30.29
CA ARG A 476 -38.69 -29.70 30.10
C ARG A 476 -38.23 -28.61 31.10
N LYS A 477 -38.37 -28.91 32.39
CA LYS A 477 -37.99 -27.97 33.44
C LYS A 477 -36.57 -27.45 33.28
N LEU A 478 -35.66 -28.33 32.89
CA LEU A 478 -34.27 -27.96 32.76
C LEU A 478 -34.07 -27.07 31.53
N LEU A 479 -34.70 -27.43 30.42
CA LEU A 479 -34.59 -26.61 29.21
C LEU A 479 -35.25 -25.25 29.42
N GLU A 480 -36.38 -25.24 30.13
CA GLU A 480 -37.02 -23.99 30.49
C GLU A 480 -36.14 -23.19 31.44
N SER A 481 -35.49 -23.88 32.38
CA SER A 481 -34.48 -23.25 33.26
C SER A 481 -33.43 -22.46 32.49
N GLN A 482 -33.12 -22.90 31.28
CA GLN A 482 -32.08 -22.23 30.50
C GLN A 482 -32.65 -21.34 29.41
N GLY A 483 -33.98 -21.24 29.37
CA GLY A 483 -34.68 -20.33 28.47
C GLY A 483 -34.95 -20.91 27.10
N ARG A 484 -35.10 -22.23 27.03
CA ARG A 484 -35.37 -22.92 25.77
C ARG A 484 -36.76 -23.54 25.74
N LYS A 485 -37.76 -22.67 25.58
CA LYS A 485 -39.16 -23.08 25.57
C LYS A 485 -39.59 -23.65 24.22
N ASP A 486 -38.81 -23.35 23.18
CA ASP A 486 -39.13 -23.71 21.79
C ASP A 486 -38.93 -25.19 21.45
N ILE A 487 -38.09 -25.88 22.23
CA ILE A 487 -37.79 -27.30 22.00
C ILE A 487 -38.99 -28.16 22.37
N LYS A 488 -39.46 -28.96 21.41
CA LYS A 488 -40.57 -29.89 21.59
C LYS A 488 -40.05 -31.22 22.18
N LEU A 489 -40.79 -31.84 23.10
CA LEU A 489 -40.42 -33.15 23.68
C LEU A 489 -41.41 -34.29 23.43
N ILE A 490 -40.89 -35.48 23.17
CA ILE A 490 -41.70 -36.70 23.13
C ILE A 490 -41.33 -37.56 24.34
N ASP A 491 -42.33 -37.79 25.18
CA ASP A 491 -42.18 -38.69 26.32
C ASP A 491 -42.45 -40.11 25.84
N ILE A 492 -41.49 -41.00 26.00
CA ILE A 492 -41.66 -42.36 25.48
C ILE A 492 -42.34 -43.29 26.50
N ALA A 493 -42.25 -42.94 27.79
CA ALA A 493 -42.93 -43.66 28.88
C ALA A 493 -42.89 -45.18 28.76
N LEU A 494 -41.68 -45.74 28.78
CA LEU A 494 -41.47 -47.17 28.77
C LEU A 494 -41.62 -47.64 30.21
N SER A 495 -42.05 -48.89 30.40
CA SER A 495 -42.09 -49.50 31.74
C SER A 495 -40.67 -49.65 32.33
N LYS A 496 -40.56 -49.65 33.65
CA LYS A 496 -39.27 -49.83 34.32
C LYS A 496 -38.51 -51.02 33.71
N THR A 497 -39.21 -52.14 33.59
CA THR A 497 -38.60 -53.37 33.12
C THR A 497 -38.28 -53.36 31.60
N ASP A 498 -39.19 -52.86 30.77
CA ASP A 498 -38.88 -52.72 29.33
C ASP A 498 -37.76 -51.70 29.07
N SER A 499 -37.69 -50.67 29.91
CA SER A 499 -36.66 -49.62 29.82
C SER A 499 -35.23 -50.19 29.75
N ARG A 500 -34.97 -51.22 30.55
CA ARG A 500 -33.61 -51.67 30.76
C ARG A 500 -33.36 -53.10 30.25
N LYS A 501 -34.12 -53.50 29.25
CA LYS A 501 -33.92 -54.81 28.60
C LYS A 501 -32.52 -54.94 28.00
N TYR A 502 -32.06 -53.90 27.33
CA TYR A 502 -30.76 -53.90 26.68
C TYR A 502 -29.63 -53.32 27.53
N GLU A 503 -29.90 -53.15 28.82
CA GLU A 503 -28.92 -52.55 29.72
C GLU A 503 -27.56 -53.28 29.67
N ASN A 504 -27.55 -54.60 29.74
CA ASN A 504 -26.25 -55.30 29.72
C ASN A 504 -25.58 -55.19 28.38
N ALA A 505 -26.39 -55.30 27.33
CA ALA A 505 -25.92 -55.26 25.95
C ALA A 505 -25.26 -53.91 25.64
N VAL A 506 -25.83 -52.86 26.22
CA VAL A 506 -25.38 -51.54 25.95
C VAL A 506 -24.06 -51.30 26.70
N TRP A 507 -23.98 -51.70 27.96
CA TRP A 507 -22.72 -51.57 28.70
C TRP A 507 -21.61 -52.43 28.12
N ASP A 508 -21.98 -53.64 27.68
CA ASP A 508 -21.04 -54.57 27.04
C ASP A 508 -20.29 -53.91 25.89
N GLN A 509 -21.03 -53.17 25.08
CA GLN A 509 -20.45 -52.52 23.92
C GLN A 509 -19.86 -51.15 24.17
N TYR A 510 -20.47 -50.37 25.06
CA TYR A 510 -20.06 -48.97 25.20
C TYR A 510 -19.45 -48.56 26.53
N LYS A 511 -18.94 -49.52 27.30
CA LYS A 511 -18.35 -49.21 28.61
C LYS A 511 -17.26 -48.13 28.56
N ASP A 512 -16.39 -48.18 27.55
CA ASP A 512 -15.22 -47.29 27.53
C ASP A 512 -15.65 -45.84 27.32
N LEU A 513 -16.92 -45.63 26.97
CA LEU A 513 -17.39 -44.26 26.77
C LEU A 513 -17.76 -43.47 28.02
N CYS A 514 -17.92 -44.12 29.17
CA CYS A 514 -18.08 -43.37 30.43
C CYS A 514 -17.44 -44.10 31.59
N HIS A 515 -16.54 -43.38 32.28
CA HIS A 515 -15.78 -43.92 33.39
C HIS A 515 -16.21 -43.33 34.75
N MET A 516 -17.38 -42.70 34.79
CA MET A 516 -17.73 -41.83 35.90
C MET A 516 -18.48 -42.52 37.04
N HIS A 517 -19.10 -43.65 36.74
CA HIS A 517 -19.90 -44.38 37.71
C HIS A 517 -19.04 -45.44 38.44
N THR A 518 -18.66 -45.12 39.69
CA THR A 518 -17.69 -45.92 40.46
C THR A 518 -18.31 -46.52 41.72
N GLY A 519 -19.33 -45.86 42.26
CA GLY A 519 -19.97 -46.28 43.51
C GLY A 519 -20.94 -47.44 43.37
N VAL A 520 -21.14 -48.18 44.46
CA VAL A 520 -22.16 -49.22 44.42
C VAL A 520 -23.51 -48.54 44.58
N VAL A 521 -24.48 -48.99 43.79
CA VAL A 521 -25.80 -48.42 43.76
C VAL A 521 -26.71 -49.56 44.15
N VAL A 522 -27.67 -49.27 45.02
CA VAL A 522 -28.58 -50.30 45.51
C VAL A 522 -30.04 -49.93 45.20
N GLU A 523 -30.93 -50.91 45.32
CA GLU A 523 -32.35 -50.64 45.26
C GLU A 523 -33.03 -51.45 46.36
N LYS A 524 -34.15 -50.92 46.86
CA LYS A 524 -34.99 -51.67 47.81
C LYS A 524 -36.08 -52.40 47.04
N LYS A 530 -32.10 -54.42 50.54
CA LYS A 530 -31.34 -53.86 49.39
C LYS A 530 -30.47 -54.87 48.61
N GLU A 531 -30.43 -54.70 47.30
CA GLU A 531 -29.63 -55.53 46.39
C GLU A 531 -28.83 -54.57 45.52
N GLU A 532 -27.57 -54.92 45.21
CA GLU A 532 -26.74 -54.10 44.30
C GLU A 532 -27.24 -54.14 42.85
N ILE A 533 -27.17 -53.01 42.16
CA ILE A 533 -27.65 -52.87 40.77
C ILE A 533 -26.67 -52.05 39.92
N THR A 534 -26.88 -52.06 38.61
CA THR A 534 -25.99 -51.41 37.68
C THR A 534 -26.25 -49.92 37.75
N PRO A 535 -25.21 -49.10 37.98
CA PRO A 535 -25.48 -47.64 38.02
C PRO A 535 -26.10 -47.06 36.74
N HIS A 536 -26.83 -45.97 36.91
CA HIS A 536 -27.52 -45.30 35.81
C HIS A 536 -26.62 -44.21 35.25
N CYS A 537 -26.33 -44.29 33.95
CA CYS A 537 -25.54 -43.30 33.23
C CYS A 537 -26.46 -42.64 32.22
N ALA A 538 -26.42 -41.30 32.16
CA ALA A 538 -27.14 -40.53 31.17
C ALA A 538 -26.95 -40.97 29.72
N LEU A 539 -25.72 -41.27 29.33
CA LEU A 539 -25.42 -41.70 27.97
C LEU A 539 -25.96 -43.10 27.72
N MET A 540 -25.63 -44.03 28.61
CA MET A 540 -26.10 -45.41 28.43
C MET A 540 -27.62 -45.54 28.45
N ASP A 541 -28.28 -44.79 29.32
CA ASP A 541 -29.73 -44.72 29.29
C ASP A 541 -30.30 -44.27 27.92
N CYS A 542 -29.80 -43.20 27.30
CA CYS A 542 -30.25 -42.80 25.95
C CYS A 542 -30.15 -43.99 25.01
N ILE A 543 -29.00 -44.66 25.03
CA ILE A 543 -28.72 -45.78 24.13
C ILE A 543 -29.65 -46.95 24.37
N MET A 544 -29.83 -47.33 25.64
CA MET A 544 -30.68 -48.46 25.95
C MET A 544 -32.16 -48.16 25.74
N PHE A 545 -32.58 -46.91 25.91
CA PHE A 545 -33.99 -46.57 25.75
C PHE A 545 -34.31 -46.62 24.27
N ASP A 546 -33.38 -46.10 23.46
CA ASP A 546 -33.46 -46.18 22.01
C ASP A 546 -33.50 -47.63 21.53
N ALA A 547 -32.62 -48.48 22.06
CA ALA A 547 -32.65 -49.90 21.72
C ALA A 547 -33.97 -50.57 22.10
N ALA A 548 -34.50 -50.22 23.27
CA ALA A 548 -35.80 -50.76 23.71
C ALA A 548 -36.92 -50.43 22.70
N VAL A 549 -36.96 -49.18 22.25
CA VAL A 549 -37.92 -48.76 21.22
C VAL A 549 -37.66 -49.42 19.88
N SER A 550 -36.39 -49.61 19.54
CA SER A 550 -36.01 -50.10 18.22
C SER A 550 -36.15 -51.63 18.07
N GLY A 551 -36.26 -52.35 19.18
CA GLY A 551 -36.32 -53.80 19.16
C GLY A 551 -34.96 -54.44 18.97
N GLY A 552 -33.91 -53.75 19.41
CA GLY A 552 -32.55 -54.24 19.28
C GLY A 552 -31.48 -53.18 19.27
N LEU A 553 -30.24 -53.63 19.47
CA LEU A 553 -29.10 -52.75 19.48
C LEU A 553 -28.12 -53.18 18.41
N ASN A 554 -27.83 -52.25 17.50
CA ASN A 554 -26.83 -52.44 16.44
C ASN A 554 -25.40 -52.35 16.98
N THR A 555 -24.50 -53.14 16.40
CA THR A 555 -23.07 -53.00 16.67
C THR A 555 -22.57 -51.82 15.85
N SER A 556 -22.35 -50.68 16.52
CA SER A 556 -22.11 -49.40 15.84
C SER A 556 -21.19 -48.45 16.59
N VAL A 557 -20.22 -47.90 15.87
CA VAL A 557 -19.35 -46.86 16.40
C VAL A 557 -20.10 -45.54 16.56
N LEU A 558 -20.02 -44.98 17.75
CA LEU A 558 -20.56 -43.66 18.05
C LEU A 558 -19.52 -42.56 17.87
N ARG A 559 -20.00 -41.32 17.71
CA ARG A 559 -19.09 -40.18 17.55
C ARG A 559 -19.35 -39.12 18.62
N ALA A 560 -18.33 -38.74 19.38
CA ALA A 560 -18.51 -37.74 20.42
C ALA A 560 -18.53 -36.40 19.73
N VAL A 561 -19.62 -35.67 19.90
CA VAL A 561 -19.75 -34.35 19.31
C VAL A 561 -18.78 -33.33 19.96
N LEU A 562 -18.69 -33.38 21.28
CA LEU A 562 -17.78 -32.54 22.08
C LEU A 562 -16.36 -33.08 22.12
N PRO A 563 -15.33 -32.22 21.95
CA PRO A 563 -13.95 -32.70 22.16
C PRO A 563 -13.78 -33.19 23.60
N ARG A 564 -13.18 -34.38 23.75
CA ARG A 564 -13.05 -35.04 25.05
C ARG A 564 -11.88 -34.38 25.75
N ASP A 565 -12.05 -33.08 26.02
CA ASP A 565 -10.96 -32.13 26.14
C ASP A 565 -11.57 -30.77 26.48
N MET A 566 -12.87 -30.70 26.21
CA MET A 566 -13.74 -29.63 26.62
C MET A 566 -14.65 -30.16 27.73
N VAL A 567 -14.86 -31.47 27.78
CA VAL A 567 -15.64 -32.06 28.85
C VAL A 567 -14.85 -32.02 30.16
N PHE A 568 -13.54 -32.22 30.04
CA PHE A 568 -12.65 -32.19 31.18
C PHE A 568 -11.73 -30.97 31.10
N ARG A 569 -11.49 -30.33 32.24
CA ARG A 569 -10.63 -29.14 32.30
C ARG A 569 -9.19 -29.55 32.55
N LYS B 16 14.94 4.22 -0.70
CA LYS B 16 15.82 3.10 -1.16
C LYS B 16 15.76 3.02 -2.66
N SER B 17 16.92 2.73 -3.23
CA SER B 17 17.09 2.64 -4.67
C SER B 17 16.18 1.60 -5.36
N PHE B 18 16.09 0.37 -4.83
CA PHE B 18 15.13 -0.62 -5.38
C PHE B 18 13.67 -0.17 -5.39
N LEU B 19 13.24 0.61 -4.39
CA LEU B 19 11.87 1.14 -4.38
C LEU B 19 11.61 2.11 -5.52
N TRP B 20 12.59 2.96 -5.81
CA TRP B 20 12.51 3.87 -6.95
C TRP B 20 12.40 3.04 -8.21
N THR B 21 13.29 2.07 -8.36
CA THR B 21 13.19 1.11 -9.47
C THR B 21 11.83 0.38 -9.62
N GLN B 22 11.32 -0.26 -8.56
CA GLN B 22 10.03 -0.96 -8.64
C GLN B 22 8.88 -0.04 -8.99
N SER B 23 8.85 1.17 -8.40
CA SER B 23 7.78 2.14 -8.79
C SER B 23 7.86 2.61 -10.23
N LEU B 24 9.09 2.90 -10.71
CA LEU B 24 9.36 3.12 -12.14
C LEU B 24 8.93 1.94 -13.01
N ARG B 25 9.30 0.71 -12.63
CA ARG B 25 8.71 -0.46 -13.33
C ARG B 25 7.19 -0.46 -13.38
N ARG B 26 6.54 -0.18 -12.26
CA ARG B 26 5.08 -0.26 -12.16
C ARG B 26 4.44 0.77 -13.10
N GLU B 27 4.98 1.98 -13.06
CA GLU B 27 4.49 3.12 -13.83
C GLU B 27 4.79 2.98 -15.31
N LEU B 28 5.95 2.40 -15.64
CA LEU B 28 6.33 2.31 -17.07
C LEU B 28 6.05 0.97 -17.76
N SER B 29 5.24 0.12 -17.13
CA SER B 29 5.02 -1.26 -17.63
C SER B 29 4.57 -1.35 -19.08
N GLY B 30 3.76 -0.38 -19.51
CA GLY B 30 3.23 -0.36 -20.87
C GLY B 30 4.27 -0.04 -21.94
N TYR B 31 5.45 0.44 -21.54
CA TYR B 31 6.55 0.69 -22.51
C TYR B 31 7.57 -0.44 -22.60
N CYS B 32 7.46 -1.40 -21.70
CA CYS B 32 8.32 -2.58 -21.65
C CYS B 32 7.89 -3.62 -22.67
N SER B 33 8.82 -4.49 -23.06
CA SER B 33 8.50 -5.58 -23.99
C SER B 33 9.33 -6.84 -23.71
N ASN B 34 9.01 -7.93 -24.41
CA ASN B 34 9.81 -9.14 -24.32
C ASN B 34 10.79 -9.15 -25.48
N ILE B 35 12.08 -9.07 -25.15
CA ILE B 35 13.12 -8.84 -26.14
C ILE B 35 14.18 -9.95 -26.08
N LYS B 36 13.89 -11.01 -25.33
CA LYS B 36 14.85 -12.08 -25.18
C LYS B 36 15.37 -12.58 -26.51
N LEU B 37 14.45 -12.86 -27.44
CA LEU B 37 14.82 -13.39 -28.75
C LEU B 37 15.81 -12.55 -29.53
N GLN B 38 15.60 -11.24 -29.55
CA GLN B 38 16.43 -10.29 -30.27
C GLN B 38 17.80 -10.18 -29.64
N VAL B 39 17.85 -10.13 -28.30
CA VAL B 39 19.14 -10.06 -27.56
C VAL B 39 19.94 -11.32 -27.85
N VAL B 40 19.26 -12.48 -27.85
CA VAL B 40 19.94 -13.75 -28.13
C VAL B 40 20.41 -13.84 -29.59
N LYS B 41 19.57 -13.45 -30.56
CA LYS B 41 20.05 -13.34 -31.95
C LYS B 41 21.27 -12.37 -32.11
N ASP B 42 21.24 -11.23 -31.43
CA ASP B 42 22.43 -10.31 -31.48
C ASP B 42 23.64 -11.01 -30.88
N ALA B 43 23.44 -11.71 -29.76
CA ALA B 43 24.55 -12.46 -29.15
C ALA B 43 25.12 -13.54 -30.08
N GLN B 44 24.25 -14.21 -30.83
CA GLN B 44 24.71 -15.20 -31.83
C GLN B 44 25.45 -14.51 -32.96
N ALA B 45 25.04 -13.30 -33.36
CA ALA B 45 25.72 -12.59 -34.46
C ALA B 45 27.15 -12.18 -34.07
N LEU B 46 27.31 -11.70 -32.84
CA LEU B 46 28.65 -11.43 -32.30
C LEU B 46 29.50 -12.70 -32.18
N LEU B 47 28.90 -13.78 -31.68
CA LEU B 47 29.61 -15.04 -31.53
C LEU B 47 30.10 -15.56 -32.85
N HIS B 48 29.31 -15.36 -33.90
CA HIS B 48 29.65 -15.81 -35.26
C HIS B 48 30.60 -14.82 -35.94
N GLY B 49 30.45 -13.52 -35.62
CA GLY B 49 31.16 -12.47 -36.33
C GLY B 49 32.29 -11.68 -35.69
N LEU B 50 32.42 -11.75 -34.37
CA LEU B 50 33.40 -10.91 -33.63
C LEU B 50 34.71 -11.61 -33.37
N ASP B 51 35.80 -10.86 -33.51
CA ASP B 51 37.10 -11.33 -33.09
C ASP B 51 37.20 -11.22 -31.57
N PHE B 52 37.03 -12.33 -30.87
CA PHE B 52 37.18 -12.26 -29.40
C PHE B 52 38.60 -12.12 -28.86
N SER B 53 39.59 -12.24 -29.74
CA SER B 53 40.95 -11.97 -29.32
C SER B 53 41.12 -10.46 -29.26
N GLU B 54 40.29 -9.76 -30.04
CA GLU B 54 40.27 -8.29 -29.99
C GLU B 54 39.49 -7.80 -28.76
N VAL B 55 38.41 -8.49 -28.37
CA VAL B 55 37.78 -8.26 -27.05
C VAL B 55 38.84 -8.39 -25.94
N SER B 56 39.50 -9.54 -25.91
CA SER B 56 40.62 -9.75 -24.99
C SER B 56 41.64 -8.63 -25.06
N ASN B 57 41.95 -8.12 -26.26
CA ASN B 57 42.89 -7.01 -26.39
C ASN B 57 42.35 -5.72 -25.73
N VAL B 58 41.05 -5.46 -25.88
CA VAL B 58 40.46 -4.24 -25.31
C VAL B 58 40.37 -4.34 -23.80
N GLN B 59 40.12 -5.56 -23.28
CA GLN B 59 40.19 -5.80 -21.83
C GLN B 59 41.56 -5.51 -21.24
N ARG B 60 42.61 -5.90 -21.96
CA ARG B 60 43.99 -5.54 -21.60
C ARG B 60 44.23 -4.01 -21.56
N LEU B 61 43.67 -3.31 -22.53
CA LEU B 61 43.84 -1.85 -22.57
C LEU B 61 43.13 -1.14 -21.42
N MET B 62 41.95 -1.64 -21.04
CA MET B 62 41.20 -1.11 -19.88
C MET B 62 41.85 -1.41 -18.53
N ARG B 63 42.66 -2.49 -18.44
CA ARG B 63 43.55 -2.71 -17.27
C ARG B 63 44.74 -1.73 -17.15
N LYS B 64 45.16 -1.05 -18.22
CA LYS B 64 46.18 -0.01 -18.14
C LYS B 64 45.75 1.17 -17.27
N GLU B 65 46.64 1.70 -16.44
CA GLU B 65 46.32 2.88 -15.63
C GLU B 65 46.34 4.13 -16.48
N ARG B 66 47.04 4.08 -17.59
CA ARG B 66 47.13 5.23 -18.45
C ARG B 66 46.93 4.78 -19.88
N ARG B 67 45.98 5.42 -20.58
CA ARG B 67 45.56 5.07 -21.94
C ARG B 67 45.72 6.26 -22.89
N ASP B 68 46.03 5.99 -24.14
CA ASP B 68 46.29 7.08 -25.10
C ASP B 68 45.38 6.96 -26.34
N ASP B 69 45.64 7.75 -27.39
CA ASP B 69 44.80 7.76 -28.59
C ASP B 69 44.83 6.41 -29.35
N ASN B 70 45.97 5.73 -29.33
CA ASN B 70 46.08 4.39 -29.90
C ASN B 70 45.20 3.37 -29.16
N ASP B 71 45.12 3.49 -27.85
CA ASP B 71 44.18 2.70 -27.05
C ASP B 71 42.73 3.07 -27.36
N LEU B 72 42.44 4.38 -27.42
CA LEU B 72 41.09 4.80 -27.76
C LEU B 72 40.63 4.34 -29.15
N LYS B 73 41.53 4.27 -30.11
CA LYS B 73 41.19 3.88 -31.47
C LYS B 73 40.77 2.39 -31.48
N ARG B 74 41.58 1.54 -30.85
CA ARG B 74 41.23 0.12 -30.67
C ARG B 74 39.86 -0.06 -30.04
N LEU B 75 39.56 0.69 -28.97
CA LEU B 75 38.23 0.56 -28.37
C LEU B 75 37.15 1.04 -29.31
N ARG B 76 37.34 2.19 -29.95
CA ARG B 76 36.32 2.72 -30.83
C ARG B 76 36.10 1.83 -32.07
N ASP B 77 37.15 1.20 -32.57
CA ASP B 77 37.00 0.31 -33.73
C ASP B 77 36.27 -0.99 -33.37
N LEU B 78 36.63 -1.56 -32.24
CA LEU B 78 35.89 -2.70 -31.71
C LEU B 78 34.40 -2.39 -31.44
N ASN B 79 34.11 -1.26 -30.79
CA ASN B 79 32.72 -0.82 -30.59
C ASN B 79 31.99 -0.73 -31.90
N GLN B 80 32.63 -0.11 -32.90
CA GLN B 80 32.05 -0.07 -34.25
C GLN B 80 31.75 -1.44 -34.88
N ALA B 81 32.69 -2.37 -34.75
CA ALA B 81 32.52 -3.75 -35.23
C ALA B 81 31.38 -4.45 -34.54
N VAL B 82 31.25 -4.24 -33.22
CA VAL B 82 30.09 -4.73 -32.43
C VAL B 82 28.81 -4.09 -32.96
N ASN B 83 28.83 -2.77 -33.18
CA ASN B 83 27.64 -2.05 -33.66
C ASN B 83 27.12 -2.54 -35.01
N ASN B 84 28.05 -2.86 -35.92
CA ASN B 84 27.75 -3.37 -37.24
C ASN B 84 27.03 -4.73 -37.23
N LEU B 85 27.30 -5.57 -36.23
CA LEU B 85 26.74 -6.90 -36.16
C LEU B 85 25.39 -7.01 -35.46
N VAL B 86 24.97 -5.99 -34.72
CA VAL B 86 23.73 -6.13 -33.94
C VAL B 86 22.54 -5.35 -34.51
N GLU B 87 21.35 -5.83 -34.17
CA GLU B 87 20.14 -5.12 -34.60
C GLU B 87 19.60 -4.19 -33.49
N LEU B 88 19.86 -4.51 -32.21
CA LEU B 88 19.40 -3.65 -31.12
C LEU B 88 20.40 -2.51 -31.00
N LYS B 89 20.11 -1.39 -31.66
CA LYS B 89 21.05 -0.26 -31.79
C LYS B 89 20.26 1.00 -31.57
N SER B 90 20.83 1.98 -30.87
CA SER B 90 20.19 3.28 -30.81
C SER B 90 20.59 4.14 -31.99
N THR B 91 19.64 4.94 -32.46
CA THR B 91 19.92 5.87 -33.57
C THR B 91 19.94 7.33 -33.08
N GLN B 92 20.72 8.15 -33.77
CA GLN B 92 20.91 9.55 -33.45
C GLN B 92 19.61 10.32 -33.58
N GLN B 93 19.07 10.80 -32.48
CA GLN B 93 17.75 11.42 -32.54
C GLN B 93 17.65 12.57 -31.56
N LYS B 94 17.87 13.78 -32.08
CA LYS B 94 17.64 14.97 -31.30
C LYS B 94 16.15 15.14 -31.01
N SER B 95 15.85 15.55 -29.78
CA SER B 95 14.47 15.70 -29.34
C SER B 95 14.32 17.09 -28.74
N ILE B 96 13.23 17.75 -29.06
CA ILE B 96 13.03 19.09 -28.57
C ILE B 96 11.72 19.05 -27.79
N LEU B 97 11.79 19.24 -26.49
CA LEU B 97 10.59 19.07 -25.63
C LEU B 97 9.85 20.39 -25.48
N ARG B 98 8.58 20.41 -25.92
CA ARG B 98 7.73 21.58 -25.88
C ARG B 98 6.42 21.25 -25.10
N VAL B 99 5.71 22.28 -24.69
CA VAL B 99 4.48 22.11 -23.94
C VAL B 99 3.49 21.27 -24.76
N GLY B 100 2.81 20.34 -24.09
CA GLY B 100 1.81 19.52 -24.74
C GLY B 100 1.42 18.42 -23.78
N THR B 101 1.89 17.22 -24.08
CA THR B 101 1.86 16.10 -23.14
C THR B 101 2.58 16.49 -21.86
N LEU B 102 3.75 17.11 -22.01
CA LEU B 102 4.40 17.73 -20.87
C LEU B 102 3.85 19.11 -20.64
N THR B 103 3.48 19.38 -19.40
CA THR B 103 3.11 20.74 -19.00
C THR B 103 4.27 21.76 -18.99
N SER B 104 3.89 23.03 -18.87
CA SER B 104 4.88 24.07 -18.64
C SER B 104 5.75 23.79 -17.39
N ASP B 105 5.13 23.41 -16.28
CA ASP B 105 5.91 23.13 -15.05
C ASP B 105 6.74 21.85 -15.16
N ASP B 106 6.18 20.80 -15.78
CA ASP B 106 6.96 19.61 -16.19
C ASP B 106 8.26 19.98 -16.90
N LEU B 107 8.19 20.92 -17.85
CA LEU B 107 9.35 21.33 -18.61
C LEU B 107 10.43 22.06 -17.79
N LEU B 108 10.00 22.94 -16.87
CA LEU B 108 10.89 23.58 -15.90
C LEU B 108 11.56 22.56 -14.99
N ILE B 109 10.81 21.55 -14.55
CA ILE B 109 11.38 20.48 -13.72
C ILE B 109 12.46 19.72 -14.46
N LEU B 110 12.14 19.35 -15.70
CA LEU B 110 13.07 18.62 -16.57
C LEU B 110 14.31 19.42 -16.93
N ALA B 111 14.15 20.71 -17.25
CA ALA B 111 15.32 21.56 -17.57
C ALA B 111 16.21 21.74 -16.35
N ALA B 112 15.62 21.86 -15.16
CA ALA B 112 16.42 21.93 -13.92
C ALA B 112 17.18 20.63 -13.64
N ASP B 113 16.49 19.52 -13.75
CA ASP B 113 17.11 18.23 -13.51
C ASP B 113 18.19 17.84 -14.51
N LEU B 114 18.00 18.20 -15.77
CA LEU B 114 19.06 18.05 -16.78
C LEU B 114 20.27 18.93 -16.54
N GLU B 115 20.08 20.17 -16.03
CA GLU B 115 21.25 21.01 -15.65
C GLU B 115 22.09 20.34 -14.58
N LYS B 116 21.38 19.67 -13.68
CA LYS B 116 21.96 18.98 -12.58
C LYS B 116 22.68 17.71 -13.01
N LEU B 117 22.05 16.95 -13.90
CA LEU B 117 22.72 15.81 -14.50
C LEU B 117 23.96 16.16 -15.31
N LYS B 118 23.90 17.22 -16.12
CA LYS B 118 25.06 17.77 -16.84
C LYS B 118 26.22 17.96 -15.87
N SER B 119 25.95 18.57 -14.71
CA SER B 119 26.98 18.86 -13.70
C SER B 119 27.55 17.54 -13.15
N LYS B 120 26.66 16.60 -12.82
CA LYS B 120 27.08 15.37 -12.18
C LYS B 120 27.90 14.52 -13.15
N VAL B 121 27.43 14.42 -14.39
CA VAL B 121 28.10 13.61 -15.41
C VAL B 121 29.48 14.20 -15.77
N ILE B 122 29.54 15.51 -16.04
CA ILE B 122 30.81 16.17 -16.33
C ILE B 122 31.82 15.97 -15.18
N ARG B 123 31.35 16.07 -13.94
CA ARG B 123 32.28 15.99 -12.80
C ARG B 123 32.66 14.53 -12.58
N THR B 124 31.89 13.62 -13.16
CA THR B 124 32.18 12.19 -13.00
C THR B 124 33.17 11.73 -14.06
N GLU B 125 32.99 12.22 -15.28
CA GLU B 125 33.76 11.76 -16.44
C GLU B 125 34.96 12.63 -16.84
N ARG B 126 34.82 13.96 -16.78
CA ARG B 126 35.84 14.84 -17.34
C ARG B 126 37.25 14.61 -16.71
N PRO B 127 37.34 14.33 -15.41
CA PRO B 127 38.72 14.30 -14.88
C PRO B 127 39.57 13.11 -15.31
N LEU B 128 38.92 12.08 -15.82
CA LEU B 128 39.53 10.95 -16.53
C LEU B 128 40.44 11.43 -17.65
N SER B 129 40.08 12.53 -18.29
CA SER B 129 40.84 13.02 -19.42
C SER B 129 41.48 14.36 -19.12
N ALA B 130 40.74 15.26 -18.47
CA ALA B 130 41.29 16.54 -18.06
C ALA B 130 42.41 16.39 -17.05
N GLY B 131 42.28 15.46 -16.10
CA GLY B 131 43.32 15.24 -15.08
C GLY B 131 43.11 15.99 -13.77
N VAL B 132 43.71 15.49 -12.68
CA VAL B 132 43.72 16.14 -11.37
C VAL B 132 45.17 16.26 -10.94
N TYR B 133 45.63 17.49 -10.71
CA TYR B 133 47.00 17.71 -10.18
C TYR B 133 47.10 17.13 -8.77
N MET B 134 48.06 16.21 -8.56
CA MET B 134 48.33 15.64 -7.25
C MET B 134 49.79 15.70 -6.80
N GLY B 135 50.48 16.82 -7.06
CA GLY B 135 51.91 16.90 -6.72
C GLY B 135 52.07 17.63 -5.41
N ASN B 136 52.66 18.81 -5.50
CA ASN B 136 52.99 19.61 -4.33
C ASN B 136 51.78 20.41 -3.86
N LEU B 137 51.06 19.82 -2.93
CA LEU B 137 49.87 20.39 -2.34
C LEU B 137 49.87 20.15 -0.83
N SER B 138 49.05 20.89 -0.10
CA SER B 138 48.88 20.65 1.34
C SER B 138 48.21 19.30 1.58
N SER B 139 48.38 18.78 2.78
CA SER B 139 47.66 17.59 3.23
C SER B 139 46.16 17.60 2.93
N GLN B 140 45.50 18.69 3.30
CA GLN B 140 44.05 18.84 3.15
C GLN B 140 43.62 18.78 1.69
N GLN B 141 44.37 19.46 0.81
CA GLN B 141 44.11 19.45 -0.64
C GLN B 141 44.22 18.08 -1.27
N LEU B 142 45.33 17.41 -0.97
CA LEU B 142 45.51 16.00 -1.33
C LEU B 142 44.34 15.12 -0.82
N ASP B 143 43.86 15.37 0.41
CA ASP B 143 42.77 14.53 0.97
C ASP B 143 41.45 14.72 0.23
N GLN B 144 41.14 15.98 -0.04
CA GLN B 144 39.94 16.35 -0.77
C GLN B 144 39.94 15.77 -2.18
N ARG B 145 41.07 15.94 -2.89
CA ARG B 145 41.27 15.40 -4.23
C ARG B 145 41.17 13.87 -4.32
N ARG B 146 41.91 13.17 -3.45
CA ARG B 146 41.75 11.71 -3.27
C ARG B 146 40.28 11.28 -3.09
N ALA B 147 39.53 12.00 -2.24
CA ALA B 147 38.10 11.74 -2.05
C ALA B 147 37.28 11.85 -3.36
N LEU B 148 37.54 12.89 -4.16
CA LEU B 148 36.92 13.03 -5.49
C LEU B 148 37.30 11.85 -6.39
N LEU B 149 38.59 11.56 -6.48
CA LEU B 149 39.07 10.43 -7.32
C LEU B 149 38.44 9.09 -6.97
N ASN B 150 38.41 8.80 -5.66
CA ASN B 150 37.80 7.57 -5.12
C ASN B 150 36.30 7.54 -5.45
N MET B 151 35.63 8.66 -5.20
CA MET B 151 34.20 8.78 -5.57
C MET B 151 33.86 8.56 -7.06
N ILE B 152 34.79 8.88 -7.94
CA ILE B 152 34.57 8.68 -9.37
C ILE B 152 35.25 7.45 -9.97
N GLY B 153 35.77 6.57 -9.13
CA GLY B 153 36.52 5.38 -9.62
C GLY B 153 37.89 5.61 -10.24
N MET B 154 38.58 6.69 -9.89
CA MET B 154 39.91 6.93 -10.44
C MET B 154 41.03 6.41 -9.55
N ALA B 163 49.47 7.88 -10.66
CA ALA B 163 50.41 8.64 -11.52
C ALA B 163 50.83 9.98 -10.89
N GLY B 164 51.66 10.78 -11.57
CA GLY B 164 52.39 10.39 -12.77
C GLY B 164 53.20 11.56 -13.32
N ARG B 165 52.80 12.03 -14.50
CA ARG B 165 53.36 13.27 -15.03
C ARG B 165 52.27 14.34 -15.23
N ASP B 166 52.38 15.48 -14.55
CA ASP B 166 53.35 15.69 -13.43
C ASP B 166 52.93 16.85 -12.56
N GLY B 167 52.56 16.59 -11.30
CA GLY B 167 52.17 15.26 -10.85
C GLY B 167 50.66 15.18 -11.10
N VAL B 168 50.29 15.07 -12.36
CA VAL B 168 48.85 15.00 -12.76
C VAL B 168 48.40 13.57 -12.94
N VAL B 169 47.22 13.26 -12.40
CA VAL B 169 46.60 11.96 -12.50
C VAL B 169 45.53 12.08 -13.59
N ARG B 170 45.64 11.21 -14.59
CA ARG B 170 44.86 11.32 -15.80
C ARG B 170 44.89 9.93 -16.38
N VAL B 171 43.72 9.34 -16.61
CA VAL B 171 43.61 8.01 -17.17
C VAL B 171 43.76 8.05 -18.71
N TRP B 172 43.06 8.96 -19.36
CA TRP B 172 43.08 9.12 -20.81
C TRP B 172 43.81 10.37 -21.29
N ASP B 173 44.90 10.14 -22.03
CA ASP B 173 45.65 11.22 -22.69
C ASP B 173 45.34 11.20 -24.18
N VAL B 174 44.39 12.06 -24.61
CA VAL B 174 43.85 12.05 -25.97
C VAL B 174 43.68 13.45 -26.54
N LYS B 175 43.78 13.58 -27.87
CA LYS B 175 43.64 14.91 -28.49
C LYS B 175 42.21 15.41 -28.41
N ASN B 176 41.25 14.52 -28.59
CA ASN B 176 39.84 14.93 -28.54
C ASN B 176 39.10 14.02 -27.54
N ALA B 177 38.84 14.54 -26.32
CA ALA B 177 38.18 13.79 -25.24
C ALA B 177 36.71 13.48 -25.61
N GLU B 178 36.17 14.27 -26.49
CA GLU B 178 34.82 14.03 -26.98
C GLU B 178 34.64 12.65 -27.63
N LEU B 179 35.73 12.05 -28.12
CA LEU B 179 35.65 10.72 -28.74
C LEU B 179 35.50 9.62 -27.69
N LEU B 180 35.60 10.00 -26.42
CA LEU B 180 35.24 9.07 -25.35
C LEU B 180 33.74 8.93 -25.12
N ASN B 181 32.93 9.91 -25.52
CA ASN B 181 31.48 9.82 -25.26
C ASN B 181 30.86 8.53 -25.74
N ASN B 182 30.14 7.87 -24.82
CA ASN B 182 29.24 6.75 -25.10
C ASN B 182 29.98 5.51 -25.58
N GLN B 183 31.27 5.39 -25.25
CA GLN B 183 32.05 4.24 -25.73
C GLN B 183 32.17 3.18 -24.64
N PHE B 184 31.48 3.34 -23.52
CA PHE B 184 31.75 2.47 -22.37
C PHE B 184 30.55 1.72 -21.78
N GLY B 185 29.45 1.74 -22.50
CA GLY B 185 28.18 1.17 -21.99
C GLY B 185 28.16 -0.34 -22.12
N THR B 186 27.50 -1.02 -21.17
CA THR B 186 27.24 -2.44 -21.30
C THR B 186 25.98 -2.71 -22.10
N MET B 187 26.03 -3.80 -22.87
CA MET B 187 24.94 -4.22 -23.73
C MET B 187 24.73 -5.70 -23.46
N PRO B 188 23.47 -6.13 -23.23
CA PRO B 188 23.22 -7.51 -22.89
C PRO B 188 23.68 -8.54 -23.96
N SER B 189 23.48 -8.29 -25.25
CA SER B 189 24.00 -9.26 -26.23
C SER B 189 25.53 -9.45 -26.19
N LEU B 190 26.26 -8.36 -25.99
CA LEU B 190 27.75 -8.42 -25.84
C LEU B 190 28.14 -9.20 -24.58
N THR B 191 27.50 -8.85 -23.46
CA THR B 191 27.74 -9.55 -22.20
C THR B 191 27.50 -11.04 -22.39
N LEU B 192 26.38 -11.41 -23.03
CA LEU B 192 26.10 -12.82 -23.27
C LEU B 192 27.12 -13.46 -24.18
N ALA B 193 27.51 -12.78 -25.26
CA ALA B 193 28.45 -13.41 -26.21
C ALA B 193 29.82 -13.59 -25.55
N CYS B 194 30.20 -12.62 -24.73
CA CYS B 194 31.51 -12.72 -24.06
C CYS B 194 31.57 -13.76 -22.93
N LEU B 195 30.51 -13.88 -22.10
CA LEU B 195 30.45 -14.96 -21.11
C LEU B 195 30.58 -16.33 -21.80
N THR B 196 29.78 -16.55 -22.84
CA THR B 196 29.83 -17.75 -23.68
C THR B 196 31.22 -18.04 -24.26
N LYS B 197 31.73 -17.12 -25.06
CA LYS B 197 32.99 -17.37 -25.72
C LYS B 197 34.21 -17.33 -24.81
N GLN B 198 34.29 -16.33 -23.93
CA GLN B 198 35.48 -16.19 -23.08
C GLN B 198 35.47 -17.09 -21.86
N GLY B 199 34.28 -17.51 -21.46
CA GLY B 199 34.14 -18.43 -20.32
C GLY B 199 34.01 -19.89 -20.73
N GLN B 200 33.96 -20.13 -22.04
CA GLN B 200 33.97 -21.50 -22.60
C GLN B 200 32.81 -22.39 -22.08
N VAL B 201 31.60 -21.87 -22.18
CA VAL B 201 30.41 -22.64 -21.85
C VAL B 201 29.51 -22.55 -23.02
N ASP B 202 28.49 -23.41 -23.06
CA ASP B 202 27.43 -23.30 -24.03
C ASP B 202 26.59 -22.05 -23.85
N LEU B 203 26.14 -21.48 -24.98
CA LEU B 203 25.33 -20.29 -24.96
C LEU B 203 24.13 -20.51 -24.05
N ASN B 204 23.53 -21.69 -24.16
CA ASN B 204 22.38 -22.05 -23.35
C ASN B 204 22.62 -21.98 -21.85
N ASP B 205 23.80 -22.42 -21.42
CA ASP B 205 24.11 -22.38 -20.00
C ASP B 205 24.33 -20.95 -19.55
N ALA B 206 24.84 -20.12 -20.46
CA ALA B 206 24.99 -18.69 -20.18
C ALA B 206 23.65 -18.00 -20.05
N VAL B 207 22.73 -18.33 -20.95
CA VAL B 207 21.40 -17.76 -20.88
C VAL B 207 20.76 -18.12 -19.53
N GLN B 208 20.94 -19.37 -19.14
CA GLN B 208 20.29 -19.87 -17.94
C GLN B 208 20.76 -19.22 -16.69
N ALA B 209 22.08 -19.02 -16.58
CA ALA B 209 22.64 -18.37 -15.44
C ALA B 209 22.12 -16.94 -15.31
N LEU B 210 22.06 -16.25 -16.43
CA LEU B 210 21.55 -14.88 -16.49
C LEU B 210 20.05 -14.80 -16.18
N THR B 211 19.29 -15.78 -16.66
CA THR B 211 17.84 -15.83 -16.40
C THR B 211 17.60 -15.85 -14.90
N ASP B 212 18.39 -16.68 -14.20
CA ASP B 212 18.29 -16.82 -12.75
C ASP B 212 18.57 -15.53 -11.97
N LEU B 213 19.60 -14.81 -12.41
CA LEU B 213 19.91 -13.49 -11.89
C LEU B 213 18.75 -12.53 -12.18
N GLY B 214 18.26 -12.53 -13.42
CA GLY B 214 17.06 -11.80 -13.84
C GLY B 214 15.87 -12.05 -12.91
N LEU B 215 15.63 -13.32 -12.58
CA LEU B 215 14.52 -13.66 -11.68
C LEU B 215 14.71 -13.06 -10.27
N ILE B 216 15.93 -13.08 -9.74
CA ILE B 216 16.13 -12.51 -8.40
C ILE B 216 15.79 -11.01 -8.39
N TYR B 217 16.13 -10.37 -9.51
CA TYR B 217 15.99 -8.95 -9.72
C TYR B 217 14.55 -8.46 -9.78
N THR B 218 13.61 -9.39 -10.00
CA THR B 218 12.18 -9.05 -9.95
C THR B 218 11.78 -8.62 -8.53
N ALA B 219 12.58 -9.04 -7.56
CA ALA B 219 12.22 -9.01 -6.14
C ALA B 219 13.15 -8.16 -5.29
N LYS B 220 14.40 -8.03 -5.73
CA LYS B 220 15.47 -7.39 -4.96
C LYS B 220 16.67 -7.04 -5.86
N TYR B 221 17.49 -6.08 -5.48
CA TYR B 221 18.82 -6.03 -6.16
C TYR B 221 19.73 -7.22 -5.78
N PRO B 222 20.22 -7.99 -6.79
CA PRO B 222 21.03 -9.13 -6.33
C PRO B 222 22.34 -8.67 -5.69
N ASN B 223 22.73 -9.30 -4.59
CA ASN B 223 24.01 -8.98 -3.95
C ASN B 223 25.00 -10.13 -4.10
N THR B 224 26.21 -9.94 -3.57
CA THR B 224 27.26 -10.95 -3.68
C THR B 224 26.82 -12.29 -3.08
N SER B 225 26.09 -12.21 -1.97
CA SER B 225 25.61 -13.40 -1.28
C SER B 225 24.64 -14.16 -2.20
N ASP B 226 23.70 -13.44 -2.82
CA ASP B 226 22.80 -14.10 -3.77
C ASP B 226 23.56 -14.71 -4.95
N LEU B 227 24.54 -13.97 -5.48
CA LEU B 227 25.34 -14.44 -6.63
C LEU B 227 26.21 -15.67 -6.27
N ASP B 228 26.78 -15.68 -5.06
CA ASP B 228 27.43 -16.88 -4.52
C ASP B 228 26.55 -18.13 -4.65
N ARG B 229 25.31 -18.06 -4.15
CA ARG B 229 24.40 -19.20 -4.24
C ARG B 229 24.14 -19.61 -5.68
N LEU B 230 24.04 -18.63 -6.58
CA LEU B 230 23.83 -18.93 -8.01
C LEU B 230 25.03 -19.61 -8.67
N THR B 231 26.24 -19.27 -8.26
CA THR B 231 27.44 -19.83 -8.90
C THR B 231 27.63 -21.34 -8.72
N GLN B 232 27.07 -21.91 -7.66
CA GLN B 232 27.09 -23.39 -7.49
C GLN B 232 26.30 -24.04 -8.64
N SER B 233 25.16 -23.43 -8.98
CA SER B 233 24.32 -23.85 -10.10
C SER B 233 25.00 -23.56 -11.47
N HIS B 234 25.55 -22.37 -11.62
CA HIS B 234 26.11 -21.94 -12.91
C HIS B 234 27.51 -21.36 -12.70
N PRO B 235 28.56 -22.22 -12.86
CA PRO B 235 29.94 -21.77 -12.60
C PRO B 235 30.28 -20.58 -13.50
N ILE B 236 29.55 -20.43 -14.61
CA ILE B 236 29.83 -19.27 -15.50
C ILE B 236 29.73 -17.93 -14.75
N LEU B 237 28.88 -17.85 -13.72
CA LEU B 237 28.81 -16.61 -12.89
C LEU B 237 30.05 -16.27 -12.07
N ASN B 238 31.02 -17.18 -12.03
CA ASN B 238 32.29 -16.91 -11.34
C ASN B 238 33.12 -15.80 -12.02
N MET B 239 32.74 -15.46 -13.26
CA MET B 239 33.46 -14.47 -14.07
C MET B 239 33.11 -13.07 -13.60
N ILE B 240 31.98 -12.96 -12.91
CA ILE B 240 31.50 -11.69 -12.40
C ILE B 240 32.31 -11.16 -11.22
N ASP B 241 32.83 -9.96 -11.39
CA ASP B 241 33.52 -9.28 -10.30
C ASP B 241 32.47 -8.46 -9.55
N THR B 242 32.34 -8.71 -8.25
CA THR B 242 31.36 -7.96 -7.47
C THR B 242 31.91 -6.62 -6.94
N LYS B 243 33.24 -6.43 -7.06
CA LYS B 243 33.90 -5.19 -6.66
C LYS B 243 33.85 -4.09 -7.72
N LYS B 244 33.67 -4.45 -8.98
CA LYS B 244 33.55 -3.44 -10.05
C LYS B 244 32.17 -2.75 -10.08
N SER B 245 32.16 -1.45 -10.36
CA SER B 245 30.93 -0.71 -10.61
C SER B 245 30.94 -0.21 -12.06
N SER B 246 29.83 0.36 -12.52
CA SER B 246 29.75 0.85 -13.90
C SER B 246 30.73 2.00 -14.16
N LEU B 247 31.25 2.59 -13.08
CA LEU B 247 32.26 3.64 -13.19
C LEU B 247 33.61 3.03 -13.60
N ASN B 248 33.84 1.79 -13.17
CA ASN B 248 35.09 1.07 -13.34
C ASN B 248 35.21 0.26 -14.65
N ILE B 249 34.09 0.11 -15.37
CA ILE B 249 34.00 -0.86 -16.50
C ILE B 249 33.70 -0.34 -17.94
N SER B 250 34.01 -1.17 -18.93
CA SER B 250 33.52 -0.99 -20.28
C SER B 250 32.47 -2.06 -20.54
N GLY B 251 31.82 -1.97 -21.70
CA GLY B 251 30.98 -3.08 -22.20
C GLY B 251 31.68 -4.45 -22.29
N TYR B 252 33.01 -4.49 -22.22
CA TYR B 252 33.76 -5.77 -22.30
C TYR B 252 34.13 -6.35 -20.95
N ASN B 253 33.63 -5.76 -19.88
CA ASN B 253 33.97 -6.22 -18.54
C ASN B 253 32.75 -6.82 -17.87
N PHE B 254 32.97 -7.65 -16.85
CA PHE B 254 31.88 -8.46 -16.27
C PHE B 254 31.47 -8.02 -14.86
N SER B 255 30.91 -6.82 -14.72
CA SER B 255 30.34 -6.39 -13.47
C SER B 255 29.03 -7.11 -13.19
N LEU B 256 28.65 -7.13 -11.92
CA LEU B 256 27.33 -7.57 -11.56
C LEU B 256 26.26 -6.70 -12.26
N GLY B 257 26.49 -5.40 -12.32
CA GLY B 257 25.59 -4.52 -13.11
C GLY B 257 25.33 -4.97 -14.54
N ALA B 258 26.39 -5.29 -15.27
CA ALA B 258 26.23 -5.83 -16.62
C ALA B 258 25.42 -7.11 -16.64
N ALA B 259 25.70 -8.02 -15.70
CA ALA B 259 25.01 -9.33 -15.67
C ALA B 259 23.54 -9.16 -15.33
N VAL B 260 23.23 -8.29 -14.37
CA VAL B 260 21.84 -8.04 -13.99
C VAL B 260 21.03 -7.44 -15.14
N LYS B 261 21.61 -6.47 -15.83
CA LYS B 261 20.97 -5.88 -16.97
C LYS B 261 20.70 -6.95 -18.07
N ALA B 262 21.65 -7.85 -18.30
CA ALA B 262 21.38 -8.96 -19.25
C ALA B 262 20.31 -9.90 -18.77
N GLY B 263 20.41 -10.34 -17.53
CA GLY B 263 19.36 -11.21 -16.96
C GLY B 263 17.98 -10.61 -17.04
N ALA B 264 17.89 -9.29 -16.91
CA ALA B 264 16.62 -8.57 -17.01
C ALA B 264 15.92 -8.81 -18.34
N CYS B 265 16.71 -9.02 -19.39
CA CYS B 265 16.26 -9.16 -20.76
C CYS B 265 15.79 -10.57 -21.12
N MET B 266 16.10 -11.52 -20.23
CA MET B 266 15.82 -12.94 -20.45
C MET B 266 14.40 -13.35 -19.99
N LEU B 267 13.64 -12.42 -19.42
CA LEU B 267 12.35 -12.83 -18.90
C LEU B 267 11.25 -12.56 -19.94
N ASP B 268 10.45 -13.57 -20.23
CA ASP B 268 9.28 -13.30 -21.05
C ASP B 268 8.15 -13.21 -20.03
N GLY B 269 8.08 -12.02 -19.43
CA GLY B 269 7.46 -11.80 -18.12
C GLY B 269 7.35 -10.34 -17.64
N GLY B 270 8.26 -9.87 -16.78
CA GLY B 270 7.90 -8.84 -15.77
C GLY B 270 8.36 -7.38 -15.59
N ASN B 271 8.05 -6.52 -16.56
CA ASN B 271 8.14 -5.04 -16.42
C ASN B 271 9.52 -4.47 -16.14
N MET B 272 10.52 -5.13 -16.71
CA MET B 272 11.91 -4.77 -16.47
C MET B 272 12.16 -3.44 -17.19
N LEU B 273 12.71 -2.45 -16.49
CA LEU B 273 13.01 -1.15 -17.13
C LEU B 273 13.97 -1.29 -18.33
N GLU B 274 14.81 -2.32 -18.29
CA GLU B 274 15.87 -2.57 -19.30
C GLU B 274 15.28 -2.87 -20.68
N THR B 275 14.02 -3.30 -20.72
CA THR B 275 13.36 -3.59 -21.99
C THR B 275 12.57 -2.42 -22.61
N ILE B 276 12.74 -1.20 -22.08
CA ILE B 276 11.94 -0.06 -22.59
C ILE B 276 12.44 0.40 -23.96
N LYS B 277 11.52 0.59 -24.90
CA LYS B 277 11.89 1.20 -26.16
C LYS B 277 11.40 2.66 -26.19
N VAL B 278 12.21 3.58 -26.69
CA VAL B 278 11.70 4.93 -26.91
C VAL B 278 11.67 5.24 -28.41
N SER B 279 10.61 5.93 -28.82
CA SER B 279 10.47 6.49 -30.15
C SER B 279 10.07 7.95 -29.93
N PRO B 280 10.24 8.77 -30.97
CA PRO B 280 9.77 10.16 -30.86
C PRO B 280 8.28 10.27 -30.53
N GLN B 281 7.52 9.19 -30.72
CA GLN B 281 6.12 9.23 -30.36
C GLN B 281 5.86 8.94 -28.90
N THR B 282 6.76 8.20 -28.23
CA THR B 282 6.53 7.89 -26.83
C THR B 282 7.42 8.65 -25.82
N MET B 283 8.44 9.37 -26.31
CA MET B 283 9.39 10.10 -25.39
C MET B 283 8.70 10.95 -24.37
N ASP B 284 7.81 11.83 -24.81
CA ASP B 284 7.26 12.81 -23.91
C ASP B 284 6.46 12.10 -22.82
N GLY B 285 5.78 11.03 -23.18
CA GLY B 285 4.90 10.32 -22.24
C GLY B 285 5.71 9.51 -21.22
N ILE B 286 6.75 8.88 -21.68
CA ILE B 286 7.69 8.17 -20.82
C ILE B 286 8.28 9.17 -19.80
N LEU B 287 8.72 10.31 -20.28
CA LEU B 287 9.21 11.37 -19.39
C LEU B 287 8.11 11.84 -18.41
N LYS B 288 6.86 11.95 -18.88
CA LYS B 288 5.77 12.37 -18.03
C LYS B 288 5.55 11.35 -16.91
N SER B 289 5.63 10.08 -17.26
CA SER B 289 5.49 8.99 -16.32
C SER B 289 6.65 9.01 -15.27
N ILE B 290 7.84 9.36 -15.72
CA ILE B 290 9.00 9.47 -14.80
C ILE B 290 8.76 10.59 -13.79
N LEU B 291 8.30 11.74 -14.26
CA LEU B 291 8.00 12.88 -13.40
C LEU B 291 6.90 12.57 -12.38
N LYS B 292 5.89 11.77 -12.75
CA LYS B 292 4.88 11.31 -11.79
C LYS B 292 5.49 10.51 -10.63
N VAL B 293 6.29 9.49 -10.94
CA VAL B 293 7.09 8.80 -9.92
C VAL B 293 8.06 9.72 -9.18
N LYS B 294 8.68 10.67 -9.89
CA LYS B 294 9.59 11.63 -9.21
C LYS B 294 8.85 12.33 -8.07
N LYS B 295 7.63 12.79 -8.37
CA LYS B 295 6.87 13.61 -7.40
C LYS B 295 6.34 12.71 -6.31
N ALA B 296 5.85 11.53 -6.71
CA ALA B 296 5.32 10.52 -5.76
C ALA B 296 6.31 10.04 -4.69
N LEU B 297 7.56 9.84 -5.08
CA LEU B 297 8.60 9.29 -4.22
C LEU B 297 9.58 10.38 -3.71
N GLY B 298 9.53 11.58 -4.27
CA GLY B 298 10.55 12.63 -3.96
C GLY B 298 11.92 12.24 -4.51
N MET B 299 11.95 11.69 -5.74
CA MET B 299 13.25 11.35 -6.36
C MET B 299 13.98 12.63 -6.71
N PHE B 300 15.30 12.57 -6.85
CA PHE B 300 16.08 13.77 -7.14
C PHE B 300 17.34 13.40 -7.90
N ILE B 301 17.90 14.40 -8.54
CA ILE B 301 19.27 14.35 -9.00
C ILE B 301 20.23 14.76 -7.88
N SER B 302 21.24 13.93 -7.63
CA SER B 302 22.26 14.15 -6.60
C SER B 302 23.19 15.25 -7.02
N ASP B 303 23.76 15.91 -6.02
CA ASP B 303 24.77 16.93 -6.21
C ASP B 303 26.19 16.37 -6.24
N THR B 304 26.34 15.10 -5.94
CA THR B 304 27.67 14.46 -5.89
C THR B 304 27.93 13.62 -7.15
N PRO B 305 29.21 13.61 -7.61
CA PRO B 305 29.51 12.85 -8.83
C PRO B 305 29.65 11.34 -8.52
N GLY B 306 29.83 10.50 -9.53
CA GLY B 306 29.95 9.04 -9.27
C GLY B 306 28.66 8.29 -9.58
N GLU B 307 28.35 7.24 -8.83
CA GLU B 307 27.28 6.31 -9.21
C GLU B 307 25.88 6.93 -9.29
N ARG B 308 25.09 6.48 -10.25
CA ARG B 308 23.75 7.05 -10.43
C ARG B 308 22.71 6.33 -9.62
N ASN B 309 21.82 7.12 -9.06
CA ASN B 309 20.58 6.58 -8.54
C ASN B 309 19.61 6.21 -9.75
N PRO B 310 18.59 5.39 -9.51
CA PRO B 310 17.62 4.96 -10.56
C PRO B 310 17.07 6.11 -11.41
N TYR B 311 16.80 7.26 -10.78
CA TYR B 311 16.23 8.42 -11.48
C TYR B 311 17.26 9.14 -12.38
N GLU B 312 18.47 9.36 -11.85
CA GLU B 312 19.53 9.96 -12.62
C GLU B 312 19.77 9.10 -13.84
N ASN B 313 19.72 7.78 -13.63
CA ASN B 313 20.10 6.81 -14.65
C ASN B 313 19.06 6.72 -15.81
N ILE B 314 17.79 6.57 -15.46
CA ILE B 314 16.71 6.54 -16.45
C ILE B 314 16.63 7.85 -17.24
N LEU B 315 16.82 8.97 -16.56
CA LEU B 315 16.71 10.27 -17.24
C LEU B 315 17.85 10.47 -18.23
N TYR B 316 19.10 10.25 -17.79
CA TYR B 316 20.23 10.23 -18.70
C TYR B 316 20.00 9.29 -19.91
N LYS B 317 19.57 8.05 -19.68
CA LYS B 317 19.46 7.08 -20.78
C LYS B 317 18.38 7.42 -21.82
N ILE B 318 17.23 7.88 -21.33
CA ILE B 318 16.16 8.31 -22.23
C ILE B 318 16.58 9.56 -23.02
N CYS B 319 17.14 10.57 -22.35
CA CYS B 319 17.47 11.82 -23.04
C CYS B 319 18.64 11.70 -24.05
N LEU B 320 19.38 10.61 -24.01
CA LEU B 320 20.50 10.44 -24.96
C LEU B 320 20.03 10.27 -26.39
N SER B 321 18.86 9.67 -26.56
CA SER B 321 18.30 9.44 -27.88
C SER B 321 16.82 9.10 -27.78
N GLY B 322 16.01 9.88 -28.48
CA GLY B 322 14.60 9.54 -28.65
C GLY B 322 14.33 8.41 -29.62
N ASP B 323 15.33 7.58 -29.92
CA ASP B 323 15.11 6.43 -30.83
C ASP B 323 16.05 5.25 -30.56
N GLY B 324 15.59 4.32 -29.74
CA GLY B 324 16.39 3.17 -29.38
C GLY B 324 15.87 2.47 -28.15
N TRP B 325 16.73 1.70 -27.52
CA TRP B 325 16.40 0.99 -26.30
C TRP B 325 17.41 1.57 -25.32
N PRO B 326 16.96 2.48 -24.42
CA PRO B 326 17.88 3.32 -23.63
C PRO B 326 18.86 2.54 -22.76
N TYR B 327 18.45 1.39 -22.25
CA TYR B 327 19.27 0.62 -21.33
C TYR B 327 20.17 -0.39 -22.04
N ILE B 328 19.74 -0.91 -23.16
CA ILE B 328 20.33 -2.17 -23.65
C ILE B 328 20.77 -2.18 -25.11
N ALA B 329 20.40 -1.18 -25.88
CA ALA B 329 20.88 -1.15 -27.26
C ALA B 329 22.35 -0.70 -27.33
N SER B 330 23.00 -0.96 -28.47
CA SER B 330 24.31 -0.36 -28.75
C SER B 330 24.13 1.13 -28.93
N ARG B 331 24.89 1.88 -28.15
CA ARG B 331 24.76 3.32 -28.07
C ARG B 331 26.08 3.97 -28.54
N THR B 332 26.97 3.17 -29.14
CA THR B 332 28.34 3.64 -29.30
C THR B 332 28.47 4.43 -30.57
N SER B 333 27.46 4.43 -31.42
CA SER B 333 27.59 5.31 -32.55
C SER B 333 26.96 6.69 -32.22
N ILE B 334 26.34 6.80 -31.05
CA ILE B 334 25.71 8.09 -30.62
C ILE B 334 26.75 9.13 -30.28
N THR B 335 26.62 10.29 -30.94
CA THR B 335 27.49 11.42 -30.69
C THR B 335 26.73 12.28 -29.71
N GLY B 336 27.46 12.94 -28.83
CA GLY B 336 26.83 13.96 -28.00
C GLY B 336 26.40 13.44 -26.65
N ARG B 337 26.06 14.40 -25.80
CA ARG B 337 25.56 14.10 -24.47
C ARG B 337 24.04 14.17 -24.42
N ALA B 338 23.45 13.60 -23.38
CA ALA B 338 22.01 13.68 -23.21
C ALA B 338 21.47 15.11 -23.09
N TRP B 339 22.23 16.04 -22.49
CA TRP B 339 21.73 17.40 -22.39
C TRP B 339 21.93 18.14 -23.71
N GLU B 340 22.70 17.56 -24.61
CA GLU B 340 22.75 18.07 -25.98
C GLU B 340 21.65 17.46 -26.88
N ASN B 341 21.27 16.21 -26.62
CA ASN B 341 20.39 15.49 -27.56
C ASN B 341 18.93 15.68 -27.30
N THR B 342 18.62 16.09 -26.07
CA THR B 342 17.29 16.40 -25.64
C THR B 342 17.34 17.79 -25.00
N VAL B 343 16.60 18.73 -25.58
CA VAL B 343 16.60 20.11 -25.03
C VAL B 343 15.18 20.51 -24.76
N VAL B 344 14.99 21.45 -23.83
CA VAL B 344 13.69 21.87 -23.38
C VAL B 344 13.41 23.21 -24.00
N ASP B 345 12.31 23.34 -24.73
CA ASP B 345 11.95 24.65 -25.33
C ASP B 345 10.73 25.35 -24.74
N LEU B 346 10.97 26.50 -24.13
CA LEU B 346 9.93 27.50 -23.95
C LEU B 346 10.50 28.91 -24.10
N GLY B 372 25.81 35.19 -12.84
CA GLY B 372 25.83 34.27 -11.68
C GLY B 372 25.74 32.80 -12.08
N LEU B 373 26.80 32.05 -11.82
CA LEU B 373 26.78 30.60 -11.99
C LEU B 373 25.91 29.93 -10.91
N THR B 374 25.25 28.83 -11.23
CA THR B 374 24.53 28.02 -10.22
C THR B 374 25.50 27.23 -9.32
N TYR B 375 24.98 26.68 -8.22
CA TYR B 375 25.75 25.75 -7.38
C TYR B 375 26.38 24.63 -8.21
N SER B 376 25.59 24.03 -9.08
CA SER B 376 26.01 22.91 -9.93
C SER B 376 27.18 23.31 -10.79
N GLN B 377 27.06 24.50 -11.39
CA GLN B 377 28.15 25.06 -12.20
C GLN B 377 29.42 25.35 -11.45
N LEU B 378 29.27 25.92 -10.25
CA LEU B 378 30.40 26.26 -9.44
C LEU B 378 31.20 25.00 -9.01
N MET B 379 30.49 23.91 -8.72
CA MET B 379 31.13 22.66 -8.41
C MET B 379 31.90 22.12 -9.62
N THR B 380 31.32 22.22 -10.82
CA THR B 380 32.06 21.82 -12.03
C THR B 380 33.35 22.63 -12.20
N LEU B 381 33.24 23.94 -12.03
CA LEU B 381 34.35 24.85 -12.20
C LEU B 381 35.48 24.57 -11.17
N LYS B 382 35.12 24.37 -9.90
CA LYS B 382 36.04 24.01 -8.79
C LYS B 382 36.86 22.75 -9.08
N ASP B 383 36.17 21.71 -9.52
CA ASP B 383 36.79 20.45 -9.91
C ASP B 383 37.62 20.58 -11.19
N ALA B 384 37.12 21.31 -12.20
CA ALA B 384 37.96 21.59 -13.41
C ALA B 384 39.27 22.33 -13.05
N MET B 385 39.21 23.27 -12.10
CA MET B 385 40.39 24.01 -11.60
C MET B 385 41.48 23.14 -10.96
N LEU B 386 41.08 21.99 -10.43
CA LEU B 386 42.01 21.02 -9.84
C LEU B 386 43.11 20.52 -10.78
N GLN B 387 42.96 20.74 -12.08
CA GLN B 387 43.93 20.35 -13.11
C GLN B 387 45.18 21.26 -13.04
N LEU B 388 44.99 22.52 -12.63
CA LEU B 388 46.09 23.48 -12.46
C LEU B 388 47.13 23.05 -11.44
N ASP B 389 48.39 23.31 -11.79
CA ASP B 389 49.54 23.22 -10.88
C ASP B 389 49.70 24.59 -10.23
N PRO B 390 49.31 24.73 -8.95
CA PRO B 390 49.38 26.04 -8.26
C PRO B 390 50.81 26.61 -8.16
N ASN B 391 51.81 25.77 -8.41
CA ASN B 391 53.20 26.16 -8.24
C ASN B 391 53.85 26.64 -9.56
N ALA B 392 53.22 26.34 -10.69
CA ALA B 392 53.81 26.49 -12.02
C ALA B 392 53.72 27.92 -12.49
N LYS B 393 54.58 28.25 -13.45
CA LYS B 393 54.57 29.55 -14.10
C LYS B 393 53.19 29.70 -14.78
N THR B 394 52.50 30.81 -14.52
CA THR B 394 51.12 30.97 -15.00
C THR B 394 51.04 32.37 -15.56
N TRP B 395 50.74 32.46 -16.84
CA TRP B 395 50.53 33.77 -17.46
C TRP B 395 49.10 34.20 -17.32
N MET B 396 48.86 35.52 -17.20
CA MET B 396 47.52 36.02 -17.36
C MET B 396 47.51 37.21 -18.32
N ASP B 397 46.40 37.39 -19.04
CA ASP B 397 46.25 38.54 -19.92
C ASP B 397 44.77 38.76 -20.13
N ILE B 398 44.36 40.00 -20.38
CA ILE B 398 42.93 40.32 -20.61
C ILE B 398 42.74 41.21 -21.83
N GLU B 399 41.54 41.16 -22.43
CA GLU B 399 41.16 42.21 -23.37
C GLU B 399 40.06 43.01 -22.75
N GLY B 400 39.97 44.28 -23.12
CA GLY B 400 39.07 45.22 -22.45
C GLY B 400 39.81 45.83 -21.27
N ARG B 401 39.24 46.89 -20.70
CA ARG B 401 39.85 47.54 -19.56
C ARG B 401 39.68 46.67 -18.29
N PRO B 402 40.56 46.86 -17.29
CA PRO B 402 40.48 45.95 -16.11
C PRO B 402 39.21 46.10 -15.27
N GLU B 403 38.59 47.28 -15.33
CA GLU B 403 37.29 47.50 -14.68
C GLU B 403 36.11 47.07 -15.58
N ASP B 404 36.41 46.67 -16.83
CA ASP B 404 35.39 46.20 -17.77
C ASP B 404 35.92 45.11 -18.75
N PRO B 405 36.34 43.94 -18.23
CA PRO B 405 37.02 42.97 -19.10
C PRO B 405 36.07 42.18 -19.98
N VAL B 406 36.46 41.92 -21.23
CA VAL B 406 35.60 41.15 -22.11
C VAL B 406 36.24 39.81 -22.44
N GLU B 407 37.57 39.72 -22.33
CA GLU B 407 38.23 38.43 -22.57
C GLU B 407 39.34 38.19 -21.55
N ILE B 408 39.37 37.02 -20.92
CA ILE B 408 40.39 36.74 -19.90
C ILE B 408 40.98 35.39 -20.22
N ALA B 409 42.31 35.26 -20.06
CA ALA B 409 43.02 34.04 -20.26
C ALA B 409 44.15 33.83 -19.24
N LEU B 410 44.34 32.61 -18.79
CA LEU B 410 45.50 32.25 -18.00
C LEU B 410 46.11 31.02 -18.68
N TYR B 411 47.44 30.87 -18.59
CA TYR B 411 48.15 29.84 -19.35
C TYR B 411 49.34 29.33 -18.58
N GLN B 412 49.39 27.99 -18.36
CA GLN B 412 50.56 27.32 -17.72
C GLN B 412 51.35 26.52 -18.75
N PRO B 413 52.45 27.09 -19.28
CA PRO B 413 53.11 26.52 -20.46
C PRO B 413 53.68 25.11 -20.22
N SER B 414 54.00 24.79 -18.97
CA SER B 414 54.71 23.58 -18.64
C SER B 414 53.81 22.36 -18.84
N SER B 415 52.57 22.47 -18.38
CA SER B 415 51.60 21.39 -18.56
C SER B 415 50.72 21.62 -19.77
N GLY B 416 50.69 22.86 -20.25
CA GLY B 416 49.90 23.28 -21.41
C GLY B 416 48.42 23.55 -21.16
N CYS B 417 48.01 23.72 -19.92
CA CYS B 417 46.61 24.04 -19.75
C CYS B 417 46.30 25.55 -19.75
N TYR B 418 45.09 25.88 -20.15
CA TYR B 418 44.70 27.28 -20.22
C TYR B 418 43.29 27.45 -19.73
N ILE B 419 43.09 28.60 -19.12
CA ILE B 419 41.78 29.14 -18.84
C ILE B 419 41.49 30.26 -19.85
N HIS B 420 40.29 30.27 -20.41
CA HIS B 420 39.92 31.23 -21.43
C HIS B 420 38.40 31.47 -21.42
N PHE B 421 37.96 32.70 -21.16
CA PHE B 421 36.53 32.97 -21.18
C PHE B 421 36.20 34.44 -21.48
N PHE B 422 34.91 34.74 -21.57
CA PHE B 422 34.47 36.02 -22.06
C PHE B 422 33.51 36.68 -21.10
N ARG B 423 33.35 38.00 -21.23
CA ARG B 423 32.39 38.74 -20.45
C ARG B 423 31.80 39.84 -21.33
N GLU B 424 30.51 40.09 -21.13
CA GLU B 424 29.83 41.15 -21.85
C GLU B 424 30.19 42.48 -21.24
N PRO B 425 30.45 43.50 -22.08
CA PRO B 425 30.83 44.74 -21.47
C PRO B 425 29.64 45.54 -20.91
N THR B 426 29.93 46.35 -19.91
CA THR B 426 29.07 47.42 -19.42
C THR B 426 29.20 48.70 -20.31
N ASP B 427 30.43 49.15 -20.59
CA ASP B 427 30.66 50.43 -21.30
C ASP B 427 30.78 50.18 -22.80
N LEU B 428 29.66 50.24 -23.53
CA LEU B 428 29.66 49.88 -24.93
C LEU B 428 30.43 50.88 -25.82
N LYS B 429 30.50 52.14 -25.38
CA LYS B 429 31.28 53.21 -26.06
C LYS B 429 32.77 52.87 -26.12
N GLN B 430 33.31 52.49 -24.97
CA GLN B 430 34.72 52.16 -24.85
C GLN B 430 35.02 50.81 -25.50
N PHE B 431 34.10 49.86 -25.38
CA PHE B 431 34.22 48.58 -26.04
C PHE B 431 34.45 48.72 -27.55
N LYS B 432 33.70 49.61 -28.20
CA LYS B 432 33.77 49.87 -29.65
C LYS B 432 35.11 50.38 -30.09
N GLN B 433 35.70 51.26 -29.28
CA GLN B 433 37.07 51.75 -29.45
C GLN B 433 38.08 50.61 -29.30
N ASP B 434 37.96 49.83 -28.22
CA ASP B 434 38.83 48.64 -28.03
C ASP B 434 38.65 47.63 -29.17
N ALA B 435 37.46 47.60 -29.76
CA ALA B 435 37.21 46.67 -30.85
C ALA B 435 37.95 47.10 -32.13
N LYS B 436 37.99 48.40 -32.38
CA LYS B 436 38.67 48.94 -33.53
C LYS B 436 40.16 48.89 -33.37
N TYR B 437 40.65 49.04 -32.14
CA TYR B 437 42.08 49.23 -31.97
C TYR B 437 42.79 48.10 -31.25
N SER B 438 42.07 47.08 -30.82
CA SER B 438 42.75 46.00 -30.07
C SER B 438 42.19 44.62 -30.44
N HIS B 439 40.93 44.37 -30.08
CA HIS B 439 40.48 43.01 -29.99
C HIS B 439 39.55 42.58 -31.11
N GLY B 440 38.93 43.53 -31.81
CA GLY B 440 38.03 43.20 -32.94
C GLY B 440 36.84 42.33 -32.62
N ILE B 441 36.37 42.39 -31.39
CA ILE B 441 35.28 41.48 -31.03
C ILE B 441 33.96 42.23 -31.31
N ASP B 442 33.03 41.53 -31.96
CA ASP B 442 31.66 41.99 -32.13
C ASP B 442 30.90 41.76 -30.79
N VAL B 443 30.37 42.83 -30.17
CA VAL B 443 29.56 42.67 -28.92
C VAL B 443 28.47 41.63 -28.95
N THR B 444 27.79 41.51 -30.09
CA THR B 444 26.67 40.58 -30.23
C THR B 444 27.14 39.13 -30.12
N ASP B 445 28.40 38.87 -30.47
CA ASP B 445 28.95 37.51 -30.23
C ASP B 445 29.20 37.20 -28.74
N LEU B 446 29.18 38.22 -27.89
CA LEU B 446 29.31 37.97 -26.46
C LEU B 446 27.98 37.67 -25.78
N PHE B 447 26.84 37.79 -26.48
CA PHE B 447 25.53 37.59 -25.84
C PHE B 447 25.40 36.15 -25.32
N ALA B 448 25.90 35.21 -26.10
CA ALA B 448 25.82 33.79 -25.74
C ALA B 448 26.81 33.33 -24.62
N THR B 449 27.67 34.23 -24.12
CA THR B 449 28.62 33.85 -23.05
C THR B 449 27.95 33.72 -21.68
N GLN B 450 28.51 32.82 -20.87
CA GLN B 450 28.03 32.59 -19.52
C GLN B 450 28.39 33.75 -18.61
N PRO B 451 27.37 34.41 -18.01
CA PRO B 451 27.76 35.45 -17.06
C PRO B 451 28.35 34.90 -15.74
N GLY B 452 29.09 35.74 -15.02
CA GLY B 452 29.54 35.40 -13.65
C GLY B 452 30.88 34.70 -13.55
N LEU B 453 31.45 34.35 -14.70
CA LEU B 453 32.68 33.61 -14.72
C LEU B 453 33.85 34.39 -14.18
N THR B 454 33.85 35.71 -14.38
CA THR B 454 35.00 36.51 -13.97
C THR B 454 35.28 36.37 -12.45
N SER B 455 34.23 36.65 -11.67
CA SER B 455 34.22 36.42 -10.23
C SER B 455 34.59 35.01 -9.88
N ALA B 456 33.83 34.07 -10.44
CA ALA B 456 33.93 32.65 -10.04
C ALA B 456 35.30 32.04 -10.33
N VAL B 457 35.84 32.28 -11.54
CA VAL B 457 37.16 31.79 -11.85
C VAL B 457 38.20 32.46 -10.96
N ILE B 458 38.14 33.78 -10.82
CA ILE B 458 39.14 34.48 -10.02
C ILE B 458 39.12 34.07 -8.54
N ASP B 459 37.94 33.79 -8.01
CA ASP B 459 37.76 33.27 -6.62
C ASP B 459 38.36 31.86 -6.42
N ALA B 460 38.43 31.10 -7.50
CA ALA B 460 38.82 29.70 -7.44
C ALA B 460 40.31 29.50 -7.70
N LEU B 461 41.00 30.57 -8.10
CA LEU B 461 42.44 30.51 -8.32
C LEU B 461 43.16 30.10 -7.04
N PRO B 462 44.09 29.13 -7.14
CA PRO B 462 44.90 28.70 -5.99
C PRO B 462 45.47 29.86 -5.19
N ARG B 463 45.39 29.72 -3.87
CA ARG B 463 45.98 30.67 -2.94
C ARG B 463 47.47 30.73 -3.16
N ASN B 464 48.06 31.92 -3.03
CA ASN B 464 49.50 32.15 -3.24
C ASN B 464 50.06 31.71 -4.59
N MET B 465 49.22 31.80 -5.62
CA MET B 465 49.71 31.54 -6.96
C MET B 465 50.47 32.80 -7.37
N VAL B 466 51.46 32.61 -8.21
CA VAL B 466 52.23 33.70 -8.71
C VAL B 466 51.86 33.86 -10.18
N ILE B 467 51.39 35.04 -10.57
CA ILE B 467 51.02 35.28 -11.99
C ILE B 467 52.00 36.19 -12.75
N THR B 468 52.40 35.73 -13.94
CA THR B 468 53.31 36.46 -14.82
C THR B 468 52.43 37.20 -15.84
N CYS B 469 52.69 38.48 -16.08
CA CYS B 469 51.96 39.22 -17.13
C CYS B 469 52.73 40.34 -17.77
N GLN B 470 52.18 40.84 -18.87
CA GLN B 470 52.81 41.86 -19.70
C GLN B 470 52.01 43.11 -19.45
N GLY B 471 52.47 43.92 -18.51
CA GLY B 471 51.64 44.99 -17.97
C GLY B 471 50.93 44.47 -16.71
N SER B 472 51.46 44.91 -15.57
CA SER B 472 51.09 44.48 -14.22
C SER B 472 49.94 45.24 -13.58
N ASP B 473 49.77 46.49 -13.97
CA ASP B 473 48.80 47.37 -13.31
C ASP B 473 47.36 46.97 -13.57
N ASP B 474 47.05 46.66 -14.83
CA ASP B 474 45.73 46.19 -15.26
C ASP B 474 45.27 44.91 -14.53
N ILE B 475 46.13 43.90 -14.54
CA ILE B 475 45.92 42.63 -13.85
C ILE B 475 45.69 42.83 -12.35
N ARG B 476 46.58 43.54 -11.67
CA ARG B 476 46.43 43.83 -10.23
C ARG B 476 45.06 44.41 -9.93
N LYS B 477 44.71 45.45 -10.66
CA LYS B 477 43.44 46.12 -10.52
C LYS B 477 42.27 45.16 -10.73
N LEU B 478 42.33 44.32 -11.76
CA LEU B 478 41.25 43.35 -11.97
C LEU B 478 41.14 42.35 -10.81
N LEU B 479 42.30 41.90 -10.31
CA LEU B 479 42.33 40.89 -9.29
C LEU B 479 41.81 41.53 -7.99
N GLU B 480 42.22 42.77 -7.72
CA GLU B 480 41.79 43.48 -6.51
C GLU B 480 40.29 43.74 -6.56
N SER B 481 39.78 44.18 -7.70
CA SER B 481 38.36 44.44 -7.86
C SER B 481 37.49 43.22 -7.56
N GLN B 482 38.03 42.02 -7.79
CA GLN B 482 37.29 40.78 -7.51
C GLN B 482 37.60 40.21 -6.16
N GLY B 483 38.32 40.97 -5.34
CA GLY B 483 38.63 40.57 -3.97
C GLY B 483 39.79 39.61 -3.80
N ARG B 484 40.76 39.62 -4.70
CA ARG B 484 41.94 38.79 -4.50
C ARG B 484 43.20 39.65 -4.39
N LYS B 485 43.61 39.98 -3.16
CA LYS B 485 44.79 40.84 -2.93
C LYS B 485 46.05 40.05 -2.58
N ASP B 486 45.95 38.72 -2.65
CA ASP B 486 46.96 37.81 -2.18
C ASP B 486 47.83 37.28 -3.31
N ILE B 487 47.37 37.44 -4.55
CA ILE B 487 48.08 36.88 -5.70
C ILE B 487 49.22 37.81 -6.07
N LYS B 488 50.42 37.26 -6.07
CA LYS B 488 51.63 37.98 -6.46
C LYS B 488 51.81 38.00 -7.97
N LEU B 489 52.35 39.13 -8.44
CA LEU B 489 52.46 39.41 -9.86
C LEU B 489 53.91 39.62 -10.29
N ILE B 490 54.28 38.99 -11.41
CA ILE B 490 55.57 39.24 -12.10
C ILE B 490 55.35 40.00 -13.42
N ASP B 491 55.83 41.24 -13.47
CA ASP B 491 55.67 42.05 -14.68
C ASP B 491 56.85 41.85 -15.59
N ILE B 492 56.60 41.49 -16.84
CA ILE B 492 57.67 41.12 -17.76
C ILE B 492 58.26 42.28 -18.55
N ALA B 493 57.43 43.25 -18.91
CA ALA B 493 57.92 44.45 -19.60
C ALA B 493 58.76 44.12 -20.84
N LEU B 494 58.18 43.38 -21.78
CA LEU B 494 58.83 43.18 -23.08
C LEU B 494 58.55 44.44 -23.89
N SER B 495 59.44 44.79 -24.81
CA SER B 495 59.10 45.84 -25.82
C SER B 495 57.96 45.37 -26.74
N LYS B 496 57.24 46.33 -27.29
CA LYS B 496 56.17 46.05 -28.26
C LYS B 496 56.66 45.11 -29.38
N THR B 497 57.77 45.44 -30.03
CA THR B 497 58.35 44.56 -31.05
C THR B 497 58.73 43.15 -30.53
N ASP B 498 59.39 43.08 -29.37
CA ASP B 498 59.73 41.75 -28.81
C ASP B 498 58.49 40.92 -28.41
N SER B 499 57.49 41.62 -27.89
CA SER B 499 56.23 41.05 -27.45
C SER B 499 55.57 40.18 -28.51
N ARG B 500 55.51 40.66 -29.76
CA ARG B 500 54.75 39.98 -30.81
C ARG B 500 55.63 39.25 -31.80
N LYS B 501 56.85 38.88 -31.41
CA LYS B 501 57.74 38.19 -32.37
C LYS B 501 57.17 36.84 -32.85
N TYR B 502 56.51 36.12 -31.94
CA TYR B 502 55.91 34.83 -32.25
C TYR B 502 54.42 34.86 -32.54
N GLU B 503 53.91 36.06 -32.76
CA GLU B 503 52.50 36.27 -33.09
C GLU B 503 52.05 35.37 -34.26
N ASN B 504 52.76 35.39 -35.39
CA ASN B 504 52.31 34.61 -36.53
C ASN B 504 52.39 33.11 -36.23
N ALA B 505 53.45 32.70 -35.55
CA ALA B 505 53.69 31.32 -35.18
C ALA B 505 52.62 30.81 -34.22
N VAL B 506 52.18 31.65 -33.29
CA VAL B 506 51.19 31.21 -32.32
C VAL B 506 49.82 31.05 -33.03
N TRP B 507 49.44 32.05 -33.82
CA TRP B 507 48.12 31.98 -34.54
C TRP B 507 48.15 30.81 -35.57
N ASP B 508 49.28 30.58 -36.25
CA ASP B 508 49.41 29.42 -37.19
C ASP B 508 49.10 28.09 -36.48
N GLN B 509 49.66 27.91 -35.28
CA GLN B 509 49.44 26.67 -34.51
C GLN B 509 48.10 26.59 -33.73
N TYR B 510 47.61 27.71 -33.27
CA TYR B 510 46.57 27.67 -32.25
C TYR B 510 45.28 28.43 -32.59
N LYS B 511 45.18 28.94 -33.82
CA LYS B 511 43.97 29.61 -34.30
C LYS B 511 42.65 28.95 -33.90
N ASP B 512 42.56 27.61 -34.00
CA ASP B 512 41.28 26.93 -33.65
C ASP B 512 40.80 27.11 -32.20
N LEU B 513 41.67 27.58 -31.31
CA LEU B 513 41.30 27.72 -29.90
C LEU B 513 40.51 28.99 -29.62
N CYS B 514 40.50 29.96 -30.54
CA CYS B 514 39.66 31.13 -30.32
C CYS B 514 39.05 31.65 -31.62
N HIS B 515 37.72 31.75 -31.62
CA HIS B 515 37.04 32.26 -32.81
C HIS B 515 36.33 33.62 -32.61
N MET B 516 36.75 34.36 -31.57
CA MET B 516 35.96 35.52 -31.10
C MET B 516 36.34 36.81 -31.84
N HIS B 517 37.53 36.80 -32.42
CA HIS B 517 38.08 37.99 -33.10
C HIS B 517 37.71 38.06 -34.57
N THR B 518 36.66 38.83 -34.90
CA THR B 518 36.10 38.84 -36.25
C THR B 518 36.29 40.18 -36.97
N GLY B 519 36.37 41.27 -36.22
CA GLY B 519 36.44 42.63 -36.79
C GLY B 519 37.84 42.99 -37.27
N VAL B 520 37.96 43.86 -38.27
CA VAL B 520 39.30 44.30 -38.60
C VAL B 520 39.78 45.32 -37.59
N VAL B 521 41.04 45.18 -37.26
CA VAL B 521 41.70 45.99 -36.24
C VAL B 521 42.77 46.82 -36.94
N VAL B 522 42.88 48.09 -36.56
CA VAL B 522 43.81 49.01 -37.18
C VAL B 522 44.79 49.59 -36.15
N GLU B 523 45.89 50.11 -36.67
CA GLU B 523 46.83 50.90 -35.90
C GLU B 523 47.18 52.17 -36.72
N LYS B 524 47.33 53.31 -36.04
CA LYS B 524 47.70 54.59 -36.68
C LYS B 524 49.16 54.60 -37.14
N LYS B 525 49.39 55.01 -38.39
CA LYS B 525 50.74 54.96 -38.98
C LYS B 525 51.59 56.20 -38.69
N LYS B 530 46.39 54.69 -41.46
CA LYS B 530 46.07 53.51 -40.62
C LYS B 530 46.40 52.22 -41.38
N GLU B 531 46.89 51.20 -40.68
CA GLU B 531 47.07 49.89 -41.31
C GLU B 531 46.38 48.78 -40.51
N GLU B 532 45.95 47.76 -41.24
CA GLU B 532 45.30 46.61 -40.63
C GLU B 532 46.35 45.78 -39.89
N ILE B 533 46.02 45.36 -38.67
CA ILE B 533 46.88 44.47 -37.91
C ILE B 533 46.05 43.29 -37.40
N THR B 534 46.75 42.28 -36.91
CA THR B 534 46.10 41.13 -36.36
C THR B 534 45.50 41.49 -35.02
N PRO B 535 44.22 41.15 -34.81
CA PRO B 535 43.57 41.34 -33.51
C PRO B 535 44.31 40.73 -32.30
N HIS B 536 44.12 41.33 -31.12
CA HIS B 536 44.72 40.88 -29.88
C HIS B 536 43.71 40.00 -29.18
N CYS B 537 44.17 38.80 -28.84
CA CYS B 537 43.42 37.77 -28.10
C CYS B 537 44.22 37.61 -26.81
N ALA B 538 43.54 37.63 -25.65
CA ALA B 538 44.10 37.29 -24.37
C ALA B 538 44.89 35.99 -24.35
N LEU B 539 44.32 34.96 -24.95
CA LEU B 539 44.92 33.64 -24.94
C LEU B 539 46.16 33.59 -25.82
N MET B 540 46.03 33.98 -27.07
CA MET B 540 47.22 34.00 -27.95
C MET B 540 48.30 34.89 -27.38
N ASP B 541 47.91 36.04 -26.81
CA ASP B 541 48.91 36.90 -26.13
C ASP B 541 49.66 36.18 -25.00
N CYS B 542 48.96 35.45 -24.11
CA CYS B 542 49.72 34.67 -23.11
C CYS B 542 50.78 33.75 -23.76
N ILE B 543 50.35 33.00 -24.75
CA ILE B 543 51.20 32.04 -25.46
C ILE B 543 52.34 32.74 -26.21
N MET B 544 52.08 33.81 -26.96
CA MET B 544 53.21 34.48 -27.63
C MET B 544 54.18 35.20 -26.69
N PHE B 545 53.67 35.73 -25.57
CA PHE B 545 54.51 36.41 -24.62
C PHE B 545 55.48 35.40 -23.95
N ASP B 546 54.94 34.26 -23.54
CA ASP B 546 55.74 33.15 -23.04
C ASP B 546 56.79 32.65 -24.05
N ALA B 547 56.37 32.43 -25.29
CA ALA B 547 57.33 32.08 -26.34
C ALA B 547 58.48 33.10 -26.53
N ALA B 548 58.16 34.40 -26.45
CA ALA B 548 59.15 35.49 -26.53
C ALA B 548 60.16 35.47 -25.37
N VAL B 549 59.66 35.19 -24.17
CA VAL B 549 60.49 35.05 -22.96
C VAL B 549 61.37 33.80 -23.05
N SER B 550 60.78 32.71 -23.52
CA SER B 550 61.47 31.43 -23.62
C SER B 550 62.43 31.32 -24.82
N GLY B 551 62.25 32.20 -25.80
CA GLY B 551 63.06 32.17 -27.01
C GLY B 551 62.64 31.09 -28.01
N GLY B 552 61.35 30.75 -28.01
CA GLY B 552 60.84 29.81 -29.01
C GLY B 552 59.47 29.28 -28.70
N LEU B 553 58.80 28.81 -29.75
CA LEU B 553 57.51 28.17 -29.58
C LEU B 553 57.59 26.67 -29.88
N ASN B 554 57.27 25.84 -28.89
CA ASN B 554 57.13 24.40 -29.11
C ASN B 554 55.79 24.04 -29.77
N THR B 555 55.76 22.89 -30.47
CA THR B 555 54.53 22.31 -31.04
C THR B 555 53.79 21.45 -30.00
N SER B 556 53.17 22.10 -29.01
CA SER B 556 52.49 21.36 -27.94
C SER B 556 50.96 21.38 -28.07
N VAL B 557 50.33 20.22 -27.85
CA VAL B 557 48.88 20.15 -27.66
C VAL B 557 48.49 20.85 -26.34
N LEU B 558 47.52 21.74 -26.41
CA LEU B 558 47.11 22.49 -25.22
C LEU B 558 45.84 21.90 -24.66
N ARG B 559 45.58 22.10 -23.36
CA ARG B 559 44.44 21.45 -22.71
C ARG B 559 43.54 22.52 -22.08
N ALA B 560 42.29 22.58 -22.50
CA ALA B 560 41.42 23.63 -21.97
C ALA B 560 40.97 23.27 -20.55
N VAL B 561 41.14 24.21 -19.61
CA VAL B 561 40.68 23.99 -18.22
C VAL B 561 39.15 24.02 -18.06
N LEU B 562 38.50 25.03 -18.62
CA LEU B 562 37.05 25.12 -18.62
C LEU B 562 36.40 24.27 -19.70
N PRO B 563 35.31 23.55 -19.37
CA PRO B 563 34.48 22.91 -20.40
C PRO B 563 33.83 23.97 -21.30
N ARG B 564 33.72 23.72 -22.62
CA ARG B 564 33.04 24.65 -23.53
C ARG B 564 31.61 24.96 -23.08
N ASP B 565 30.99 23.97 -22.46
CA ASP B 565 29.63 24.05 -21.95
C ASP B 565 29.49 25.01 -20.79
N MET B 566 30.60 25.47 -20.26
CA MET B 566 30.54 26.45 -19.18
C MET B 566 30.86 27.84 -19.71
N VAL B 567 31.69 27.92 -20.76
CA VAL B 567 32.09 29.22 -21.29
C VAL B 567 30.91 29.92 -21.98
N PHE B 568 30.14 29.10 -22.68
CA PHE B 568 28.92 29.58 -23.34
C PHE B 568 27.71 28.97 -22.66
N ARG B 569 26.57 29.64 -22.73
CA ARG B 569 25.37 29.08 -22.12
C ARG B 569 24.55 28.28 -23.11
N LYS C 16 -19.62 9.94 -21.99
CA LYS C 16 -19.42 11.33 -21.51
C LYS C 16 -20.72 11.88 -20.94
N SER C 17 -20.56 12.95 -20.18
CA SER C 17 -21.67 13.51 -19.46
C SER C 17 -22.65 14.19 -20.43
N PHE C 18 -22.13 14.88 -21.45
CA PHE C 18 -23.03 15.48 -22.41
C PHE C 18 -23.83 14.46 -23.21
N LEU C 19 -23.24 13.29 -23.49
CA LEU C 19 -23.95 12.17 -24.08
C LEU C 19 -25.17 11.80 -23.21
N TRP C 20 -24.94 11.71 -21.90
CA TRP C 20 -25.98 11.32 -20.96
C TRP C 20 -27.06 12.40 -20.93
N THR C 21 -26.62 13.66 -20.91
CA THR C 21 -27.53 14.82 -20.97
C THR C 21 -28.42 14.80 -22.22
N GLN C 22 -27.81 14.54 -23.39
CA GLN C 22 -28.52 14.40 -24.67
C GLN C 22 -29.59 13.31 -24.63
N SER C 23 -29.24 12.13 -24.13
CA SER C 23 -30.25 11.07 -23.99
C SER C 23 -31.40 11.41 -23.05
N LEU C 24 -31.08 12.07 -21.94
CA LEU C 24 -32.10 12.48 -20.96
C LEU C 24 -33.02 13.51 -21.56
N ARG C 25 -32.45 14.45 -22.33
CA ARG C 25 -33.25 15.41 -23.07
C ARG C 25 -34.24 14.72 -24.03
N ARG C 26 -33.78 13.74 -24.80
CA ARG C 26 -34.66 13.02 -25.74
C ARG C 26 -35.84 12.36 -24.98
N GLU C 27 -35.51 11.69 -23.88
CA GLU C 27 -36.48 10.85 -23.18
C GLU C 27 -37.44 11.64 -22.27
N LEU C 28 -37.04 12.81 -21.83
CA LEU C 28 -37.85 13.60 -20.88
C LEU C 28 -38.55 14.79 -21.52
N SER C 29 -38.46 14.87 -22.85
CA SER C 29 -38.83 16.09 -23.57
C SER C 29 -40.29 16.49 -23.33
N GLY C 30 -41.15 15.49 -23.09
CA GLY C 30 -42.56 15.74 -22.78
C GLY C 30 -42.81 16.44 -21.45
N TYR C 31 -41.80 16.46 -20.56
CA TYR C 31 -41.90 17.14 -19.26
C TYR C 31 -41.28 18.52 -19.23
N CYS C 32 -40.63 18.90 -20.33
CA CYS C 32 -40.05 20.20 -20.48
C CYS C 32 -41.12 21.21 -20.85
N SER C 33 -40.95 22.46 -20.47
CA SER C 33 -41.85 23.53 -20.92
C SER C 33 -41.10 24.83 -21.19
N ASN C 34 -41.73 25.78 -21.86
CA ASN C 34 -41.08 27.06 -22.05
C ASN C 34 -41.37 27.88 -20.82
N ILE C 35 -40.33 28.38 -20.17
CA ILE C 35 -40.56 29.11 -18.92
C ILE C 35 -39.87 30.48 -18.91
N LYS C 36 -39.47 30.94 -20.09
CA LYS C 36 -38.67 32.17 -20.19
C LYS C 36 -39.46 33.31 -19.56
N LEU C 37 -40.76 33.40 -19.87
CA LEU C 37 -41.58 34.50 -19.39
C LEU C 37 -41.66 34.52 -17.86
N GLN C 38 -41.80 33.35 -17.23
CA GLN C 38 -41.82 33.29 -15.79
C GLN C 38 -40.43 33.63 -15.20
N VAL C 39 -39.35 33.20 -15.87
CA VAL C 39 -37.96 33.50 -15.38
C VAL C 39 -37.68 35.01 -15.41
N VAL C 40 -38.05 35.68 -16.49
CA VAL C 40 -37.84 37.11 -16.58
C VAL C 40 -38.70 37.85 -15.57
N LYS C 41 -39.95 37.41 -15.40
CA LYS C 41 -40.85 38.00 -14.41
C LYS C 41 -40.25 37.95 -13.00
N ASP C 42 -39.74 36.78 -12.65
CA ASP C 42 -39.03 36.63 -11.36
C ASP C 42 -37.81 37.52 -11.23
N ALA C 43 -36.97 37.56 -12.27
CA ALA C 43 -35.81 38.44 -12.25
C ALA C 43 -36.25 39.91 -12.12
N GLN C 44 -37.38 40.28 -12.72
CA GLN C 44 -37.92 41.64 -12.63
C GLN C 44 -38.42 41.90 -11.21
N ALA C 45 -39.02 40.90 -10.57
CA ALA C 45 -39.42 41.01 -9.15
C ALA C 45 -38.21 41.25 -8.20
N LEU C 46 -37.08 40.61 -8.49
CA LEU C 46 -35.85 40.79 -7.69
C LEU C 46 -35.27 42.18 -7.90
N LEU C 47 -35.12 42.58 -9.16
CA LEU C 47 -34.65 43.89 -9.53
C LEU C 47 -35.48 44.98 -8.88
N HIS C 48 -36.81 44.78 -8.79
CA HIS C 48 -37.65 45.78 -8.15
C HIS C 48 -37.66 45.66 -6.61
N GLY C 49 -37.40 44.48 -6.07
CA GLY C 49 -37.55 44.21 -4.64
C GLY C 49 -36.31 43.93 -3.76
N LEU C 50 -35.23 43.45 -4.36
CA LEU C 50 -34.10 42.92 -3.58
C LEU C 50 -33.06 43.98 -3.32
N ASP C 51 -32.39 43.88 -2.18
CA ASP C 51 -31.28 44.77 -1.83
C ASP C 51 -29.98 44.19 -2.35
N PHE C 52 -29.44 44.78 -3.40
CA PHE C 52 -28.33 44.16 -4.06
C PHE C 52 -27.04 44.53 -3.33
N SER C 53 -27.09 45.50 -2.42
CA SER C 53 -25.98 45.75 -1.47
C SER C 53 -25.85 44.56 -0.51
N GLU C 54 -26.97 43.91 -0.25
CA GLU C 54 -26.95 42.76 0.63
C GLU C 54 -26.51 41.54 -0.17
N VAL C 55 -26.82 41.53 -1.48
CA VAL C 55 -26.28 40.49 -2.35
C VAL C 55 -24.75 40.67 -2.41
N SER C 56 -24.28 41.91 -2.62
CA SER C 56 -22.84 42.18 -2.51
C SER C 56 -22.24 41.72 -1.18
N ASN C 57 -23.01 41.84 -0.10
CA ASN C 57 -22.54 41.45 1.24
C ASN C 57 -22.40 39.93 1.37
N VAL C 58 -23.34 39.19 0.81
CA VAL C 58 -23.26 37.73 0.84
C VAL C 58 -22.15 37.17 -0.09
N GLN C 59 -21.89 37.84 -1.20
CA GLN C 59 -20.70 37.56 -2.01
C GLN C 59 -19.40 37.82 -1.22
N ARG C 60 -19.39 38.87 -0.39
CA ARG C 60 -18.21 39.17 0.43
C ARG C 60 -17.93 38.05 1.44
N LEU C 61 -19.02 37.60 2.05
CA LEU C 61 -19.02 36.53 3.05
C LEU C 61 -18.60 35.17 2.43
N MET C 62 -19.05 34.90 1.22
CA MET C 62 -18.61 33.69 0.49
C MET C 62 -17.12 33.71 0.08
N ARG C 63 -16.53 34.91 -0.07
CA ARG C 63 -15.08 35.07 -0.29
C ARG C 63 -14.25 34.75 0.95
N LYS C 64 -14.87 34.76 2.13
CA LYS C 64 -14.13 34.40 3.33
C LYS C 64 -13.75 32.91 3.26
N GLU C 65 -12.53 32.58 3.63
CA GLU C 65 -12.09 31.17 3.66
C GLU C 65 -12.74 30.38 4.80
N ARG C 66 -13.10 31.09 5.87
CA ARG C 66 -13.70 30.50 7.04
C ARG C 66 -14.91 31.34 7.46
N ARG C 67 -16.06 30.68 7.61
CA ARG C 67 -17.32 31.36 7.88
C ARG C 67 -18.04 30.78 9.10
N ASP C 68 -18.85 31.63 9.76
CA ASP C 68 -19.48 31.19 11.02
C ASP C 68 -21.01 31.31 10.98
N ASP C 69 -21.67 31.13 12.12
CA ASP C 69 -23.13 31.21 12.22
C ASP C 69 -23.71 32.60 11.92
N ASN C 70 -22.98 33.65 12.20
CA ASN C 70 -23.43 35.00 11.77
C ASN C 70 -23.43 35.14 10.24
N ASP C 71 -22.41 34.59 9.60
CA ASP C 71 -22.37 34.50 8.11
C ASP C 71 -23.52 33.70 7.55
N LEU C 72 -23.79 32.54 8.16
CA LEU C 72 -24.89 31.68 7.73
C LEU C 72 -26.24 32.39 7.84
N LYS C 73 -26.45 33.11 8.93
CA LYS C 73 -27.72 33.80 9.12
C LYS C 73 -27.94 34.81 8.00
N ARG C 74 -26.90 35.57 7.67
CA ARG C 74 -26.94 36.48 6.53
C ARG C 74 -27.35 35.80 5.23
N LEU C 75 -26.71 34.68 4.92
CA LEU C 75 -27.11 33.93 3.71
C LEU C 75 -28.55 33.43 3.76
N ARG C 76 -28.93 32.78 4.85
CA ARG C 76 -30.29 32.26 4.97
C ARG C 76 -31.35 33.37 4.95
N ASP C 77 -31.04 34.54 5.54
CA ASP C 77 -31.98 35.68 5.48
C ASP C 77 -32.13 36.24 4.07
N LEU C 78 -31.00 36.42 3.37
CA LEU C 78 -31.05 36.81 1.97
C LEU C 78 -31.81 35.81 1.09
N ASN C 79 -31.56 34.50 1.29
CA ASN C 79 -32.27 33.47 0.52
C ASN C 79 -33.78 33.55 0.75
N GLN C 80 -34.16 33.74 2.02
CA GLN C 80 -35.55 33.95 2.43
C GLN C 80 -36.17 35.15 1.72
N ALA C 81 -35.44 36.25 1.68
CA ALA C 81 -35.90 37.43 0.96
C ALA C 81 -36.09 37.16 -0.54
N VAL C 82 -35.19 36.37 -1.14
CA VAL C 82 -35.30 36.01 -2.55
C VAL C 82 -36.56 35.20 -2.81
N ASN C 83 -36.67 34.14 -2.02
CA ASN C 83 -37.75 33.20 -2.07
C ASN C 83 -39.11 33.89 -1.96
N ASN C 84 -39.20 34.84 -1.04
CA ASN C 84 -40.41 35.65 -0.88
C ASN C 84 -40.84 36.38 -2.15
N LEU C 85 -39.87 36.71 -2.99
CA LEU C 85 -40.11 37.54 -4.16
C LEU C 85 -40.44 36.83 -5.48
N VAL C 86 -40.14 35.54 -5.61
CA VAL C 86 -40.28 34.85 -6.91
C VAL C 86 -41.46 33.87 -6.87
N GLU C 87 -41.97 33.52 -8.05
CA GLU C 87 -43.04 32.52 -8.13
C GLU C 87 -42.53 31.11 -8.39
N LEU C 88 -41.43 30.99 -9.15
CA LEU C 88 -40.78 29.69 -9.34
C LEU C 88 -40.05 29.27 -8.08
N LYS C 89 -40.73 28.40 -7.32
CA LYS C 89 -40.29 27.88 -6.03
C LYS C 89 -40.71 26.43 -5.90
N SER C 90 -39.84 25.60 -5.36
CA SER C 90 -40.23 24.23 -4.99
C SER C 90 -40.85 24.22 -3.60
N THR C 91 -41.81 23.31 -3.40
CA THR C 91 -42.53 23.14 -2.15
C THR C 91 -42.12 21.83 -1.46
N GLN C 92 -42.07 21.87 -0.12
CA GLN C 92 -41.85 20.68 0.71
C GLN C 92 -42.84 19.61 0.30
N GLN C 93 -42.33 18.50 -0.21
CA GLN C 93 -43.22 17.47 -0.71
C GLN C 93 -42.52 16.13 -0.66
N LYS C 94 -42.86 15.35 0.35
CA LYS C 94 -42.31 14.01 0.55
C LYS C 94 -42.94 13.06 -0.48
N SER C 95 -42.13 12.13 -1.00
CA SER C 95 -42.54 11.15 -1.97
C SER C 95 -42.23 9.74 -1.50
N ILE C 96 -43.24 8.90 -1.52
CA ILE C 96 -43.01 7.49 -1.18
C ILE C 96 -43.14 6.73 -2.49
N LEU C 97 -42.11 5.99 -2.90
CA LEU C 97 -42.20 5.27 -4.19
C LEU C 97 -42.65 3.83 -3.98
N ARG C 98 -43.80 3.48 -4.56
CA ARG C 98 -44.38 2.13 -4.49
C ARG C 98 -44.49 1.49 -5.86
N VAL C 99 -44.56 0.15 -5.88
CA VAL C 99 -44.75 -0.63 -7.10
C VAL C 99 -45.99 -0.12 -7.84
N GLY C 100 -45.87 0.04 -9.15
CA GLY C 100 -46.93 0.57 -9.97
C GLY C 100 -46.40 0.94 -11.33
N THR C 101 -46.28 2.24 -11.56
CA THR C 101 -45.57 2.79 -12.72
C THR C 101 -44.11 2.31 -12.69
N LEU C 102 -43.50 2.38 -11.52
CA LEU C 102 -42.22 1.70 -11.31
C LEU C 102 -42.44 0.25 -10.89
N THR C 103 -41.71 -0.67 -11.53
CA THR C 103 -41.77 -2.07 -11.19
C THR C 103 -40.94 -2.30 -9.94
N SER C 104 -41.07 -3.49 -9.39
CA SER C 104 -40.34 -3.88 -8.21
C SER C 104 -38.82 -3.73 -8.45
N ASP C 105 -38.35 -4.28 -9.57
CA ASP C 105 -36.93 -4.11 -9.95
C ASP C 105 -36.49 -2.64 -10.10
N ASP C 106 -37.33 -1.82 -10.72
CA ASP C 106 -37.10 -0.36 -10.79
C ASP C 106 -36.84 0.18 -9.40
N LEU C 107 -37.59 -0.31 -8.42
CA LEU C 107 -37.52 0.25 -7.08
C LEU C 107 -36.23 -0.18 -6.40
N LEU C 108 -35.78 -1.40 -6.66
CA LEU C 108 -34.50 -1.88 -6.13
C LEU C 108 -33.35 -1.08 -6.70
N ILE C 109 -33.35 -0.83 -8.02
CA ILE C 109 -32.30 -0.01 -8.66
C ILE C 109 -32.20 1.37 -8.00
N LEU C 110 -33.37 1.95 -7.81
CA LEU C 110 -33.47 3.32 -7.35
C LEU C 110 -33.06 3.46 -5.89
N ALA C 111 -33.44 2.46 -5.10
CA ALA C 111 -33.00 2.32 -3.72
C ALA C 111 -31.48 2.18 -3.62
N ALA C 112 -30.86 1.34 -4.47
CA ALA C 112 -29.39 1.19 -4.50
C ALA C 112 -28.71 2.50 -4.91
N ASP C 113 -29.25 3.15 -5.92
CA ASP C 113 -28.71 4.42 -6.39
C ASP C 113 -28.79 5.58 -5.40
N LEU C 114 -29.93 5.70 -4.72
CA LEU C 114 -30.09 6.73 -3.68
C LEU C 114 -29.09 6.53 -2.51
N GLU C 115 -28.80 5.28 -2.16
CA GLU C 115 -27.80 4.97 -1.13
C GLU C 115 -26.36 5.35 -1.58
N LYS C 116 -26.07 5.09 -2.84
CA LYS C 116 -24.80 5.43 -3.45
C LYS C 116 -24.67 6.96 -3.57
N LEU C 117 -25.75 7.60 -3.95
CA LEU C 117 -25.73 9.04 -4.10
C LEU C 117 -25.61 9.72 -2.74
N LYS C 118 -26.29 9.18 -1.74
CA LYS C 118 -26.14 9.71 -0.38
C LYS C 118 -24.68 9.72 0.06
N SER C 119 -23.97 8.62 -0.17
CA SER C 119 -22.55 8.51 0.15
C SER C 119 -21.70 9.55 -0.60
N LYS C 120 -21.94 9.68 -1.91
CA LYS C 120 -21.16 10.64 -2.70
C LYS C 120 -21.39 12.10 -2.23
N VAL C 121 -22.64 12.42 -1.90
CA VAL C 121 -23.06 13.78 -1.52
C VAL C 121 -22.46 14.14 -0.15
N ILE C 122 -22.58 13.22 0.81
CA ILE C 122 -22.02 13.46 2.15
C ILE C 122 -20.52 13.59 2.06
N ARG C 123 -19.88 12.78 1.23
CA ARG C 123 -18.44 12.87 1.12
C ARG C 123 -17.99 14.17 0.48
N THR C 124 -18.88 14.80 -0.26
CA THR C 124 -18.61 16.03 -0.99
C THR C 124 -18.80 17.25 -0.09
N GLU C 125 -19.92 17.27 0.64
CA GLU C 125 -20.35 18.50 1.33
C GLU C 125 -20.04 18.49 2.84
N ARG C 126 -20.14 17.33 3.48
CA ARG C 126 -19.99 17.29 4.93
C ARG C 126 -18.62 17.78 5.46
N PRO C 127 -17.51 17.50 4.73
CA PRO C 127 -16.22 18.01 5.23
C PRO C 127 -16.06 19.53 5.26
N LEU C 128 -16.83 20.26 4.44
CA LEU C 128 -16.91 21.73 4.55
C LEU C 128 -17.25 22.21 5.97
N SER C 129 -18.02 21.44 6.72
CA SER C 129 -18.37 21.79 8.11
C SER C 129 -17.76 20.87 9.15
N ALA C 130 -17.71 19.56 8.90
CA ALA C 130 -17.12 18.63 9.90
C ALA C 130 -15.62 18.87 10.00
N GLY C 131 -14.96 19.14 8.88
CA GLY C 131 -13.54 19.46 8.87
C GLY C 131 -12.66 18.25 8.54
N VAL C 132 -11.45 18.49 8.03
CA VAL C 132 -10.47 17.42 7.83
C VAL C 132 -9.16 17.81 8.53
N TYR C 133 -8.62 16.91 9.32
CA TYR C 133 -7.35 17.23 10.01
C TYR C 133 -6.20 17.22 8.99
N MET C 134 -5.42 18.30 8.97
CA MET C 134 -4.26 18.44 8.07
C MET C 134 -3.03 18.91 8.85
N GLY C 135 -2.85 18.44 10.08
CA GLY C 135 -1.73 18.86 10.90
C GLY C 135 -0.60 17.86 10.83
N ASN C 136 -0.24 17.29 11.96
CA ASN C 136 0.92 16.42 12.02
C ASN C 136 0.60 15.01 11.51
N LEU C 137 0.87 14.79 10.22
CA LEU C 137 0.59 13.50 9.54
C LEU C 137 1.71 13.20 8.57
N SER C 138 1.83 11.93 8.17
CA SER C 138 2.86 11.58 7.17
C SER C 138 2.60 12.29 5.85
N SER C 139 3.67 12.37 5.07
CA SER C 139 3.62 12.81 3.69
C SER C 139 2.49 12.17 2.89
N GLN C 140 2.30 10.87 3.09
CA GLN C 140 1.35 10.08 2.32
C GLN C 140 -0.10 10.40 2.67
N GLN C 141 -0.36 10.69 3.95
CA GLN C 141 -1.66 11.09 4.46
C GLN C 141 -2.02 12.48 3.94
N LEU C 142 -1.10 13.42 4.07
CA LEU C 142 -1.31 14.77 3.60
C LEU C 142 -1.61 14.81 2.09
N ASP C 143 -0.89 13.99 1.31
CA ASP C 143 -1.16 13.90 -0.14
C ASP C 143 -2.57 13.37 -0.45
N GLN C 144 -2.99 12.34 0.27
CA GLN C 144 -4.29 11.72 0.09
C GLN C 144 -5.40 12.68 0.51
N ARG C 145 -5.20 13.34 1.65
CA ARG C 145 -6.18 14.32 2.12
C ARG C 145 -6.26 15.57 1.24
N ARG C 146 -5.11 16.09 0.78
CA ARG C 146 -5.08 17.22 -0.16
C ARG C 146 -5.88 16.91 -1.45
N ALA C 147 -5.68 15.72 -2.00
CA ALA C 147 -6.41 15.19 -3.17
C ALA C 147 -7.93 15.21 -3.01
N LEU C 148 -8.43 14.70 -1.89
CA LEU C 148 -9.83 14.84 -1.51
C LEU C 148 -10.27 16.32 -1.41
N LEU C 149 -9.53 17.12 -0.66
CA LEU C 149 -9.90 18.52 -0.53
C LEU C 149 -9.94 19.24 -1.88
N ASN C 150 -9.05 18.83 -2.79
CA ASN C 150 -9.07 19.44 -4.12
C ASN C 150 -10.27 19.00 -4.93
N MET C 151 -10.58 17.71 -4.86
CA MET C 151 -11.80 17.12 -5.44
C MET C 151 -13.12 17.80 -5.04
N ILE C 152 -13.22 18.23 -3.79
CA ILE C 152 -14.48 18.80 -3.29
C ILE C 152 -14.44 20.31 -3.24
N GLY C 153 -13.34 20.91 -3.70
CA GLY C 153 -13.28 22.37 -3.82
C GLY C 153 -12.85 23.11 -2.56
N MET C 154 -12.42 22.36 -1.54
CA MET C 154 -11.81 22.97 -0.36
C MET C 154 -10.33 23.20 -0.63
N ASP C 166 -6.01 23.94 16.44
CA ASP C 166 -6.20 24.01 14.97
C ASP C 166 -5.64 22.77 14.27
N GLY C 167 -5.08 22.95 13.08
CA GLY C 167 -4.68 21.84 12.20
C GLY C 167 -5.82 21.23 11.37
N VAL C 168 -7.05 21.57 11.68
CA VAL C 168 -8.25 21.03 10.99
C VAL C 168 -8.77 22.05 9.99
N VAL C 169 -8.87 21.70 8.70
CA VAL C 169 -9.36 22.62 7.67
C VAL C 169 -10.90 22.46 7.61
N ARG C 170 -11.64 23.57 7.82
CA ARG C 170 -13.10 23.58 7.58
C ARG C 170 -13.54 24.97 7.17
N VAL C 171 -14.53 25.01 6.30
CA VAL C 171 -15.07 26.22 5.72
C VAL C 171 -16.18 26.81 6.61
N TRP C 172 -17.04 25.95 7.16
CA TRP C 172 -18.17 26.40 7.97
C TRP C 172 -18.04 25.92 9.43
N ASP C 173 -17.98 26.87 10.35
CA ASP C 173 -17.92 26.58 11.77
C ASP C 173 -19.26 27.01 12.34
N VAL C 174 -20.17 26.04 12.46
CA VAL C 174 -21.55 26.34 12.82
C VAL C 174 -22.09 25.31 13.78
N LYS C 175 -23.11 25.71 14.52
CA LYS C 175 -23.65 24.88 15.60
C LYS C 175 -24.48 23.74 15.02
N ASN C 176 -25.25 24.07 13.99
CA ASN C 176 -26.17 23.13 13.33
C ASN C 176 -25.93 23.16 11.82
N ALA C 177 -25.18 22.19 11.31
CA ALA C 177 -24.81 22.15 9.88
C ALA C 177 -25.99 21.81 8.95
N GLU C 178 -27.09 21.29 9.52
CA GLU C 178 -28.32 21.06 8.74
C GLU C 178 -28.90 22.37 8.21
N LEU C 179 -28.55 23.50 8.85
CA LEU C 179 -28.98 24.80 8.34
C LEU C 179 -28.25 25.22 7.07
N LEU C 180 -27.23 24.43 6.73
CA LEU C 180 -26.57 24.56 5.43
C LEU C 180 -27.32 23.94 4.26
N ASN C 181 -28.24 23.00 4.53
CA ASN C 181 -28.98 22.27 3.48
C ASN C 181 -29.85 23.17 2.59
N ASN C 182 -29.58 23.10 1.29
CA ASN C 182 -30.33 23.76 0.25
C ASN C 182 -30.13 25.25 0.28
N GLN C 183 -29.00 25.73 0.79
CA GLN C 183 -28.79 27.18 0.84
C GLN C 183 -27.92 27.76 -0.31
N PHE C 184 -27.42 26.90 -1.20
CA PHE C 184 -26.37 27.29 -2.20
C PHE C 184 -26.71 27.09 -3.70
N GLY C 185 -27.94 26.68 -3.99
CA GLY C 185 -28.37 26.49 -5.36
C GLY C 185 -28.44 27.76 -6.19
N THR C 186 -28.16 27.60 -7.48
CA THR C 186 -28.30 28.70 -8.44
C THR C 186 -29.71 28.70 -9.01
N MET C 187 -30.21 29.88 -9.34
CA MET C 187 -31.58 30.01 -9.83
C MET C 187 -31.49 31.01 -10.98
N PRO C 188 -32.08 30.68 -12.13
CA PRO C 188 -31.98 31.56 -13.30
C PRO C 188 -32.48 32.99 -13.08
N SER C 189 -33.61 33.18 -12.41
CA SER C 189 -34.06 34.56 -12.17
C SER C 189 -33.06 35.41 -11.35
N LEU C 190 -32.43 34.79 -10.39
CA LEU C 190 -31.45 35.49 -9.55
C LEU C 190 -30.20 35.83 -10.34
N THR C 191 -29.70 34.85 -11.11
CA THR C 191 -28.50 35.04 -11.92
C THR C 191 -28.81 36.20 -12.90
N LEU C 192 -30.00 36.19 -13.47
CA LEU C 192 -30.40 37.22 -14.41
C LEU C 192 -30.54 38.57 -13.75
N ALA C 193 -31.19 38.61 -12.60
CA ALA C 193 -31.29 39.87 -11.84
C ALA C 193 -29.91 40.43 -11.41
N CYS C 194 -29.03 39.54 -10.94
CA CYS C 194 -27.70 39.97 -10.47
C CYS C 194 -26.76 40.50 -11.58
N LEU C 195 -26.71 39.79 -12.69
CA LEU C 195 -26.02 40.29 -13.87
C LEU C 195 -26.50 41.66 -14.30
N THR C 196 -27.81 41.79 -14.50
CA THR C 196 -28.40 43.10 -14.82
C THR C 196 -27.99 44.24 -13.85
N LYS C 197 -28.27 44.07 -12.57
CA LYS C 197 -28.05 45.17 -11.59
C LYS C 197 -26.58 45.37 -11.28
N GLN C 198 -25.84 44.28 -11.07
CA GLN C 198 -24.47 44.38 -10.55
C GLN C 198 -23.50 44.57 -11.71
N GLY C 199 -23.93 44.18 -12.90
CA GLY C 199 -23.13 44.41 -14.12
C GLY C 199 -23.48 45.72 -14.81
N GLN C 200 -24.50 46.38 -14.28
CA GLN C 200 -24.98 47.67 -14.78
C GLN C 200 -25.23 47.71 -16.31
N VAL C 201 -26.03 46.72 -16.77
CA VAL C 201 -26.60 46.67 -18.13
C VAL C 201 -28.15 46.58 -18.10
N ASP C 202 -28.79 46.82 -19.23
CA ASP C 202 -30.23 46.61 -19.37
C ASP C 202 -30.52 45.10 -19.24
N LEU C 203 -31.61 44.76 -18.56
CA LEU C 203 -32.13 43.38 -18.54
C LEU C 203 -32.07 42.69 -19.90
N ASN C 204 -32.54 43.38 -20.95
CA ASN C 204 -32.54 42.79 -22.32
C ASN C 204 -31.14 42.39 -22.82
N ASP C 205 -30.13 43.20 -22.54
CA ASP C 205 -28.71 42.81 -22.77
C ASP C 205 -28.28 41.49 -22.11
N ALA C 206 -28.65 41.31 -20.84
CA ALA C 206 -28.36 40.06 -20.12
C ALA C 206 -29.16 38.89 -20.71
N VAL C 207 -30.42 39.15 -20.99
CA VAL C 207 -31.30 38.13 -21.61
C VAL C 207 -30.71 37.60 -22.92
N GLN C 208 -30.21 38.49 -23.77
CA GLN C 208 -29.75 38.13 -25.11
C GLN C 208 -28.39 37.41 -25.05
N ALA C 209 -27.55 37.88 -24.14
CA ALA C 209 -26.32 37.22 -23.79
C ALA C 209 -26.50 35.76 -23.32
N LEU C 210 -27.41 35.55 -22.36
CA LEU C 210 -27.72 34.18 -21.91
C LEU C 210 -28.47 33.33 -22.98
N THR C 211 -29.34 33.95 -23.76
CA THR C 211 -29.92 33.27 -24.91
C THR C 211 -28.84 32.66 -25.82
N ASP C 212 -27.79 33.43 -26.15
CA ASP C 212 -26.70 32.94 -27.02
C ASP C 212 -25.93 31.81 -26.39
N LEU C 213 -25.70 31.90 -25.09
CA LEU C 213 -25.12 30.80 -24.33
C LEU C 213 -26.03 29.56 -24.35
N GLY C 214 -27.33 29.76 -24.13
CA GLY C 214 -28.30 28.66 -24.23
C GLY C 214 -28.28 27.98 -25.59
N LEU C 215 -28.23 28.78 -26.65
CA LEU C 215 -28.07 28.19 -28.01
C LEU C 215 -26.89 27.24 -28.17
N ILE C 216 -25.75 27.63 -27.63
CA ILE C 216 -24.56 26.78 -27.69
C ILE C 216 -24.80 25.47 -26.97
N TYR C 217 -25.52 25.56 -25.85
CA TYR C 217 -25.84 24.41 -24.99
C TYR C 217 -26.75 23.37 -25.61
N THR C 218 -27.46 23.72 -26.69
CA THR C 218 -28.28 22.74 -27.40
C THR C 218 -27.39 21.65 -28.03
N ALA C 219 -26.15 22.01 -28.29
CA ALA C 219 -25.22 21.12 -29.01
C ALA C 219 -23.97 20.68 -28.23
N LYS C 220 -23.56 21.43 -27.20
CA LYS C 220 -22.34 21.08 -26.44
C LYS C 220 -22.42 21.73 -25.07
N TYR C 221 -21.62 21.27 -24.12
CA TYR C 221 -21.45 22.04 -22.89
C TYR C 221 -20.52 23.23 -23.19
N PRO C 222 -20.95 24.45 -22.84
CA PRO C 222 -20.10 25.57 -23.26
C PRO C 222 -18.80 25.55 -22.49
N ASN C 223 -17.70 25.80 -23.19
CA ASN C 223 -16.39 25.82 -22.54
C ASN C 223 -15.84 27.24 -22.54
N THR C 224 -14.61 27.40 -22.05
CA THR C 224 -14.05 28.74 -21.88
C THR C 224 -13.89 29.51 -23.20
N SER C 225 -13.56 28.78 -24.27
CA SER C 225 -13.40 29.43 -25.55
C SER C 225 -14.77 29.92 -26.06
N ASP C 226 -15.82 29.12 -25.90
CA ASP C 226 -17.19 29.57 -26.18
C ASP C 226 -17.52 30.83 -25.38
N LEU C 227 -17.22 30.83 -24.08
CA LEU C 227 -17.51 32.00 -23.26
C LEU C 227 -16.68 33.21 -23.69
N ASP C 228 -15.38 32.97 -23.92
CA ASP C 228 -14.46 34.03 -24.41
C ASP C 228 -14.96 34.63 -25.72
N ARG C 229 -15.31 33.78 -26.69
CA ARG C 229 -15.90 34.26 -27.94
C ARG C 229 -17.15 35.11 -27.74
N LEU C 230 -18.12 34.61 -26.95
CA LEU C 230 -19.37 35.35 -26.69
C LEU C 230 -19.21 36.72 -26.02
N THR C 231 -18.18 36.87 -25.17
CA THR C 231 -17.96 38.10 -24.40
C THR C 231 -17.58 39.27 -25.33
N GLN C 232 -16.98 38.93 -26.46
CA GLN C 232 -16.63 39.93 -27.45
C GLN C 232 -17.86 40.56 -28.13
N SER C 233 -18.97 39.83 -28.20
CA SER C 233 -20.23 40.45 -28.59
C SER C 233 -21.14 40.83 -27.38
N HIS C 234 -20.93 40.16 -26.24
CA HIS C 234 -21.68 40.44 -25.00
C HIS C 234 -20.81 40.73 -23.77
N PRO C 235 -20.43 42.01 -23.58
CA PRO C 235 -19.61 42.49 -22.49
C PRO C 235 -20.05 41.99 -21.10
N ILE C 236 -21.36 41.82 -20.92
CA ILE C 236 -21.88 41.40 -19.62
C ILE C 236 -21.33 40.06 -19.19
N LEU C 237 -21.01 39.21 -20.18
CA LEU C 237 -20.57 37.83 -19.92
C LEU C 237 -19.18 37.73 -19.34
N ASN C 238 -18.42 38.81 -19.36
CA ASN C 238 -17.14 38.74 -18.65
C ASN C 238 -17.27 38.80 -17.12
N MET C 239 -18.51 38.82 -16.62
CA MET C 239 -18.74 38.68 -15.19
C MET C 239 -18.61 37.20 -14.79
N ILE C 240 -18.57 36.30 -15.76
CA ILE C 240 -18.57 34.86 -15.41
C ILE C 240 -17.15 34.29 -15.17
N ASP C 241 -16.99 33.54 -14.09
CA ASP C 241 -15.76 32.77 -13.85
C ASP C 241 -15.87 31.39 -14.50
N THR C 242 -14.78 30.91 -15.12
CA THR C 242 -14.75 29.55 -15.71
C THR C 242 -14.10 28.49 -14.79
N LYS C 243 -13.61 28.92 -13.64
CA LYS C 243 -13.00 28.05 -12.65
C LYS C 243 -13.62 28.27 -11.26
N SER C 245 -16.55 26.37 -9.99
CA SER C 245 -17.56 25.32 -10.27
C SER C 245 -18.72 25.38 -9.28
N SER C 246 -19.61 24.39 -9.39
CA SER C 246 -20.77 24.30 -8.53
C SER C 246 -20.43 23.99 -7.07
N LEU C 247 -19.16 23.78 -6.71
CA LEU C 247 -18.79 23.44 -5.32
C LEU C 247 -18.11 24.63 -4.59
N ASN C 248 -18.49 24.84 -3.33
CA ASN C 248 -18.07 26.03 -2.53
C ASN C 248 -18.43 27.41 -3.18
N ILE C 249 -19.58 27.47 -3.86
CA ILE C 249 -20.21 28.71 -4.33
C ILE C 249 -21.71 28.79 -3.94
N SER C 250 -22.37 29.88 -4.32
CA SER C 250 -23.78 30.09 -4.04
C SER C 250 -24.53 30.57 -5.26
N GLY C 251 -25.83 30.73 -5.12
CA GLY C 251 -26.63 31.39 -6.15
C GLY C 251 -26.28 32.86 -6.43
N TYR C 252 -25.47 33.46 -5.58
CA TYR C 252 -25.07 34.88 -5.78
C TYR C 252 -23.71 34.96 -6.50
N ASN C 253 -23.17 33.80 -6.88
CA ASN C 253 -21.91 33.72 -7.64
C ASN C 253 -22.15 33.51 -9.12
N PHE C 254 -21.22 34.01 -9.95
CA PHE C 254 -21.39 33.96 -11.41
C PHE C 254 -20.55 32.89 -12.07
N SER C 255 -20.90 31.64 -11.79
CA SER C 255 -20.20 30.51 -12.37
C SER C 255 -20.72 30.27 -13.78
N LEU C 256 -19.91 29.60 -14.59
CA LEU C 256 -20.36 29.12 -15.86
C LEU C 256 -21.61 28.27 -15.71
N GLY C 257 -21.63 27.39 -14.69
CA GLY C 257 -22.82 26.56 -14.44
C GLY C 257 -24.13 27.34 -14.30
N ALA C 258 -24.10 28.40 -13.52
CA ALA C 258 -25.29 29.22 -13.30
C ALA C 258 -25.68 29.93 -14.56
N ALA C 259 -24.70 30.42 -15.32
CA ALA C 259 -25.04 31.17 -16.52
C ALA C 259 -25.66 30.26 -17.58
N VAL C 260 -25.09 29.06 -17.73
CA VAL C 260 -25.62 28.07 -18.69
C VAL C 260 -27.04 27.65 -18.30
N LYS C 261 -27.25 27.43 -17.00
CA LYS C 261 -28.59 27.10 -16.55
C LYS C 261 -29.63 28.19 -16.88
N ALA C 262 -29.24 29.44 -16.68
CA ALA C 262 -30.09 30.58 -17.01
C ALA C 262 -30.36 30.59 -18.52
N GLY C 263 -29.30 30.42 -19.32
CA GLY C 263 -29.44 30.36 -20.77
C GLY C 263 -30.35 29.28 -21.31
N ALA C 264 -30.36 28.12 -20.66
CA ALA C 264 -31.25 27.03 -21.02
C ALA C 264 -32.69 27.43 -20.93
N CYS C 265 -33.01 28.35 -20.02
CA CYS C 265 -34.35 28.81 -19.79
C CYS C 265 -34.77 29.89 -20.77
N MET C 266 -33.80 30.47 -21.48
CA MET C 266 -34.10 31.54 -22.43
C MET C 266 -34.56 31.02 -23.81
N LEU C 267 -34.51 29.70 -24.03
CA LEU C 267 -34.81 29.15 -25.38
C LEU C 267 -36.28 28.83 -25.59
N ASP C 268 -36.74 28.91 -26.84
CA ASP C 268 -38.17 28.63 -27.09
C ASP C 268 -38.50 27.16 -26.88
N GLY C 269 -37.66 26.27 -27.40
CA GLY C 269 -37.80 24.82 -27.21
C GLY C 269 -36.46 24.15 -26.99
N GLY C 270 -36.26 23.00 -27.63
CA GLY C 270 -34.98 22.30 -27.55
C GLY C 270 -34.74 21.40 -26.34
N ASN C 271 -35.81 21.05 -25.63
CA ASN C 271 -35.83 19.94 -24.67
C ASN C 271 -34.86 20.08 -23.46
N MET C 272 -34.67 21.30 -23.00
CA MET C 272 -33.71 21.59 -21.93
C MET C 272 -34.17 20.99 -20.62
N LEU C 273 -33.36 20.11 -20.01
CA LEU C 273 -33.75 19.51 -18.73
C LEU C 273 -34.08 20.51 -17.63
N GLU C 274 -33.43 21.67 -17.71
CA GLU C 274 -33.60 22.80 -16.77
C GLU C 274 -35.06 23.27 -16.64
N THR C 275 -35.86 23.07 -17.67
CA THR C 275 -37.28 23.48 -17.63
C THR C 275 -38.28 22.43 -17.17
N ILE C 276 -37.79 21.30 -16.66
CA ILE C 276 -38.68 20.26 -16.18
C ILE C 276 -39.45 20.73 -14.95
N LYS C 277 -40.74 20.41 -14.93
CA LYS C 277 -41.54 20.56 -13.74
C LYS C 277 -41.94 19.15 -13.29
N VAL C 278 -41.90 18.92 -11.99
CA VAL C 278 -42.40 17.67 -11.41
C VAL C 278 -43.61 17.93 -10.51
N SER C 279 -44.58 17.00 -10.51
CA SER C 279 -45.69 17.00 -9.58
C SER C 279 -45.82 15.60 -9.00
N PRO C 280 -46.67 15.41 -7.97
CA PRO C 280 -46.79 13.99 -7.52
C PRO C 280 -47.36 13.01 -8.55
N GLN C 281 -48.00 13.55 -9.58
CA GLN C 281 -48.61 12.74 -10.62
C GLN C 281 -47.61 12.31 -11.69
N THR C 282 -46.53 13.07 -11.86
CA THR C 282 -45.59 12.82 -12.95
C THR C 282 -44.30 12.19 -12.46
N MET C 283 -44.09 12.25 -11.15
CA MET C 283 -42.82 11.89 -10.50
C MET C 283 -42.38 10.47 -10.89
N ASP C 284 -43.25 9.50 -10.66
CA ASP C 284 -42.91 8.11 -10.98
C ASP C 284 -42.56 7.93 -12.47
N GLY C 285 -43.27 8.63 -13.34
CA GLY C 285 -43.06 8.54 -14.80
C GLY C 285 -41.73 9.15 -15.23
N ILE C 286 -41.33 10.24 -14.58
CA ILE C 286 -40.04 10.86 -14.85
C ILE C 286 -38.92 9.92 -14.41
N LEU C 287 -39.06 9.36 -13.22
CA LEU C 287 -38.05 8.42 -12.73
C LEU C 287 -37.95 7.17 -13.60
N LYS C 288 -39.08 6.70 -14.12
CA LYS C 288 -39.13 5.53 -14.98
C LYS C 288 -38.32 5.82 -16.24
N SER C 289 -38.47 7.05 -16.74
CA SER C 289 -37.81 7.48 -17.97
C SER C 289 -36.29 7.63 -17.81
N ILE C 290 -35.89 8.19 -16.67
CA ILE C 290 -34.46 8.28 -16.25
C ILE C 290 -33.88 6.88 -16.20
N LEU C 291 -34.58 5.95 -15.53
CA LEU C 291 -34.12 4.56 -15.46
C LEU C 291 -33.99 3.88 -16.84
N LYS C 292 -34.90 4.20 -17.77
CA LYS C 292 -34.71 3.76 -19.18
C LYS C 292 -33.39 4.27 -19.76
N VAL C 293 -33.04 5.54 -19.48
CA VAL C 293 -31.77 6.07 -19.96
C VAL C 293 -30.57 5.42 -19.26
N LYS C 294 -30.68 5.23 -17.93
CA LYS C 294 -29.65 4.57 -17.13
C LYS C 294 -29.27 3.24 -17.77
N LYS C 295 -30.30 2.43 -18.04
CA LYS C 295 -30.15 1.10 -18.62
C LYS C 295 -29.48 1.15 -20.02
N ALA C 296 -29.94 2.07 -20.84
CA ALA C 296 -29.48 2.23 -22.22
C ALA C 296 -28.02 2.68 -22.33
N LEU C 297 -27.61 3.59 -21.45
CA LEU C 297 -26.30 4.18 -21.58
C LEU C 297 -25.30 3.60 -20.62
N GLY C 298 -25.78 2.79 -19.68
CA GLY C 298 -25.00 2.35 -18.56
C GLY C 298 -24.64 3.51 -17.62
N MET C 299 -25.60 4.37 -17.29
CA MET C 299 -25.34 5.48 -16.39
C MET C 299 -25.14 4.92 -14.98
N PHE C 300 -24.44 5.65 -14.12
CA PHE C 300 -24.20 5.14 -12.78
C PHE C 300 -23.96 6.29 -11.83
N ILE C 301 -24.08 6.01 -10.55
CA ILE C 301 -23.68 6.95 -9.51
C ILE C 301 -22.25 6.60 -9.23
N SER C 302 -21.36 7.59 -9.31
CA SER C 302 -19.92 7.38 -9.07
C SER C 302 -19.63 7.23 -7.57
N ASP C 303 -18.47 6.70 -7.27
CA ASP C 303 -18.02 6.71 -5.87
C ASP C 303 -17.03 7.86 -5.60
N THR C 304 -16.82 8.70 -6.59
CA THR C 304 -15.92 9.83 -6.49
C THR C 304 -16.67 11.01 -5.90
N PRO C 305 -16.13 11.61 -4.82
CA PRO C 305 -16.71 12.85 -4.34
C PRO C 305 -16.42 14.01 -5.32
N GLY C 306 -17.22 15.06 -5.26
CA GLY C 306 -16.97 16.24 -6.09
C GLY C 306 -18.12 16.47 -7.05
N GLU C 307 -17.82 16.88 -8.28
CA GLU C 307 -18.88 17.31 -9.20
C GLU C 307 -19.83 16.17 -9.54
N ARG C 308 -21.11 16.50 -9.63
CA ARG C 308 -22.15 15.55 -10.04
C ARG C 308 -22.15 15.31 -11.56
N ASN C 309 -22.28 14.05 -11.97
CA ASN C 309 -22.50 13.77 -13.38
C ASN C 309 -24.02 13.94 -13.64
N PRO C 310 -24.43 13.90 -14.91
CA PRO C 310 -25.83 14.26 -15.15
C PRO C 310 -26.84 13.35 -14.52
N TYR C 311 -26.50 12.08 -14.27
CA TYR C 311 -27.47 11.13 -13.65
C TYR C 311 -27.54 11.35 -12.14
N GLU C 312 -26.39 11.50 -11.49
CA GLU C 312 -26.39 11.87 -10.11
C GLU C 312 -27.13 13.20 -9.90
N ASN C 313 -26.96 14.14 -10.83
CA ASN C 313 -27.59 15.46 -10.74
C ASN C 313 -29.11 15.41 -10.84
N ILE C 314 -29.63 14.70 -11.84
CA ILE C 314 -31.09 14.72 -12.05
C ILE C 314 -31.80 13.94 -10.95
N LEU C 315 -31.16 12.88 -10.48
CA LEU C 315 -31.74 12.09 -9.44
C LEU C 315 -31.77 12.88 -8.14
N TYR C 316 -30.69 13.58 -7.81
CA TYR C 316 -30.69 14.43 -6.62
C TYR C 316 -31.80 15.48 -6.70
N LYS C 317 -31.89 16.17 -7.84
CA LYS C 317 -32.79 17.31 -7.95
C LYS C 317 -34.26 16.89 -7.95
N ILE C 318 -34.54 15.76 -8.59
CA ILE C 318 -35.93 15.26 -8.62
C ILE C 318 -36.32 14.78 -7.22
N CYS C 319 -35.43 14.03 -6.58
CA CYS C 319 -35.83 13.41 -5.31
C CYS C 319 -35.91 14.39 -4.13
N LEU C 320 -35.43 15.61 -4.30
CA LEU C 320 -35.55 16.64 -3.25
C LEU C 320 -36.99 17.05 -2.98
N SER C 321 -37.83 17.07 -4.01
CA SER C 321 -39.21 17.45 -3.84
C SER C 321 -40.09 16.95 -5.00
N GLY C 322 -41.25 16.40 -4.68
CA GLY C 322 -42.20 15.96 -5.73
C GLY C 322 -43.07 17.10 -6.23
N ASP C 323 -42.67 18.33 -5.95
CA ASP C 323 -43.49 19.47 -6.30
C ASP C 323 -42.68 20.70 -6.49
N GLY C 324 -42.23 20.93 -7.72
CA GLY C 324 -41.44 22.11 -8.03
C GLY C 324 -40.72 21.98 -9.35
N TRP C 325 -39.71 22.83 -9.55
CA TRP C 325 -38.95 22.83 -10.81
C TRP C 325 -37.57 22.50 -10.34
N PRO C 326 -37.22 21.18 -10.36
CA PRO C 326 -36.06 20.59 -9.72
C PRO C 326 -34.74 21.30 -10.00
N TYR C 327 -34.59 21.87 -11.20
CA TYR C 327 -33.32 22.55 -11.55
C TYR C 327 -33.38 24.04 -11.24
N ILE C 328 -34.54 24.66 -11.41
CA ILE C 328 -34.55 26.12 -11.51
C ILE C 328 -35.39 26.90 -10.48
N ALA C 329 -36.15 26.23 -9.65
CA ALA C 329 -36.99 26.96 -8.68
C ALA C 329 -36.15 27.30 -7.49
N SER C 330 -36.63 28.25 -6.69
CA SER C 330 -36.07 28.48 -5.38
C SER C 330 -36.27 27.23 -4.52
N ARG C 331 -35.15 26.70 -4.03
CA ARG C 331 -35.14 25.50 -3.21
C ARG C 331 -34.73 25.82 -1.77
N THR C 332 -34.58 27.09 -1.44
CA THR C 332 -33.92 27.44 -0.16
C THR C 332 -34.84 27.27 1.05
N SER C 333 -36.11 26.98 0.83
CA SER C 333 -37.01 26.72 1.95
C SER C 333 -37.27 25.25 2.18
N ILE C 334 -36.70 24.40 1.32
CA ILE C 334 -36.83 22.96 1.49
C ILE C 334 -35.88 22.52 2.59
N THR C 335 -36.38 21.73 3.52
CA THR C 335 -35.58 21.08 4.52
C THR C 335 -35.37 19.65 4.08
N GLY C 336 -34.33 19.02 4.60
CA GLY C 336 -34.07 17.61 4.28
C GLY C 336 -33.21 17.39 3.06
N ARG C 337 -32.70 16.17 2.92
CA ARG C 337 -31.91 15.76 1.76
C ARG C 337 -32.78 15.00 0.75
N ALA C 338 -32.28 14.82 -0.49
CA ALA C 338 -33.05 14.07 -1.47
C ALA C 338 -33.34 12.61 -1.06
N TRP C 339 -32.45 11.98 -0.29
CA TRP C 339 -32.69 10.59 0.12
C TRP C 339 -33.54 10.47 1.36
N GLU C 340 -33.88 11.62 1.97
CA GLU C 340 -34.87 11.69 3.03
C GLU C 340 -36.25 12.09 2.51
N ASN C 341 -36.32 12.89 1.45
CA ASN C 341 -37.61 13.44 0.92
C ASN C 341 -38.32 12.54 -0.07
N THR C 342 -37.55 11.61 -0.63
CA THR C 342 -38.07 10.57 -1.50
C THR C 342 -37.51 9.25 -0.97
N VAL C 343 -38.42 8.37 -0.58
CA VAL C 343 -38.08 7.06 -0.02
C VAL C 343 -38.82 5.96 -0.79
N VAL C 344 -38.20 4.78 -0.84
CA VAL C 344 -38.70 3.63 -1.57
C VAL C 344 -39.44 2.72 -0.60
N ASP C 345 -40.69 2.42 -0.91
CA ASP C 345 -41.44 1.53 -0.06
C ASP C 345 -41.53 0.15 -0.74
N LEU C 346 -40.61 -0.73 -0.38
CA LEU C 346 -40.68 -2.11 -0.85
C LEU C 346 -40.67 -3.14 0.30
N GLY C 372 -24.69 -5.45 8.00
CA GLY C 372 -23.23 -5.13 7.97
C GLY C 372 -22.82 -4.20 6.81
N LEU C 373 -22.98 -2.90 7.02
CA LEU C 373 -22.43 -1.79 6.17
C LEU C 373 -22.06 -2.02 4.70
N THR C 374 -22.61 -1.21 3.81
CA THR C 374 -22.29 -1.35 2.38
C THR C 374 -20.97 -0.70 2.02
N TYR C 375 -20.46 -1.01 0.82
CA TYR C 375 -19.27 -0.36 0.28
C TYR C 375 -19.34 1.16 0.40
N SER C 376 -20.50 1.73 0.05
CA SER C 376 -20.68 3.19 0.05
C SER C 376 -20.53 3.80 1.46
N GLN C 377 -21.19 3.17 2.42
CA GLN C 377 -21.12 3.58 3.83
C GLN C 377 -19.70 3.48 4.39
N LEU C 378 -18.97 2.41 4.05
CA LEU C 378 -17.55 2.28 4.46
C LEU C 378 -16.67 3.40 3.90
N MET C 379 -16.93 3.81 2.65
CA MET C 379 -16.26 4.98 2.06
C MET C 379 -16.59 6.24 2.87
N THR C 380 -17.86 6.37 3.24
CA THR C 380 -18.28 7.54 4.02
C THR C 380 -17.60 7.54 5.39
N LEU C 381 -17.58 6.36 6.02
CA LEU C 381 -17.02 6.23 7.34
C LEU C 381 -15.50 6.56 7.32
N LYS C 382 -14.77 6.05 6.33
CA LYS C 382 -13.31 6.30 6.21
C LYS C 382 -12.98 7.79 6.08
N ASP C 383 -13.78 8.47 5.29
CA ASP C 383 -13.68 9.93 5.17
C ASP C 383 -14.10 10.70 6.44
N ALA C 384 -15.15 10.25 7.12
CA ALA C 384 -15.58 10.92 8.36
C ALA C 384 -14.43 10.94 9.37
N MET C 385 -13.72 9.83 9.45
CA MET C 385 -12.60 9.64 10.41
C MET C 385 -11.45 10.61 10.18
N LEU C 386 -11.42 11.28 9.02
CA LEU C 386 -10.33 12.23 8.73
C LEU C 386 -10.37 13.48 9.60
N GLN C 387 -11.49 13.63 10.30
CA GLN C 387 -11.69 14.78 11.18
C GLN C 387 -10.80 14.67 12.41
N LEU C 388 -10.45 13.45 12.79
CA LEU C 388 -9.76 13.23 14.06
C LEU C 388 -8.30 13.68 13.94
N ASP C 389 -7.79 14.21 15.05
CA ASP C 389 -6.33 14.39 15.23
C ASP C 389 -5.77 13.12 15.87
N PRO C 390 -5.02 12.31 15.09
CA PRO C 390 -4.43 11.08 15.60
C PRO C 390 -3.48 11.32 16.76
N ASN C 391 -2.97 12.55 16.87
CA ASN C 391 -2.02 12.91 17.95
C ASN C 391 -2.68 13.40 19.24
N ALA C 392 -3.97 13.71 19.18
CA ALA C 392 -4.65 14.37 20.30
C ALA C 392 -5.02 13.37 21.39
N LYS C 393 -5.19 13.87 22.61
CA LYS C 393 -5.73 13.08 23.71
C LYS C 393 -7.10 12.60 23.30
N THR C 394 -7.35 11.30 23.44
CA THR C 394 -8.60 10.66 23.01
C THR C 394 -9.01 9.71 24.12
N TRP C 395 -10.19 9.92 24.69
CA TRP C 395 -10.81 8.95 25.59
C TRP C 395 -11.59 7.91 24.81
N MET C 396 -11.65 6.69 25.35
CA MET C 396 -12.56 5.68 24.88
C MET C 396 -13.26 5.02 26.09
N ASP C 397 -14.49 4.61 25.86
CA ASP C 397 -15.25 3.92 26.88
C ASP C 397 -16.36 3.13 26.21
N ILE C 398 -16.77 2.01 26.84
CA ILE C 398 -17.82 1.16 26.28
C ILE C 398 -18.84 0.80 27.36
N GLU C 399 -20.07 0.51 26.94
CA GLU C 399 -20.98 -0.23 27.78
C GLU C 399 -21.17 -1.63 27.21
N GLY C 400 -21.48 -2.58 28.11
CA GLY C 400 -21.47 -3.99 27.78
C GLY C 400 -20.06 -4.52 27.94
N ARG C 401 -19.91 -5.83 28.00
CA ARG C 401 -18.59 -6.44 28.06
C ARG C 401 -17.81 -6.33 26.72
N PRO C 402 -16.46 -6.34 26.78
CA PRO C 402 -15.66 -6.21 25.56
C PRO C 402 -15.94 -7.25 24.50
N GLU C 403 -16.40 -8.42 24.92
CA GLU C 403 -16.75 -9.48 23.98
C GLU C 403 -18.14 -9.24 23.37
N ASP C 404 -18.96 -8.44 24.07
CA ASP C 404 -20.34 -8.18 23.65
C ASP C 404 -20.78 -6.70 23.86
N PRO C 405 -20.09 -5.74 23.21
CA PRO C 405 -20.39 -4.33 23.55
C PRO C 405 -21.68 -3.79 22.91
N VAL C 406 -22.35 -2.87 23.59
CA VAL C 406 -23.62 -2.34 23.05
C VAL C 406 -23.61 -0.84 22.84
N GLU C 407 -22.66 -0.18 23.47
CA GLU C 407 -22.40 1.23 23.23
C GLU C 407 -20.91 1.54 23.25
N ILE C 408 -20.44 2.25 22.22
CA ILE C 408 -19.03 2.65 22.10
C ILE C 408 -18.92 4.17 21.94
N ALA C 409 -18.01 4.79 22.67
CA ALA C 409 -17.70 6.21 22.47
C ALA C 409 -16.18 6.51 22.55
N LEU C 410 -15.74 7.49 21.75
CA LEU C 410 -14.36 8.00 21.79
C LEU C 410 -14.49 9.50 21.75
N TYR C 411 -13.63 10.23 22.46
CA TYR C 411 -13.80 11.68 22.63
C TYR C 411 -12.47 12.39 22.65
N GLN C 412 -12.34 13.41 21.79
CA GLN C 412 -11.11 14.23 21.73
C GLN C 412 -11.43 15.63 22.30
N PRO C 413 -11.05 15.91 23.55
CA PRO C 413 -11.60 17.18 24.12
C PRO C 413 -11.08 18.49 23.53
N SER C 414 -9.86 18.47 23.01
CA SER C 414 -9.23 19.69 22.51
C SER C 414 -9.99 20.27 21.31
N SER C 415 -10.34 19.38 20.38
CA SER C 415 -11.11 19.72 19.18
C SER C 415 -12.61 19.62 19.41
N GLY C 416 -13.01 18.80 20.39
CA GLY C 416 -14.44 18.59 20.67
C GLY C 416 -15.15 17.49 19.88
N CYS C 417 -14.42 16.66 19.14
CA CYS C 417 -15.17 15.67 18.38
C CYS C 417 -15.33 14.35 19.12
N TYR C 418 -16.40 13.63 18.79
CA TYR C 418 -16.72 12.38 19.46
C TYR C 418 -17.17 11.33 18.45
N ILE C 419 -16.68 10.10 18.60
CA ILE C 419 -17.31 8.99 17.90
C ILE C 419 -18.31 8.36 18.90
N HIS C 420 -19.50 7.96 18.45
CA HIS C 420 -20.52 7.41 19.34
C HIS C 420 -21.55 6.57 18.55
N PHE C 421 -21.72 5.30 18.93
CA PHE C 421 -22.55 4.34 18.20
C PHE C 421 -22.89 3.15 19.07
N PHE C 422 -23.82 2.34 18.57
CA PHE C 422 -24.42 1.23 19.31
C PHE C 422 -24.20 -0.07 18.57
N ARG C 423 -24.45 -1.19 19.26
CA ARG C 423 -24.46 -2.53 18.67
C ARG C 423 -25.48 -3.40 19.45
N GLU C 424 -26.13 -4.33 18.75
CA GLU C 424 -27.06 -5.28 19.37
C GLU C 424 -26.30 -6.36 20.11
N PRO C 425 -26.74 -6.72 21.32
CA PRO C 425 -26.05 -7.76 22.05
C PRO C 425 -26.25 -9.18 21.50
N THR C 426 -25.27 -10.00 21.83
CA THR C 426 -25.30 -11.43 21.51
C THR C 426 -25.91 -12.21 22.65
N ASP C 427 -25.45 -11.94 23.86
CA ASP C 427 -25.89 -12.60 25.07
C ASP C 427 -26.95 -11.76 25.74
N LEU C 428 -28.23 -12.03 25.46
CA LEU C 428 -29.34 -11.22 26.02
C LEU C 428 -29.46 -11.39 27.54
N LYS C 429 -29.05 -12.55 28.04
CA LYS C 429 -29.04 -12.79 29.49
C LYS C 429 -28.08 -11.85 30.27
N GLN C 430 -26.85 -11.67 29.79
CA GLN C 430 -25.94 -10.69 30.43
C GLN C 430 -26.34 -9.23 30.19
N PHE C 431 -26.74 -8.93 28.96
CA PHE C 431 -27.30 -7.61 28.62
C PHE C 431 -28.34 -7.13 29.64
N LYS C 432 -29.25 -8.02 30.07
CA LYS C 432 -30.35 -7.60 30.94
C LYS C 432 -29.85 -7.25 32.32
N GLN C 433 -28.85 -7.97 32.80
CA GLN C 433 -28.11 -7.57 33.98
C GLN C 433 -27.40 -6.22 33.80
N ASP C 434 -26.68 -6.04 32.69
CA ASP C 434 -26.04 -4.75 32.43
C ASP C 434 -27.08 -3.61 32.35
N ALA C 435 -28.27 -3.90 31.82
CA ALA C 435 -29.32 -2.86 31.72
C ALA C 435 -29.80 -2.40 33.09
N LYS C 436 -29.83 -3.32 34.04
CA LYS C 436 -30.34 -3.01 35.39
C LYS C 436 -29.28 -2.38 36.24
N TYR C 437 -28.03 -2.79 36.04
CA TYR C 437 -26.95 -2.34 36.92
C TYR C 437 -26.00 -1.31 36.30
N SER C 438 -26.16 -1.04 35.02
CA SER C 438 -25.24 -0.08 34.38
C SER C 438 -25.90 0.87 33.39
N HIS C 439 -26.33 0.37 32.22
CA HIS C 439 -26.57 1.26 31.09
C HIS C 439 -28.05 1.65 30.84
N GLY C 440 -28.98 0.85 31.38
CA GLY C 440 -30.40 1.17 31.26
C GLY C 440 -30.91 1.15 29.85
N ILE C 441 -30.23 0.42 28.97
CA ILE C 441 -30.71 0.34 27.59
C ILE C 441 -31.78 -0.74 27.42
N ASP C 442 -32.90 -0.38 26.78
CA ASP C 442 -33.95 -1.31 26.32
C ASP C 442 -33.50 -1.94 24.99
N VAL C 443 -33.34 -3.26 24.97
CA VAL C 443 -32.74 -3.97 23.82
C VAL C 443 -33.45 -3.72 22.50
N THR C 444 -34.78 -3.53 22.55
CA THR C 444 -35.57 -3.23 21.36
C THR C 444 -35.22 -1.86 20.74
N ASP C 445 -34.72 -0.92 21.55
CA ASP C 445 -34.17 0.35 21.01
C ASP C 445 -32.84 0.17 20.25
N LEU C 446 -32.21 -0.99 20.35
CA LEU C 446 -30.98 -1.25 19.60
C LEU C 446 -31.27 -1.85 18.24
N PHE C 447 -32.53 -2.28 18.04
CA PHE C 447 -32.91 -2.92 16.79
C PHE C 447 -32.69 -2.02 15.61
N ALA C 448 -33.02 -0.74 15.79
CA ALA C 448 -32.93 0.24 14.72
C ALA C 448 -31.51 0.79 14.48
N THR C 449 -30.54 0.40 15.32
CA THR C 449 -29.14 0.86 15.13
C THR C 449 -28.42 0.16 13.95
N GLN C 450 -27.40 0.84 13.37
CA GLN C 450 -26.65 0.27 12.23
C GLN C 450 -25.65 -0.78 12.72
N PRO C 451 -25.75 -2.02 12.21
CA PRO C 451 -24.81 -3.05 12.62
C PRO C 451 -23.54 -3.00 11.77
N GLY C 452 -22.50 -3.66 12.25
CA GLY C 452 -21.24 -3.69 11.54
C GLY C 452 -20.32 -2.54 11.91
N LEU C 453 -20.81 -1.52 12.62
CA LEU C 453 -19.93 -0.40 12.97
C LEU C 453 -18.77 -0.67 13.92
N THR C 454 -18.89 -1.64 14.82
CA THR C 454 -17.79 -1.94 15.73
C THR C 454 -16.51 -2.27 14.94
N SER C 455 -16.60 -3.26 14.04
CA SER C 455 -15.48 -3.68 13.21
C SER C 455 -14.99 -2.52 12.36
N ALA C 456 -15.91 -1.86 11.67
CA ALA C 456 -15.55 -0.83 10.71
C ALA C 456 -14.88 0.38 11.36
N VAL C 457 -15.37 0.82 12.52
CA VAL C 457 -14.81 2.04 13.15
C VAL C 457 -13.41 1.76 13.69
N ILE C 458 -13.28 0.66 14.40
CA ILE C 458 -12.02 0.24 14.97
C ILE C 458 -10.94 0.00 13.91
N ASP C 459 -11.30 -0.66 12.81
CA ASP C 459 -10.37 -0.82 11.69
C ASP C 459 -9.94 0.51 11.11
N ALA C 460 -10.84 1.50 11.15
CA ALA C 460 -10.61 2.83 10.55
C ALA C 460 -9.92 3.84 11.47
N LEU C 461 -9.66 3.48 12.72
CA LEU C 461 -9.04 4.41 13.66
C LEU C 461 -7.62 4.70 13.20
N PRO C 462 -7.17 5.97 13.31
CA PRO C 462 -5.79 6.35 12.93
C PRO C 462 -4.73 5.45 13.54
N ARG C 463 -3.68 5.20 12.77
CA ARG C 463 -2.55 4.38 13.22
C ARG C 463 -1.82 5.10 14.36
N ASN C 464 -1.30 4.30 15.28
CA ASN C 464 -0.57 4.74 16.46
C ASN C 464 -1.21 5.78 17.39
N MET C 465 -2.54 5.79 17.46
CA MET C 465 -3.23 6.62 18.45
C MET C 465 -2.92 6.21 19.86
N VAL C 466 -2.84 7.20 20.75
CA VAL C 466 -2.83 6.92 22.18
C VAL C 466 -4.24 7.16 22.73
N ILE C 467 -4.77 6.17 23.46
CA ILE C 467 -6.14 6.26 23.95
C ILE C 467 -6.14 6.19 25.46
N THR C 468 -6.80 7.15 26.04
CA THR C 468 -6.96 7.19 27.49
C THR C 468 -8.28 6.57 27.90
N CYS C 469 -8.29 5.81 29.00
CA CYS C 469 -9.52 5.24 29.53
C CYS C 469 -9.53 4.96 31.03
N GLN C 470 -10.74 4.77 31.54
CA GLN C 470 -11.02 4.36 32.90
C GLN C 470 -11.13 2.85 32.97
N GLY C 471 -10.03 2.18 33.27
CA GLY C 471 -10.04 0.73 33.23
C GLY C 471 -9.72 0.35 31.80
N SER C 472 -8.54 -0.22 31.65
CA SER C 472 -7.88 -0.42 30.38
C SER C 472 -8.12 -1.80 29.84
N ASP C 473 -8.36 -2.75 30.75
CA ASP C 473 -8.52 -4.16 30.40
C ASP C 473 -9.64 -4.44 29.39
N ASP C 474 -10.80 -3.82 29.54
CA ASP C 474 -11.87 -4.06 28.55
C ASP C 474 -11.61 -3.46 27.16
N ILE C 475 -11.04 -2.26 27.11
CA ILE C 475 -10.67 -1.62 25.84
C ILE C 475 -9.62 -2.42 25.06
N ARG C 476 -8.58 -2.85 25.76
CA ARG C 476 -7.55 -3.74 25.23
C ARG C 476 -8.13 -4.94 24.48
N LYS C 477 -8.97 -5.70 25.18
CA LYS C 477 -9.61 -6.89 24.61
C LYS C 477 -10.39 -6.59 23.33
N LEU C 478 -11.18 -5.52 23.39
CA LEU C 478 -11.98 -5.11 22.24
C LEU C 478 -11.10 -4.70 21.06
N LEU C 479 -10.05 -3.92 21.33
CA LEU C 479 -9.14 -3.49 20.29
C LEU C 479 -8.37 -4.70 19.74
N GLU C 480 -7.93 -5.56 20.65
CA GLU C 480 -7.25 -6.82 20.32
C GLU C 480 -8.12 -7.65 19.38
N SER C 481 -9.41 -7.69 19.69
CA SER C 481 -10.39 -8.41 18.86
C SER C 481 -10.37 -8.07 17.38
N GLN C 482 -10.06 -6.82 17.05
CA GLN C 482 -10.00 -6.40 15.66
C GLN C 482 -8.54 -6.20 15.26
N GLY C 483 -7.65 -6.83 16.01
CA GLY C 483 -6.22 -6.76 15.77
C GLY C 483 -5.64 -5.37 15.65
N ARG C 484 -6.08 -4.45 16.51
CA ARG C 484 -5.43 -3.14 16.63
C ARG C 484 -4.57 -3.10 17.89
N LYS C 485 -3.32 -3.53 17.78
CA LYS C 485 -2.41 -3.52 18.92
C LYS C 485 -1.47 -2.32 18.94
N ASP C 486 -1.39 -1.64 17.79
CA ASP C 486 -0.61 -0.42 17.63
C ASP C 486 -1.13 0.73 18.49
N ILE C 487 -2.42 0.64 18.85
CA ILE C 487 -3.06 1.67 19.64
C ILE C 487 -2.65 1.49 21.10
N LYS C 488 -1.90 2.49 21.61
CA LYS C 488 -1.39 2.52 22.98
C LYS C 488 -2.47 3.00 23.96
N LEU C 489 -2.59 2.33 25.10
CA LEU C 489 -3.61 2.67 26.09
C LEU C 489 -3.03 3.21 27.39
N ILE C 490 -3.73 4.19 27.96
CA ILE C 490 -3.41 4.80 29.25
C ILE C 490 -4.55 4.56 30.23
N ASP C 491 -4.25 3.89 31.34
CA ASP C 491 -5.26 3.66 32.36
C ASP C 491 -5.25 4.78 33.37
N ILE C 492 -6.34 5.53 33.45
CA ILE C 492 -6.32 6.75 34.24
C ILE C 492 -6.64 6.48 35.73
N ALA C 493 -7.28 5.34 35.97
CA ALA C 493 -7.72 4.88 37.32
C ALA C 493 -8.08 5.99 38.32
N LEU C 494 -9.22 6.62 38.09
CA LEU C 494 -9.83 7.51 39.07
C LEU C 494 -10.59 6.64 40.04
N SER C 495 -10.75 7.09 41.28
CA SER C 495 -11.64 6.42 42.21
C SER C 495 -13.09 6.54 41.71
N LYS C 496 -13.94 5.60 42.13
CA LYS C 496 -15.36 5.67 41.82
C LYS C 496 -15.92 7.06 42.10
N THR C 497 -15.62 7.60 43.28
CA THR C 497 -16.10 8.92 43.69
C THR C 497 -15.58 10.10 42.82
N ASP C 498 -14.27 10.16 42.57
CA ASP C 498 -13.72 11.22 41.72
C ASP C 498 -14.20 11.13 40.25
N SER C 499 -14.30 9.88 39.76
CA SER C 499 -14.90 9.45 38.49
C SER C 499 -16.06 10.34 38.04
N ARG C 500 -17.02 10.54 38.93
CA ARG C 500 -18.35 10.99 38.60
C ARG C 500 -18.65 12.29 39.28
N LYS C 501 -17.63 13.02 39.72
CA LYS C 501 -17.83 14.35 40.32
C LYS C 501 -18.62 15.28 39.40
N TYR C 502 -18.33 15.17 38.12
CA TYR C 502 -18.89 16.04 37.13
C TYR C 502 -20.06 15.43 36.40
N GLU C 503 -20.58 14.34 36.96
CA GLU C 503 -21.56 13.53 36.28
C GLU C 503 -22.78 14.38 35.96
N ASN C 504 -23.28 15.13 36.94
CA ASN C 504 -24.46 15.97 36.74
C ASN C 504 -24.25 17.19 35.80
N ALA C 505 -23.08 17.84 35.92
CA ALA C 505 -22.72 18.92 34.98
C ALA C 505 -22.62 18.42 33.52
N VAL C 506 -22.12 17.21 33.32
CA VAL C 506 -22.03 16.67 31.95
C VAL C 506 -23.42 16.43 31.35
N TRP C 507 -24.27 15.68 32.06
CA TRP C 507 -25.65 15.44 31.66
C TRP C 507 -26.43 16.74 31.50
N ASP C 508 -26.20 17.70 32.39
CA ASP C 508 -26.86 19.02 32.26
C ASP C 508 -26.54 19.70 30.94
N GLN C 509 -25.28 19.60 30.50
CA GLN C 509 -24.90 20.22 29.21
C GLN C 509 -25.17 19.38 27.96
N TYR C 510 -25.08 18.05 28.07
CA TYR C 510 -24.98 17.20 26.87
C TYR C 510 -26.06 16.10 26.71
N LYS C 511 -27.15 16.22 27.45
CA LYS C 511 -28.24 15.22 27.40
C LYS C 511 -28.74 14.93 25.98
N ASP C 512 -28.88 15.97 25.16
CA ASP C 512 -29.42 15.85 23.81
C ASP C 512 -28.53 15.00 22.92
N LEU C 513 -27.32 14.72 23.39
CA LEU C 513 -26.37 13.88 22.67
C LEU C 513 -26.58 12.38 22.76
N CYS C 514 -27.32 11.88 23.76
CA CYS C 514 -27.64 10.46 23.81
C CYS C 514 -29.01 10.18 24.37
N HIS C 515 -29.81 9.51 23.58
CA HIS C 515 -31.21 9.24 24.04
C HIS C 515 -31.48 7.78 24.40
N MET C 516 -30.40 7.02 24.62
CA MET C 516 -30.51 5.56 24.57
C MET C 516 -30.85 4.95 25.92
N HIS C 517 -30.67 5.74 26.97
CA HIS C 517 -30.72 5.23 28.36
C HIS C 517 -32.08 5.54 28.94
N THR C 518 -32.98 4.55 28.92
CA THR C 518 -34.34 4.77 29.33
C THR C 518 -34.72 3.97 30.59
N GLY C 519 -34.02 2.85 30.86
CA GLY C 519 -34.33 1.99 32.01
C GLY C 519 -33.89 2.61 33.34
N VAL C 520 -34.60 2.30 34.43
CA VAL C 520 -34.13 2.71 35.75
C VAL C 520 -32.95 1.80 36.15
N VAL C 521 -31.89 2.44 36.61
CA VAL C 521 -30.67 1.75 36.95
C VAL C 521 -30.52 1.86 38.46
N VAL C 522 -30.01 0.79 39.08
CA VAL C 522 -29.96 0.69 40.54
C VAL C 522 -28.60 0.20 40.99
N GLU C 523 -28.26 0.51 42.23
CA GLU C 523 -27.03 0.07 42.89
C GLU C 523 -27.44 -0.53 44.22
N LYS C 524 -27.00 -1.76 44.46
CA LYS C 524 -27.27 -2.48 45.70
C LYS C 524 -26.60 -1.75 46.84
N LYS C 525 -27.21 -1.78 48.02
CA LYS C 525 -26.67 -1.06 49.17
C LYS C 525 -26.68 -1.92 50.43
N LYS C 530 -31.11 -0.81 48.23
CA LYS C 530 -31.12 -0.56 46.76
C LYS C 530 -31.68 0.83 46.41
N GLU C 531 -30.93 1.58 45.61
CA GLU C 531 -31.28 2.96 45.26
C GLU C 531 -31.05 3.25 43.78
N GLU C 532 -31.95 4.05 43.21
CA GLU C 532 -31.85 4.47 41.81
C GLU C 532 -30.66 5.38 41.58
N ILE C 533 -29.90 5.12 40.52
CA ILE C 533 -28.76 5.95 40.15
C ILE C 533 -28.81 6.32 38.68
N THR C 534 -27.94 7.24 38.26
CA THR C 534 -27.99 7.76 36.90
C THR C 534 -27.39 6.74 35.96
N PRO C 535 -28.11 6.37 34.87
CA PRO C 535 -27.56 5.39 33.93
C PRO C 535 -26.24 5.75 33.34
N HIS C 536 -25.42 4.74 33.00
CA HIS C 536 -24.03 5.01 32.55
C HIS C 536 -24.01 4.98 31.02
N CYS C 537 -23.52 6.06 30.43
CA CYS C 537 -23.52 6.24 28.98
C CYS C 537 -22.05 6.25 28.61
N ALA C 538 -21.62 5.42 27.65
CA ALA C 538 -20.26 5.48 27.16
C ALA C 538 -19.76 6.91 26.83
N LEU C 539 -20.62 7.73 26.25
CA LEU C 539 -20.23 9.08 25.78
C LEU C 539 -20.04 10.02 26.96
N MET C 540 -21.10 10.14 27.77
CA MET C 540 -21.06 10.97 28.98
C MET C 540 -19.89 10.56 29.88
N ASP C 541 -19.60 9.28 29.97
CA ASP C 541 -18.43 8.88 30.75
C ASP C 541 -17.11 9.45 30.24
N CYS C 542 -16.91 9.44 28.93
CA CYS C 542 -15.66 9.95 28.40
C CYS C 542 -15.55 11.41 28.80
N ILE C 543 -16.67 12.12 28.62
CA ILE C 543 -16.75 13.54 28.96
C ILE C 543 -16.52 13.79 30.45
N MET C 544 -17.19 13.05 31.33
CA MET C 544 -16.97 13.32 32.75
C MET C 544 -15.63 12.81 33.27
N PHE C 545 -15.12 11.71 32.71
CA PHE C 545 -13.79 11.25 33.10
C PHE C 545 -12.72 12.30 32.68
N ASP C 546 -12.94 12.94 31.52
CA ASP C 546 -12.08 14.05 31.11
C ASP C 546 -12.14 15.26 32.05
N ALA C 547 -13.35 15.68 32.39
CA ALA C 547 -13.56 16.81 33.33
C ALA C 547 -12.89 16.58 34.69
N ALA C 548 -12.93 15.35 35.18
CA ALA C 548 -12.29 14.99 36.44
C ALA C 548 -10.77 15.10 36.38
N VAL C 549 -10.20 14.80 35.23
CA VAL C 549 -8.75 14.84 35.05
C VAL C 549 -8.33 16.28 34.78
N SER C 550 -9.24 17.06 34.23
CA SER C 550 -8.97 18.45 33.92
C SER C 550 -9.32 19.45 35.04
N GLY C 551 -10.10 19.00 36.01
CA GLY C 551 -10.54 19.83 37.13
C GLY C 551 -11.60 20.87 36.75
N GLY C 552 -12.38 20.58 35.73
CA GLY C 552 -13.47 21.47 35.34
C GLY C 552 -14.12 21.08 34.04
N LEU C 553 -15.28 21.66 33.80
CA LEU C 553 -16.03 21.37 32.60
C LEU C 553 -16.28 22.70 31.88
N ASN C 554 -15.66 22.84 30.71
CA ASN C 554 -15.95 23.94 29.81
C ASN C 554 -17.33 23.80 29.17
N THR C 555 -17.98 24.92 28.92
CA THR C 555 -19.08 24.95 27.96
C THR C 555 -18.44 24.91 26.56
N SER C 556 -18.69 23.81 25.85
CA SER C 556 -18.06 23.58 24.56
C SER C 556 -19.02 22.85 23.64
N VAL C 557 -19.23 23.42 22.46
CA VAL C 557 -19.84 22.73 21.33
C VAL C 557 -19.06 21.48 20.97
N LEU C 558 -19.76 20.34 20.96
CA LEU C 558 -19.17 19.07 20.56
C LEU C 558 -19.52 18.80 19.12
N ARG C 559 -18.70 18.01 18.42
CA ARG C 559 -18.97 17.65 17.04
C ARG C 559 -19.00 16.16 16.87
N ALA C 560 -20.10 15.62 16.34
CA ALA C 560 -20.17 14.20 16.01
C ALA C 560 -19.28 13.88 14.80
N VAL C 561 -18.43 12.87 14.93
CA VAL C 561 -17.64 12.38 13.81
C VAL C 561 -18.51 11.64 12.80
N LEU C 562 -19.36 10.75 13.30
CA LEU C 562 -20.20 9.94 12.44
C LEU C 562 -21.51 10.68 12.08
N PRO C 563 -21.94 10.59 10.81
CA PRO C 563 -23.30 10.99 10.41
C PRO C 563 -24.33 10.21 11.22
N ARG C 564 -25.36 10.90 11.71
CA ARG C 564 -26.52 10.30 12.41
C ARG C 564 -27.19 9.16 11.64
N ASP C 565 -27.38 9.32 10.32
CA ASP C 565 -27.99 8.23 9.52
C ASP C 565 -26.98 7.11 9.21
N MET C 566 -25.78 7.19 9.80
CA MET C 566 -24.87 6.02 9.78
C MET C 566 -24.93 5.21 11.09
N VAL C 567 -25.23 5.89 12.20
CA VAL C 567 -25.50 5.23 13.45
C VAL C 567 -26.80 4.43 13.41
N PHE C 568 -27.84 5.00 12.78
CA PHE C 568 -29.16 4.34 12.70
C PHE C 568 -29.55 3.84 11.32
N ARG C 569 -30.11 2.64 11.35
CA ARG C 569 -30.88 1.98 10.28
C ARG C 569 -30.28 0.61 9.98
#